data_1PGR
#
_entry.id   1PGR
#
_cell.length_a   125.725
_cell.length_b   125.725
_cell.length_c   373.305
_cell.angle_alpha   90.00
_cell.angle_beta   90.00
_cell.angle_gamma   90.00
#
_symmetry.space_group_name_H-M   'P 43 21 2'
#
loop_
_entity.id
_entity.type
_entity.pdbx_description
1 polymer 'PROTEIN (GRANULOCYTE COLONY-STIMULATING FACTOR)'
2 polymer 'PROTEIN (G-CSF RECEPTOR)'
#
loop_
_entity_poly.entity_id
_entity_poly.type
_entity_poly.pdbx_seq_one_letter_code
_entity_poly.pdbx_strand_id
1 'polypeptide(L)'
;MTPLGPASSLPQSFLLKCLEQVRKIQGDGAALQEKLCATYKLCHPEELVLLGHSLGIPWAPLSSCPSQALQLAGCLSQLH
SGLFLYQGLLQALEGISPELGPTLDTLQLDVADFATTIWQQMEELGMAPALQPTQGAMPAFASAFQRRAGGVLVASHLQS
FLEVSYRVLRHLAQP
;
A,C,E,G
2 'polypeptide(L)'
;AGYPPASPSNLSCLMHLTTNSLVCQWEPGPETHLPTSFILKSFRSRADCQYQGDTIPDCVAKKRQNNCSIPRKNLLLYQY
MAIWVQAENMLGSSESPKLCLDPMDVVKLEPPMLQALDIGPDVVSHQPGCLWLSWKPWKPSEYMEQECELRYQPQLKGAN
WTLVFHLPSSKDQFELCGLHQAPVYTLQMRCIRSSLPGFWSPWSPGLQLRPTMKA
;
B,D,F,H
#
# COMPACT_ATOMS: atom_id res chain seq x y z
N ALA A 7 -13.51 54.47 -31.50
CA ALA A 7 -13.86 54.46 -32.95
C ALA A 7 -13.70 55.88 -33.52
N SER A 8 -12.65 56.06 -34.36
CA SER A 8 -12.40 57.39 -34.93
C SER A 8 -12.07 57.29 -36.41
N SER A 9 -12.38 58.36 -37.15
CA SER A 9 -12.08 58.36 -38.59
C SER A 9 -10.61 58.68 -38.85
N LEU A 10 -9.86 58.94 -37.77
CA LEU A 10 -8.43 59.25 -37.90
C LEU A 10 -7.56 58.24 -37.16
N PRO A 11 -6.49 57.78 -37.82
CA PRO A 11 -5.57 56.81 -37.22
C PRO A 11 -4.98 57.49 -36.00
N GLN A 12 -4.83 56.78 -34.90
CA GLN A 12 -4.26 57.39 -33.70
C GLN A 12 -2.81 57.83 -33.93
N SER A 13 -2.09 57.19 -34.84
CA SER A 13 -0.72 57.60 -35.08
C SER A 13 -0.68 58.94 -35.84
N PHE A 14 -1.64 59.17 -36.74
CA PHE A 14 -1.71 60.41 -37.49
C PHE A 14 -1.89 61.53 -36.49
N LEU A 15 -2.88 61.40 -35.61
CA LEU A 15 -3.07 62.44 -34.61
C LEU A 15 -1.83 62.68 -33.75
N LEU A 16 -1.06 61.63 -33.49
CA LEU A 16 0.14 61.78 -32.66
C LEU A 16 1.26 62.50 -33.41
N LYS A 17 1.47 62.13 -34.67
CA LYS A 17 2.47 62.77 -35.49
C LYS A 17 2.08 64.24 -35.63
N CYS A 18 0.78 64.54 -35.79
CA CYS A 18 0.29 65.95 -35.88
C CYS A 18 0.67 66.73 -34.61
N LEU A 19 0.40 66.13 -33.44
CA LEU A 19 0.71 66.76 -32.18
C LEU A 19 2.22 66.98 -32.06
N GLU A 20 3.00 66.10 -32.64
CA GLU A 20 4.43 66.25 -32.56
C GLU A 20 4.88 67.39 -33.46
N GLN A 21 4.15 67.61 -34.55
CA GLN A 21 4.47 68.69 -35.46
C GLN A 21 4.06 70.05 -34.87
N VAL A 22 2.98 70.08 -34.09
CA VAL A 22 2.56 71.34 -33.48
C VAL A 22 3.64 71.75 -32.48
N ARG A 23 4.07 70.83 -31.62
CA ARG A 23 5.12 71.12 -30.66
C ARG A 23 6.39 71.61 -31.33
N LYS A 24 6.76 70.97 -32.44
CA LYS A 24 7.95 71.35 -33.20
C LYS A 24 7.81 72.76 -33.80
N ILE A 25 6.68 73.04 -34.44
CA ILE A 25 6.47 74.36 -35.00
C ILE A 25 6.39 75.40 -33.86
N GLN A 26 5.77 75.04 -32.75
CA GLN A 26 5.68 75.98 -31.64
C GLN A 26 7.05 76.40 -31.13
N GLY A 27 8.05 75.56 -31.29
CA GLY A 27 9.38 75.91 -30.82
C GLY A 27 10.11 76.72 -31.86
N ASP A 28 9.81 76.44 -33.13
CA ASP A 28 10.41 77.15 -34.24
C ASP A 28 9.95 78.61 -34.11
N GLY A 29 8.64 78.80 -34.02
CA GLY A 29 8.08 80.14 -33.90
C GLY A 29 8.62 80.82 -32.65
N ALA A 30 8.81 80.05 -31.60
CA ALA A 30 9.36 80.58 -30.37
C ALA A 30 10.78 81.04 -30.66
N ALA A 31 11.54 80.22 -31.40
CA ALA A 31 12.91 80.58 -31.75
C ALA A 31 12.88 81.89 -32.55
N LEU A 32 11.95 82.01 -33.49
CA LEU A 32 11.78 83.20 -34.31
C LEU A 32 11.44 84.39 -33.43
N GLN A 33 10.44 84.27 -32.59
CA GLN A 33 10.06 85.36 -31.71
C GLN A 33 11.15 85.74 -30.73
N GLU A 34 12.14 84.90 -30.52
CA GLU A 34 13.22 85.26 -29.61
C GLU A 34 14.19 86.12 -30.42
N LYS A 35 14.46 85.69 -31.65
CA LYS A 35 15.36 86.39 -32.55
C LYS A 35 14.91 87.84 -32.77
N LEU A 36 13.65 88.03 -33.18
CA LEU A 36 13.05 89.36 -33.40
C LEU A 36 13.07 90.23 -32.15
N CYS A 37 13.05 89.66 -30.96
CA CYS A 37 13.10 90.49 -29.76
C CYS A 37 14.53 90.76 -29.32
N ALA A 38 15.45 89.88 -29.69
CA ALA A 38 16.85 90.08 -29.30
C ALA A 38 17.56 90.97 -30.29
N THR A 39 17.22 90.80 -31.56
CA THR A 39 17.80 91.57 -32.64
C THR A 39 17.14 92.95 -32.78
N TYR A 40 15.83 93.00 -32.92
CA TYR A 40 15.11 94.24 -33.11
C TYR A 40 14.31 94.72 -31.94
N LYS A 41 14.59 94.25 -30.75
CA LYS A 41 13.80 94.66 -29.59
C LYS A 41 12.30 94.82 -29.83
N LEU A 42 11.73 93.97 -30.68
CA LEU A 42 10.30 93.95 -30.97
C LEU A 42 9.74 92.78 -30.14
N CYS A 43 9.42 93.03 -28.87
CA CYS A 43 8.98 91.95 -27.98
C CYS A 43 7.53 91.75 -27.57
N HIS A 44 6.61 92.65 -27.91
CA HIS A 44 5.23 92.49 -27.47
C HIS A 44 4.31 92.74 -28.64
N PRO A 45 3.89 91.67 -29.30
CA PRO A 45 2.98 91.78 -30.47
C PRO A 45 1.77 92.65 -30.21
N GLU A 46 1.38 92.75 -28.95
CA GLU A 46 0.23 93.55 -28.54
C GLU A 46 0.34 94.95 -29.15
N GLU A 47 1.51 95.54 -28.98
CA GLU A 47 1.81 96.85 -29.49
C GLU A 47 1.49 96.99 -30.98
N LEU A 48 1.63 95.91 -31.73
CA LEU A 48 1.40 95.94 -33.17
C LEU A 48 -0.01 95.58 -33.58
N VAL A 49 -0.91 95.51 -32.62
CA VAL A 49 -2.30 95.16 -32.89
C VAL A 49 -2.96 95.79 -34.14
N LEU A 50 -2.97 97.11 -34.23
CA LEU A 50 -3.59 97.78 -35.36
C LEU A 50 -2.94 97.47 -36.68
N LEU A 51 -1.61 97.31 -36.68
CA LEU A 51 -0.88 96.97 -37.90
C LEU A 51 -1.46 95.71 -38.51
N GLY A 52 -2.16 94.91 -37.71
CA GLY A 52 -2.80 93.71 -38.20
C GLY A 52 -3.72 94.09 -39.35
N HIS A 53 -4.56 95.11 -39.17
CA HIS A 53 -5.48 95.57 -40.23
C HIS A 53 -4.71 96.33 -41.29
N SER A 54 -3.89 97.27 -40.85
CA SER A 54 -3.08 98.10 -41.75
C SER A 54 -2.33 97.31 -42.80
N LEU A 55 -1.73 96.20 -42.36
CA LEU A 55 -0.94 95.31 -43.21
C LEU A 55 -1.78 94.26 -43.93
N GLY A 56 -2.92 93.92 -43.33
CA GLY A 56 -3.79 92.94 -43.95
C GLY A 56 -3.45 91.51 -43.57
N ILE A 57 -3.00 91.29 -42.34
CA ILE A 57 -2.66 89.94 -41.86
C ILE A 57 -3.91 89.06 -41.75
N PRO A 58 -4.10 88.11 -42.70
CA PRO A 58 -5.27 87.23 -42.64
C PRO A 58 -5.12 86.33 -41.42
N TRP A 59 -6.22 86.11 -40.71
CA TRP A 59 -6.19 85.27 -39.53
C TRP A 59 -6.72 83.89 -39.99
N ALA A 60 -6.75 82.92 -39.07
CA ALA A 60 -7.25 81.59 -39.42
C ALA A 60 -8.21 81.03 -38.39
N PRO A 61 -9.42 80.68 -38.82
CA PRO A 61 -10.50 80.11 -38.02
C PRO A 61 -10.35 78.61 -37.83
N LEU A 62 -11.04 78.10 -36.83
CA LEU A 62 -11.04 76.67 -36.56
C LEU A 62 -12.42 76.41 -36.01
N SER A 63 -13.37 77.18 -36.49
CA SER A 63 -14.74 77.08 -36.07
C SER A 63 -15.31 75.68 -36.24
N SER A 64 -14.88 74.98 -37.28
CA SER A 64 -15.36 73.61 -37.51
C SER A 64 -14.73 72.58 -36.57
N CYS A 65 -13.74 72.98 -35.79
CA CYS A 65 -13.06 72.06 -34.89
C CYS A 65 -13.73 71.77 -33.55
N PRO A 66 -14.41 72.77 -32.95
CA PRO A 66 -15.06 72.48 -31.68
C PRO A 66 -16.38 71.81 -32.07
N SER A 67 -16.24 70.74 -32.85
CA SER A 67 -17.33 69.92 -33.38
C SER A 67 -16.65 68.67 -33.98
N GLN A 68 -17.39 67.92 -34.79
CA GLN A 68 -16.85 66.71 -35.44
C GLN A 68 -16.63 65.56 -34.44
N ALA A 69 -16.13 64.43 -34.95
CA ALA A 69 -15.84 63.23 -34.15
C ALA A 69 -15.42 62.08 -35.08
N LEU A 70 -16.42 61.35 -35.57
CA LEU A 70 -16.18 60.27 -36.51
C LEU A 70 -16.31 60.95 -37.88
N GLN A 71 -16.92 62.14 -37.86
CA GLN A 71 -17.09 62.96 -39.05
C GLN A 71 -16.26 64.20 -38.76
N LEU A 72 -15.13 64.36 -39.45
CA LEU A 72 -14.26 65.50 -39.19
C LEU A 72 -13.41 66.02 -40.35
N ALA A 73 -13.97 66.09 -41.55
CA ALA A 73 -13.21 66.58 -42.68
C ALA A 73 -13.21 68.09 -42.62
N GLY A 74 -14.24 68.65 -41.99
CA GLY A 74 -14.36 70.09 -41.87
C GLY A 74 -13.22 70.63 -41.05
N CYS A 75 -12.97 70.01 -39.89
CA CYS A 75 -11.88 70.41 -39.02
C CYS A 75 -10.54 70.16 -39.72
N LEU A 76 -10.42 69.04 -40.42
CA LEU A 76 -9.19 68.74 -41.14
C LEU A 76 -8.92 69.73 -42.26
N SER A 77 -9.96 70.30 -42.83
CA SER A 77 -9.82 71.27 -43.91
C SER A 77 -9.44 72.65 -43.38
N GLN A 78 -9.91 72.98 -42.19
CA GLN A 78 -9.56 74.26 -41.59
C GLN A 78 -8.11 74.20 -41.15
N LEU A 79 -7.73 73.13 -40.46
CA LEU A 79 -6.37 72.94 -40.00
C LEU A 79 -5.41 73.11 -41.18
N HIS A 80 -5.68 72.40 -42.26
CA HIS A 80 -4.81 72.50 -43.41
C HIS A 80 -4.73 73.90 -44.00
N SER A 81 -5.90 74.49 -44.25
CA SER A 81 -5.94 75.81 -44.86
C SER A 81 -5.34 76.87 -43.96
N GLY A 82 -5.50 76.69 -42.65
CA GLY A 82 -4.95 77.61 -41.67
C GLY A 82 -3.45 77.53 -41.75
N LEU A 83 -2.93 76.32 -41.75
CA LEU A 83 -1.49 76.12 -41.82
C LEU A 83 -0.99 76.59 -43.15
N PHE A 84 -1.81 76.37 -44.17
CA PHE A 84 -1.47 76.76 -45.53
C PHE A 84 -1.36 78.27 -45.67
N LEU A 85 -2.15 78.99 -44.87
CA LEU A 85 -2.13 80.43 -44.89
C LEU A 85 -0.86 80.99 -44.25
N TYR A 86 -0.53 80.47 -43.07
CA TYR A 86 0.66 80.96 -42.37
C TYR A 86 1.90 80.60 -43.14
N GLN A 87 1.80 79.57 -43.96
CA GLN A 87 2.94 79.20 -44.76
C GLN A 87 3.11 80.32 -45.80
N GLY A 88 1.99 80.86 -46.28
CA GLY A 88 2.03 81.94 -47.26
C GLY A 88 2.52 83.26 -46.69
N LEU A 89 2.00 83.62 -45.52
CA LEU A 89 2.39 84.88 -44.89
C LEU A 89 3.89 84.89 -44.59
N LEU A 90 4.41 83.79 -44.05
CA LEU A 90 5.82 83.69 -43.73
C LEU A 90 6.65 83.87 -45.01
N GLN A 91 6.20 83.30 -46.13
CA GLN A 91 6.93 83.46 -47.39
C GLN A 91 6.90 84.93 -47.79
N ALA A 92 5.77 85.59 -47.56
CA ALA A 92 5.59 86.99 -47.90
C ALA A 92 6.61 87.90 -47.21
N LEU A 93 7.05 87.53 -46.01
CA LEU A 93 8.00 88.32 -45.25
C LEU A 93 9.39 88.29 -45.87
N GLU A 94 9.51 87.56 -46.97
CA GLU A 94 10.78 87.43 -47.67
C GLU A 94 12.00 87.30 -46.77
N GLY A 95 11.93 86.39 -45.80
CA GLY A 95 13.04 86.14 -44.90
C GLY A 95 13.32 87.18 -43.86
N ILE A 96 12.51 88.25 -43.88
CA ILE A 96 12.63 89.39 -42.94
C ILE A 96 13.97 90.13 -43.13
N SER A 97 15.07 89.47 -42.81
CA SER A 97 16.38 90.07 -42.94
C SER A 97 17.40 88.94 -42.94
N PRO A 98 18.66 89.24 -43.33
CA PRO A 98 19.70 88.22 -43.36
C PRO A 98 19.91 87.53 -42.02
N GLU A 99 19.87 88.29 -40.92
CA GLU A 99 20.05 87.73 -39.59
C GLU A 99 18.88 86.82 -39.16
N LEU A 100 17.70 87.06 -39.72
CA LEU A 100 16.54 86.25 -39.37
C LEU A 100 16.16 85.25 -40.43
N GLY A 101 16.80 85.39 -41.58
CA GLY A 101 16.52 84.50 -42.69
C GLY A 101 16.51 83.03 -42.32
N PRO A 102 17.59 82.50 -41.72
CA PRO A 102 17.62 81.09 -41.35
C PRO A 102 16.54 80.67 -40.36
N THR A 103 16.30 81.48 -39.34
CA THR A 103 15.27 81.15 -38.37
C THR A 103 13.92 81.11 -39.04
N LEU A 104 13.58 82.16 -39.76
CA LEU A 104 12.30 82.19 -40.43
C LEU A 104 12.20 81.02 -41.43
N ASP A 105 13.29 80.72 -42.13
CA ASP A 105 13.27 79.63 -43.10
C ASP A 105 12.92 78.30 -42.46
N THR A 106 13.51 78.01 -41.31
CA THR A 106 13.24 76.76 -40.60
C THR A 106 11.75 76.67 -40.36
N LEU A 107 11.20 77.73 -39.76
CA LEU A 107 9.79 77.79 -39.45
C LEU A 107 8.87 77.58 -40.65
N GLN A 108 9.16 78.19 -41.80
CA GLN A 108 8.27 78.02 -42.96
C GLN A 108 8.33 76.63 -43.59
N LEU A 109 9.48 75.96 -43.58
CA LEU A 109 9.58 74.59 -44.11
C LEU A 109 8.68 73.72 -43.25
N ASP A 110 8.92 73.73 -41.94
CA ASP A 110 8.12 72.97 -40.98
C ASP A 110 6.64 73.13 -41.14
N VAL A 111 6.20 74.39 -41.28
CA VAL A 111 4.78 74.73 -41.45
C VAL A 111 4.24 74.20 -42.75
N ALA A 112 5.02 74.37 -43.82
CA ALA A 112 4.63 73.89 -45.13
C ALA A 112 4.45 72.38 -45.15
N ASP A 113 5.40 71.65 -44.61
CA ASP A 113 5.34 70.20 -44.59
C ASP A 113 4.17 69.69 -43.71
N PHE A 114 3.84 70.44 -42.66
CA PHE A 114 2.70 70.10 -41.78
C PHE A 114 1.41 70.24 -42.61
N ALA A 115 1.33 71.28 -43.42
CA ALA A 115 0.14 71.43 -44.25
C ALA A 115 0.06 70.24 -45.22
N THR A 116 1.13 70.02 -45.99
CA THR A 116 1.23 68.94 -46.99
C THR A 116 0.73 67.63 -46.41
N THR A 117 1.30 67.31 -45.26
CA THR A 117 1.01 66.14 -44.45
C THR A 117 -0.46 66.00 -44.07
N ILE A 118 -1.14 67.09 -43.74
CA ILE A 118 -2.56 67.01 -43.41
C ILE A 118 -3.34 66.81 -44.69
N TRP A 119 -2.84 67.39 -45.77
CA TRP A 119 -3.52 67.25 -47.04
C TRP A 119 -3.52 65.79 -47.48
N GLN A 120 -2.32 65.24 -47.67
CA GLN A 120 -2.12 63.86 -48.10
C GLN A 120 -2.86 62.84 -47.28
N GLN A 121 -3.06 63.11 -46.00
CA GLN A 121 -3.78 62.20 -45.14
C GLN A 121 -5.26 62.28 -45.53
N MET A 122 -5.78 63.50 -45.72
CA MET A 122 -7.18 63.69 -46.14
C MET A 122 -7.39 62.92 -47.44
N GLU A 123 -6.45 63.06 -48.37
CA GLU A 123 -6.48 62.34 -49.64
C GLU A 123 -6.62 60.87 -49.30
N GLU A 124 -5.61 60.28 -48.64
CA GLU A 124 -5.65 58.87 -48.23
C GLU A 124 -6.99 58.47 -47.64
N LEU A 125 -7.44 59.18 -46.61
CA LEU A 125 -8.70 58.87 -45.95
C LEU A 125 -9.92 59.09 -46.81
N GLY A 126 -9.71 59.63 -48.00
CA GLY A 126 -10.80 59.88 -48.91
C GLY A 126 -11.44 61.24 -48.69
N MET A 127 -11.14 61.88 -47.57
CA MET A 127 -11.72 63.20 -47.24
C MET A 127 -11.43 64.27 -48.30
N ALA A 128 -10.57 63.91 -49.27
CA ALA A 128 -10.19 64.78 -50.37
C ALA A 128 -9.46 66.03 -49.93
N ALA A 137 -4.10 88.45 -52.37
CA ALA A 137 -3.68 87.17 -51.73
C ALA A 137 -2.89 87.47 -50.46
N MET A 138 -1.57 87.48 -50.58
CA MET A 138 -0.72 87.74 -49.43
C MET A 138 -0.46 89.24 -49.28
N PRO A 139 -0.23 89.69 -48.02
CA PRO A 139 0.06 91.08 -47.64
C PRO A 139 1.34 91.59 -48.34
N ALA A 140 1.63 92.87 -48.16
CA ALA A 140 2.80 93.45 -48.81
C ALA A 140 4.10 93.56 -48.03
N PHE A 141 4.03 94.01 -46.76
CA PHE A 141 5.24 94.19 -45.93
C PHE A 141 6.33 94.86 -46.78
N ALA A 142 6.17 96.14 -47.06
CA ALA A 142 7.10 96.87 -47.92
C ALA A 142 8.34 97.58 -47.30
N SER A 143 8.82 97.12 -46.16
CA SER A 143 9.99 97.76 -45.58
C SER A 143 10.58 96.93 -44.45
N ALA A 144 11.80 97.28 -44.06
CA ALA A 144 12.46 96.58 -42.98
C ALA A 144 11.47 96.43 -41.83
N PHE A 145 11.00 97.56 -41.28
CA PHE A 145 10.06 97.57 -40.16
C PHE A 145 8.79 96.81 -40.46
N GLN A 146 8.21 97.01 -41.63
CA GLN A 146 6.97 96.30 -41.93
C GLN A 146 7.20 94.80 -41.94
N ARG A 147 8.35 94.37 -42.44
CA ARG A 147 8.71 92.97 -42.49
C ARG A 147 8.95 92.45 -41.06
N ARG A 148 9.57 93.27 -40.22
CA ARG A 148 9.86 92.92 -38.84
C ARG A 148 8.61 92.88 -38.00
N ALA A 149 7.70 93.83 -38.25
CA ALA A 149 6.44 93.91 -37.52
C ALA A 149 5.54 92.80 -38.03
N GLY A 150 5.44 92.67 -39.36
CA GLY A 150 4.64 91.62 -39.94
C GLY A 150 5.15 90.30 -39.41
N GLY A 151 6.47 90.19 -39.26
CA GLY A 151 7.07 88.97 -38.74
C GLY A 151 6.58 88.66 -37.35
N VAL A 152 6.53 89.69 -36.48
CA VAL A 152 6.07 89.53 -35.10
C VAL A 152 4.59 89.20 -34.98
N LEU A 153 3.78 89.73 -35.88
CA LEU A 153 2.36 89.47 -35.85
C LEU A 153 2.02 88.09 -36.38
N VAL A 154 2.61 87.71 -37.50
CA VAL A 154 2.35 86.38 -38.07
C VAL A 154 2.85 85.32 -37.11
N ALA A 155 4.00 85.53 -36.48
CA ALA A 155 4.47 84.53 -35.52
C ALA A 155 3.45 84.36 -34.39
N SER A 156 2.89 85.46 -33.89
CA SER A 156 1.92 85.36 -32.82
C SER A 156 0.56 84.86 -33.28
N HIS A 157 0.18 85.08 -34.53
CA HIS A 157 -1.10 84.55 -34.96
C HIS A 157 -0.93 83.06 -35.17
N LEU A 158 0.28 82.67 -35.56
CA LEU A 158 0.57 81.26 -35.76
C LEU A 158 0.50 80.61 -34.39
N GLN A 159 1.14 81.20 -33.40
CA GLN A 159 1.09 80.60 -32.09
C GLN A 159 -0.37 80.42 -31.58
N SER A 160 -1.25 81.41 -31.75
CA SER A 160 -2.62 81.23 -31.25
C SER A 160 -3.28 80.10 -31.99
N PHE A 161 -3.10 80.08 -33.29
CA PHE A 161 -3.71 79.05 -34.10
C PHE A 161 -3.29 77.66 -33.62
N LEU A 162 -1.98 77.51 -33.35
CA LEU A 162 -1.43 76.25 -32.91
C LEU A 162 -1.84 75.87 -31.50
N GLU A 163 -2.01 76.86 -30.64
CA GLU A 163 -2.41 76.60 -29.28
C GLU A 163 -3.86 76.07 -29.28
N VAL A 164 -4.68 76.55 -30.22
CA VAL A 164 -6.06 76.09 -30.32
C VAL A 164 -6.04 74.70 -30.97
N SER A 165 -5.22 74.51 -32.01
CA SER A 165 -5.09 73.23 -32.70
C SER A 165 -4.63 72.13 -31.76
N TYR A 166 -3.68 72.47 -30.88
CA TYR A 166 -3.19 71.49 -29.92
C TYR A 166 -4.37 70.89 -29.16
N ARG A 167 -5.29 71.73 -28.71
CA ARG A 167 -6.46 71.26 -27.98
C ARG A 167 -7.32 70.41 -28.91
N VAL A 168 -7.69 70.93 -30.07
CA VAL A 168 -8.52 70.18 -31.01
C VAL A 168 -7.94 68.79 -31.20
N LEU A 169 -6.63 68.72 -31.43
CA LEU A 169 -5.98 67.45 -31.64
C LEU A 169 -5.92 66.60 -30.38
N ARG A 170 -5.52 67.16 -29.25
CA ARG A 170 -5.48 66.34 -28.05
C ARG A 170 -6.86 65.72 -27.83
N HIS A 171 -7.90 66.50 -28.04
CA HIS A 171 -9.26 66.02 -27.90
C HIS A 171 -9.53 64.87 -28.86
N LEU A 172 -9.15 65.03 -30.11
CA LEU A 172 -9.33 63.99 -31.12
C LEU A 172 -8.56 62.72 -30.77
N ALA A 173 -7.35 62.87 -30.25
CA ALA A 173 -6.50 61.74 -29.90
C ALA A 173 -6.93 61.06 -28.60
N GLN A 174 -7.76 61.73 -27.81
CA GLN A 174 -8.25 61.15 -26.56
C GLN A 174 -9.79 61.10 -26.53
N PRO A 175 -10.40 60.25 -27.37
CA PRO A 175 -11.85 60.14 -27.39
C PRO A 175 -12.30 58.96 -26.53
N ALA B 1 40.50 39.44 -61.78
CA ALA B 1 39.64 39.98 -62.81
C ALA B 1 38.45 40.74 -62.17
N GLY B 2 37.64 41.40 -63.01
CA GLY B 2 36.56 42.21 -62.47
C GLY B 2 35.23 41.45 -62.40
N TYR B 3 34.47 41.76 -61.33
CA TYR B 3 33.13 41.19 -61.20
C TYR B 3 32.07 42.29 -61.22
N PRO B 4 30.84 41.89 -61.61
CA PRO B 4 29.71 42.79 -61.57
C PRO B 4 29.38 43.20 -60.14
N PRO B 5 28.71 44.34 -59.89
CA PRO B 5 28.37 44.72 -58.53
C PRO B 5 27.31 43.80 -57.97
N ALA B 6 27.46 43.45 -56.70
CA ALA B 6 26.49 42.60 -56.00
C ALA B 6 25.43 43.52 -55.41
N SER B 7 24.22 43.01 -55.27
CA SER B 7 23.17 43.81 -54.69
C SER B 7 23.48 44.18 -53.25
N PRO B 8 23.61 45.51 -52.97
CA PRO B 8 23.91 46.09 -51.66
C PRO B 8 22.99 45.57 -50.58
N SER B 9 23.46 45.54 -49.34
CA SER B 9 22.56 45.05 -48.30
C SER B 9 22.77 45.64 -46.93
N ASN B 10 21.85 45.30 -46.04
CA ASN B 10 21.78 45.81 -44.66
C ASN B 10 21.70 47.33 -44.73
N LEU B 11 20.74 47.82 -45.52
CA LEU B 11 20.55 49.26 -45.69
C LEU B 11 19.78 49.80 -44.50
N SER B 12 20.37 50.79 -43.85
CA SER B 12 19.78 51.40 -42.67
C SER B 12 19.89 52.90 -42.79
N CYS B 13 18.93 53.59 -42.22
CA CYS B 13 18.92 55.03 -42.28
C CYS B 13 18.61 55.55 -40.88
N LEU B 14 19.25 56.65 -40.52
CA LEU B 14 19.03 57.29 -39.23
C LEU B 14 18.88 58.76 -39.51
N MET B 15 17.88 59.36 -38.90
CA MET B 15 17.58 60.78 -39.05
C MET B 15 18.36 61.45 -37.96
N HIS B 16 19.32 62.29 -38.33
CA HIS B 16 20.13 62.97 -37.33
C HIS B 16 19.60 64.37 -37.14
N LEU B 17 19.14 64.68 -35.93
CA LEU B 17 18.58 66.01 -35.67
C LEU B 17 19.66 67.08 -35.59
N THR B 18 20.88 66.66 -35.28
CA THR B 18 22.02 67.57 -35.16
C THR B 18 22.28 68.18 -36.53
N THR B 19 22.59 67.32 -37.50
CA THR B 19 22.86 67.76 -38.85
C THR B 19 21.55 67.90 -39.59
N ASN B 20 20.49 67.40 -38.99
CA ASN B 20 19.18 67.50 -39.59
C ASN B 20 19.17 66.90 -41.01
N SER B 21 19.59 65.64 -41.09
CA SER B 21 19.62 64.89 -42.35
C SER B 21 19.47 63.40 -42.09
N LEU B 22 18.92 62.69 -43.08
CA LEU B 22 18.73 61.25 -43.00
C LEU B 22 20.02 60.65 -43.53
N VAL B 23 20.72 59.87 -42.72
CA VAL B 23 21.94 59.28 -43.21
C VAL B 23 21.71 57.79 -43.32
N CYS B 24 21.98 57.26 -44.50
CA CYS B 24 21.77 55.86 -44.80
C CYS B 24 23.10 55.19 -45.04
N GLN B 25 23.19 53.92 -44.72
CA GLN B 25 24.42 53.19 -44.96
C GLN B 25 24.04 51.77 -45.36
N TRP B 26 24.91 51.13 -46.12
CA TRP B 26 24.68 49.77 -46.60
C TRP B 26 26.03 49.06 -46.63
N GLU B 27 25.98 47.78 -46.96
CA GLU B 27 27.15 46.93 -47.08
C GLU B 27 27.16 46.51 -48.56
N PRO B 28 28.20 46.89 -49.31
CA PRO B 28 28.35 46.59 -50.74
C PRO B 28 28.73 45.17 -51.16
N GLY B 29 29.17 44.35 -50.22
CA GLY B 29 29.55 42.98 -50.57
C GLY B 29 30.97 42.86 -51.08
N PRO B 30 31.29 41.76 -51.79
CA PRO B 30 32.60 41.44 -52.35
C PRO B 30 33.19 42.47 -53.25
N GLU B 31 34.51 42.59 -53.19
CA GLU B 31 35.27 43.54 -54.01
C GLU B 31 35.14 43.16 -55.46
N THR B 32 34.70 44.12 -56.29
CA THR B 32 34.50 43.86 -57.73
C THR B 32 35.74 44.08 -58.59
N HIS B 33 36.61 44.98 -58.14
CA HIS B 33 37.84 45.30 -58.85
C HIS B 33 37.67 46.27 -59.97
N LEU B 34 36.45 46.77 -60.13
CA LEU B 34 36.14 47.76 -61.16
C LEU B 34 35.67 49.02 -60.47
N PRO B 35 35.70 50.18 -61.16
CA PRO B 35 35.25 51.45 -60.56
C PRO B 35 33.72 51.35 -60.53
N THR B 36 33.16 50.96 -59.39
CA THR B 36 31.71 50.82 -59.28
C THR B 36 31.19 51.99 -58.49
N SER B 37 29.99 52.45 -58.84
CA SER B 37 29.41 53.60 -58.17
C SER B 37 28.15 53.20 -57.44
N PHE B 38 27.80 54.01 -56.43
CA PHE B 38 26.60 53.80 -55.61
C PHE B 38 25.73 55.03 -55.57
N ILE B 39 24.43 54.82 -55.69
CA ILE B 39 23.47 55.91 -55.65
C ILE B 39 22.29 55.65 -54.73
N LEU B 40 22.12 56.52 -53.77
CA LEU B 40 21.01 56.37 -52.86
C LEU B 40 19.85 56.98 -53.64
N LYS B 41 18.83 56.16 -53.90
CA LYS B 41 17.65 56.59 -54.62
C LYS B 41 16.42 56.45 -53.75
N SER B 42 15.54 57.43 -53.84
CA SER B 42 14.30 57.36 -53.08
C SER B 42 13.19 58.18 -53.72
N PHE B 43 11.97 57.97 -53.25
CA PHE B 43 10.82 58.73 -53.74
C PHE B 43 9.79 58.82 -52.65
N ARG B 44 9.08 59.94 -52.59
CA ARG B 44 8.04 60.11 -51.59
C ARG B 44 7.03 59.02 -51.87
N SER B 45 6.41 58.47 -50.84
CA SER B 45 5.42 57.43 -51.03
C SER B 45 4.43 57.52 -49.87
N ARG B 46 3.85 56.39 -49.49
CA ARG B 46 2.90 56.33 -48.40
C ARG B 46 3.22 55.05 -47.67
N ALA B 47 2.42 54.72 -46.66
CA ALA B 47 2.66 53.50 -45.91
C ALA B 47 2.73 52.33 -46.88
N ASP B 48 3.57 51.35 -46.57
CA ASP B 48 3.77 50.17 -47.41
C ASP B 48 4.44 50.55 -48.73
N CYS B 49 4.87 51.81 -48.83
CA CYS B 49 5.55 52.31 -50.02
C CYS B 49 5.17 51.74 -51.38
N GLN B 50 3.87 51.52 -51.60
CA GLN B 50 3.38 51.03 -52.89
C GLN B 50 3.12 52.22 -53.81
N TYR B 51 2.81 53.36 -53.19
CA TYR B 51 2.51 54.63 -53.87
C TYR B 51 3.74 55.34 -54.41
N GLN B 52 3.73 55.60 -55.71
CA GLN B 52 4.87 56.27 -56.33
C GLN B 52 4.73 57.78 -56.23
N GLY B 53 5.21 58.38 -55.15
CA GLY B 53 5.11 59.82 -54.98
C GLY B 53 6.26 60.54 -55.67
N ASP B 54 6.45 61.81 -55.36
CA ASP B 54 7.51 62.56 -56.00
C ASP B 54 8.88 61.94 -55.81
N THR B 55 9.69 62.01 -56.85
CA THR B 55 11.04 61.50 -56.82
C THR B 55 11.89 62.42 -55.93
N ILE B 56 12.84 61.85 -55.19
CA ILE B 56 13.73 62.64 -54.33
C ILE B 56 15.07 62.59 -55.01
N PRO B 57 15.78 63.72 -55.09
CA PRO B 57 17.11 63.83 -55.73
C PRO B 57 18.11 62.76 -55.32
N ASP B 58 18.76 62.14 -56.31
CA ASP B 58 19.75 61.09 -56.07
C ASP B 58 20.81 61.61 -55.12
N CYS B 59 21.48 60.68 -54.46
CA CYS B 59 22.52 61.01 -53.52
C CYS B 59 23.63 60.05 -53.90
N VAL B 60 24.70 60.56 -54.51
CA VAL B 60 25.80 59.68 -54.90
C VAL B 60 26.82 59.62 -53.80
N ALA B 61 27.17 58.41 -53.41
CA ALA B 61 28.13 58.22 -52.35
C ALA B 61 29.53 58.62 -52.82
N LYS B 62 30.34 59.15 -51.91
CA LYS B 62 31.71 59.53 -52.23
C LYS B 62 32.45 58.20 -52.30
N LYS B 63 33.61 58.17 -52.94
CA LYS B 63 34.37 56.93 -53.02
C LYS B 63 34.69 56.46 -51.61
N ARG B 64 34.69 55.16 -51.39
CA ARG B 64 35.02 54.62 -50.07
C ARG B 64 33.97 54.88 -49.00
N GLN B 65 32.86 55.49 -49.37
CA GLN B 65 31.81 55.77 -48.41
C GLN B 65 30.64 54.84 -48.67
N ASN B 66 30.32 53.98 -47.72
CA ASN B 66 29.19 53.05 -47.90
C ASN B 66 27.97 53.65 -47.21
N ASN B 67 27.79 54.95 -47.45
CA ASN B 67 26.71 55.72 -46.88
C ASN B 67 26.53 56.96 -47.74
N CYS B 68 25.36 57.57 -47.61
CA CYS B 68 24.99 58.76 -48.35
C CYS B 68 23.92 59.44 -47.50
N SER B 69 23.84 60.76 -47.52
CA SER B 69 22.81 61.42 -46.75
C SER B 69 21.90 62.34 -47.57
N ILE B 70 20.64 62.40 -47.11
CA ILE B 70 19.61 63.22 -47.73
C ILE B 70 19.32 64.38 -46.77
N PRO B 71 19.53 65.62 -47.23
CA PRO B 71 19.31 66.85 -46.45
C PRO B 71 17.83 67.08 -46.18
N ARG B 72 17.53 67.69 -45.03
CA ARG B 72 16.16 67.97 -44.63
C ARG B 72 15.38 68.65 -45.73
N LYS B 73 16.07 69.48 -46.50
CA LYS B 73 15.44 70.21 -47.60
C LYS B 73 14.87 69.28 -48.63
N ASN B 74 15.36 68.04 -48.70
CA ASN B 74 14.85 67.06 -49.67
C ASN B 74 13.81 66.10 -49.09
N LEU B 75 13.72 66.08 -47.78
CA LEU B 75 12.80 65.18 -47.10
C LEU B 75 11.45 65.81 -46.81
N LEU B 76 10.42 64.97 -46.78
CA LEU B 76 9.08 65.38 -46.37
C LEU B 76 8.97 64.52 -45.13
N LEU B 77 9.18 65.14 -43.98
CA LEU B 77 9.09 64.44 -42.70
C LEU B 77 7.64 64.10 -42.41
N TYR B 78 7.42 63.01 -41.69
CA TYR B 78 6.10 62.49 -41.32
C TYR B 78 5.24 61.92 -42.44
N GLN B 79 5.91 61.32 -43.43
CA GLN B 79 5.27 60.62 -44.54
C GLN B 79 6.33 59.58 -44.87
N TYR B 80 5.91 58.47 -45.48
CA TYR B 80 6.84 57.40 -45.85
C TYR B 80 7.58 57.71 -47.13
N MET B 81 8.70 57.04 -47.33
CA MET B 81 9.49 57.23 -48.54
C MET B 81 10.19 55.91 -48.77
N ALA B 82 10.39 55.58 -50.04
CA ALA B 82 11.06 54.35 -50.45
C ALA B 82 12.51 54.70 -50.74
N ILE B 83 13.42 53.91 -50.19
CA ILE B 83 14.87 54.11 -50.37
C ILE B 83 15.56 52.80 -50.76
N TRP B 84 16.51 52.91 -51.68
CA TRP B 84 17.28 51.76 -52.12
C TRP B 84 18.60 52.27 -52.66
N VAL B 85 19.57 51.37 -52.74
CA VAL B 85 20.90 51.69 -53.22
C VAL B 85 21.11 50.97 -54.54
N GLN B 86 21.75 51.66 -55.46
CA GLN B 86 22.06 51.06 -56.75
C GLN B 86 23.57 51.12 -56.98
N ALA B 87 24.14 49.95 -57.26
CA ALA B 87 25.57 49.84 -57.50
C ALA B 87 25.71 49.54 -58.97
N GLU B 88 26.82 49.94 -59.56
CA GLU B 88 27.04 49.70 -60.98
C GLU B 88 28.44 49.97 -61.51
N ASN B 89 28.91 49.06 -62.36
CA ASN B 89 30.20 49.21 -63.03
C ASN B 89 30.04 48.67 -64.45
N MET B 90 31.11 48.76 -65.25
CA MET B 90 31.08 48.29 -66.64
C MET B 90 30.51 46.90 -66.86
N LEU B 91 30.61 46.04 -65.85
CA LEU B 91 30.08 44.69 -65.99
C LEU B 91 28.68 44.46 -65.45
N GLY B 92 28.03 45.54 -65.00
CA GLY B 92 26.68 45.39 -64.49
C GLY B 92 26.24 46.39 -63.43
N SER B 93 25.14 46.04 -62.77
CA SER B 93 24.54 46.84 -61.70
C SER B 93 23.52 46.01 -60.92
N SER B 94 23.30 46.39 -59.66
CA SER B 94 22.38 45.70 -58.78
C SER B 94 21.67 46.76 -57.96
N GLU B 95 20.72 46.34 -57.13
CA GLU B 95 19.98 47.27 -56.27
C GLU B 95 19.63 46.59 -54.97
N SER B 96 19.51 47.36 -53.92
CA SER B 96 19.12 46.75 -52.67
C SER B 96 17.62 46.73 -52.68
N PRO B 97 17.01 45.93 -51.83
CA PRO B 97 15.55 45.92 -51.80
C PRO B 97 15.13 47.32 -51.29
N LYS B 98 13.87 47.67 -51.45
CA LYS B 98 13.42 48.98 -51.00
C LYS B 98 13.09 49.00 -49.53
N LEU B 99 13.54 50.07 -48.89
CA LEU B 99 13.31 50.29 -47.48
C LEU B 99 12.16 51.30 -47.45
N CYS B 100 11.19 51.07 -46.58
CA CYS B 100 10.08 51.97 -46.53
C CYS B 100 10.05 52.70 -45.21
N LEU B 101 10.41 53.97 -45.16
CA LEU B 101 10.34 54.66 -43.87
C LEU B 101 9.86 56.10 -43.87
N ASP B 102 9.52 56.57 -42.69
CA ASP B 102 9.12 57.94 -42.46
C ASP B 102 10.38 58.38 -41.72
N PRO B 103 11.15 59.33 -42.26
CA PRO B 103 12.37 59.75 -41.56
C PRO B 103 12.26 59.99 -40.07
N MET B 104 11.11 60.45 -39.61
CA MET B 104 10.94 60.71 -38.20
C MET B 104 10.74 59.46 -37.33
N ASP B 105 10.80 58.28 -37.94
CA ASP B 105 10.63 57.02 -37.22
C ASP B 105 12.01 56.39 -36.96
N VAL B 106 13.04 57.00 -37.52
CA VAL B 106 14.39 56.50 -37.35
C VAL B 106 15.30 57.57 -36.81
N LYS B 108 17.64 59.69 -34.34
CA LYS B 108 18.73 59.27 -33.45
C LYS B 108 18.74 60.17 -32.22
N LEU B 109 18.40 59.59 -31.07
CA LEU B 109 18.36 60.29 -29.78
C LEU B 109 19.64 60.14 -28.97
N GLU B 110 19.91 61.16 -28.16
CA GLU B 110 21.06 61.17 -27.27
C GLU B 110 20.41 61.17 -25.88
N PRO B 111 21.08 60.57 -24.88
CA PRO B 111 20.55 60.48 -23.52
C PRO B 111 20.03 61.75 -22.89
N PRO B 112 19.10 61.62 -21.94
CA PRO B 112 18.55 62.80 -21.29
C PRO B 112 19.62 63.40 -20.37
N MET B 113 19.48 64.67 -20.03
CA MET B 113 20.45 65.33 -19.15
C MET B 113 20.02 65.10 -17.72
N LEU B 114 20.65 64.12 -17.08
CA LEU B 114 20.37 63.73 -15.69
C LEU B 114 21.35 64.34 -14.72
N GLN B 115 20.86 65.06 -13.73
CA GLN B 115 21.73 65.67 -12.75
C GLN B 115 21.24 65.50 -11.32
N ALA B 116 22.18 65.48 -10.40
CA ALA B 116 21.89 65.34 -8.98
C ALA B 116 21.55 66.71 -8.43
N LEU B 117 21.14 66.76 -7.19
CA LEU B 117 20.78 68.02 -6.54
C LEU B 117 21.13 67.84 -5.08
N ASP B 118 21.58 68.90 -4.43
CA ASP B 118 21.84 68.78 -3.01
C ASP B 118 20.58 69.43 -2.43
N ILE B 119 19.50 68.67 -2.45
CA ILE B 119 18.23 69.14 -1.93
C ILE B 119 18.31 69.01 -0.43
N GLY B 120 18.88 67.91 0.00
CA GLY B 120 19.02 67.65 1.43
C GLY B 120 17.67 67.56 2.13
N PRO B 121 17.66 67.03 3.35
CA PRO B 121 16.40 66.93 4.06
C PRO B 121 16.39 68.00 5.16
N ASP B 122 17.41 68.85 5.12
CA ASP B 122 17.62 69.92 6.10
C ASP B 122 17.90 69.27 7.46
N GLN B 127 16.94 62.71 6.73
CA GLN B 127 16.46 61.32 6.71
C GLN B 127 17.57 60.61 5.89
N PRO B 128 17.93 59.35 6.24
CA PRO B 128 18.97 58.58 5.59
C PRO B 128 18.64 57.73 4.34
N GLY B 129 19.65 57.62 3.46
CA GLY B 129 19.52 56.85 2.23
C GLY B 129 18.73 57.49 1.10
N CYS B 130 18.80 58.82 0.97
CA CYS B 130 18.07 59.54 -0.09
C CYS B 130 18.98 60.22 -1.10
N LEU B 131 18.40 60.49 -2.27
CA LEU B 131 19.04 61.18 -3.39
C LEU B 131 17.93 61.97 -4.05
N TRP B 132 18.28 63.10 -4.64
CA TRP B 132 17.29 63.86 -5.34
C TRP B 132 17.91 64.03 -6.70
N LEU B 133 17.14 63.80 -7.76
CA LEU B 133 17.66 63.93 -9.13
C LEU B 133 16.73 64.79 -9.93
N SER B 134 17.22 65.27 -11.06
CA SER B 134 16.42 66.04 -12.01
C SER B 134 16.95 65.68 -13.39
N TRP B 135 16.09 65.76 -14.38
CA TRP B 135 16.51 65.47 -15.74
C TRP B 135 15.65 66.22 -16.76
N LYS B 136 16.26 66.52 -17.90
CA LYS B 136 15.65 67.21 -19.01
C LYS B 136 16.08 66.37 -20.18
N PRO B 137 15.25 66.33 -21.23
CA PRO B 137 15.61 65.54 -22.41
C PRO B 137 16.66 66.23 -23.23
N TRP B 138 17.25 65.47 -24.15
CA TRP B 138 18.25 65.99 -25.04
C TRP B 138 17.56 67.14 -25.80
N LYS B 139 18.08 68.36 -25.63
CA LYS B 139 17.53 69.58 -26.22
C LYS B 139 17.05 69.51 -27.66
N PRO B 140 17.90 69.07 -28.58
CA PRO B 140 17.44 69.00 -29.97
C PRO B 140 16.14 68.20 -30.15
N SER B 141 15.81 67.34 -29.18
CA SER B 141 14.60 66.50 -29.26
C SER B 141 13.47 66.87 -28.30
N GLU B 142 13.57 68.00 -27.60
CA GLU B 142 12.53 68.33 -26.66
C GLU B 142 11.11 68.54 -27.18
N TYR B 143 10.88 68.47 -28.49
CA TYR B 143 9.50 68.64 -28.98
C TYR B 143 8.76 67.31 -29.08
N MET B 144 9.50 66.20 -29.00
CA MET B 144 8.84 64.89 -29.08
C MET B 144 8.64 64.33 -27.67
N GLU B 145 7.43 63.86 -27.36
CA GLU B 145 7.18 63.32 -26.03
C GLU B 145 7.93 62.01 -25.96
N GLN B 146 8.58 61.78 -24.83
CA GLN B 146 9.32 60.55 -24.64
C GLN B 146 9.20 60.08 -23.21
N GLU B 147 9.47 58.80 -23.01
CA GLU B 147 9.42 58.26 -21.67
C GLU B 147 10.81 57.74 -21.38
N CYS B 148 11.17 57.70 -20.10
CA CYS B 148 12.51 57.27 -19.75
C CYS B 148 12.58 56.16 -18.73
N GLU B 149 13.73 55.49 -18.70
CA GLU B 149 14.02 54.44 -17.74
C GLU B 149 15.21 54.91 -16.92
N LEU B 150 15.17 54.70 -15.60
CA LEU B 150 16.29 55.03 -14.73
C LEU B 150 16.77 53.72 -14.16
N ARG B 151 18.08 53.49 -14.09
CA ARG B 151 18.64 52.27 -13.52
C ARG B 151 19.68 52.67 -12.51
N TYR B 152 19.66 52.06 -11.34
CA TYR B 152 20.66 52.39 -10.33
C TYR B 152 21.14 51.15 -9.63
N GLN B 153 22.25 51.26 -8.92
CA GLN B 153 22.79 50.14 -8.18
C GLN B 153 23.82 50.63 -7.21
N PRO B 154 23.98 49.92 -6.09
CA PRO B 154 24.97 50.32 -5.09
C PRO B 154 26.27 49.73 -5.61
N GLN B 155 27.37 50.41 -5.34
CA GLN B 155 28.66 49.92 -5.77
C GLN B 155 29.03 48.77 -4.86
N LEU B 156 28.66 47.55 -5.26
CA LEU B 156 28.89 46.36 -4.48
C LEU B 156 29.41 45.13 -5.23
N LYS B 157 29.28 43.99 -4.56
CA LYS B 157 29.72 42.70 -5.08
C LYS B 157 28.64 42.18 -6.00
N GLY B 158 28.81 42.41 -7.30
CA GLY B 158 27.82 41.96 -8.26
C GLY B 158 26.43 42.48 -7.91
N ALA B 159 26.40 43.78 -7.59
CA ALA B 159 25.16 44.45 -7.27
C ALA B 159 24.48 44.46 -8.61
N ASN B 160 23.16 44.36 -8.62
CA ASN B 160 22.45 44.34 -9.87
C ASN B 160 21.68 45.64 -10.01
N TRP B 161 21.37 46.00 -11.25
CA TRP B 161 20.61 47.21 -11.54
C TRP B 161 19.18 47.14 -11.01
N THR B 162 18.66 48.25 -10.52
CA THR B 162 17.26 48.31 -10.09
C THR B 162 16.69 49.25 -11.10
N LEU B 163 15.53 48.92 -11.65
CA LEU B 163 14.96 49.74 -12.69
C LEU B 163 13.70 50.45 -12.37
N VAL B 164 13.52 51.59 -13.00
CA VAL B 164 12.32 52.40 -12.86
C VAL B 164 11.90 52.72 -14.29
N PHE B 165 10.75 52.18 -14.69
CA PHE B 165 10.25 52.35 -16.05
C PHE B 165 9.15 53.39 -16.20
N HIS B 166 8.88 53.72 -17.47
CA HIS B 166 7.84 54.67 -17.85
C HIS B 166 7.91 55.97 -17.08
N LEU B 167 9.09 56.56 -17.00
CA LEU B 167 9.31 57.83 -16.30
C LEU B 167 9.08 58.98 -17.27
N PRO B 168 8.72 60.15 -16.74
CA PRO B 168 8.49 61.30 -17.63
C PRO B 168 9.85 61.77 -18.18
N SER B 169 9.85 62.50 -19.29
CA SER B 169 11.08 62.97 -19.92
C SER B 169 11.77 64.13 -19.24
N SER B 170 11.05 64.75 -18.30
CA SER B 170 11.57 65.87 -17.51
C SER B 170 11.07 65.72 -16.10
N LYS B 171 11.90 66.06 -15.13
CA LYS B 171 11.53 65.97 -13.73
C LYS B 171 12.41 66.98 -13.03
N ASP B 172 11.79 67.95 -12.37
CA ASP B 172 12.55 68.96 -11.69
C ASP B 172 13.17 68.43 -10.42
N GLN B 173 12.48 67.55 -9.72
CA GLN B 173 13.02 66.99 -8.48
C GLN B 173 12.45 65.62 -8.37
N PHE B 174 13.29 64.61 -8.17
CA PHE B 174 12.82 63.25 -8.07
C PHE B 174 13.54 62.64 -6.87
N GLU B 175 12.77 62.31 -5.84
CA GLU B 175 13.32 61.72 -4.63
C GLU B 175 13.42 60.23 -4.77
N LEU B 176 14.55 59.71 -4.35
CA LEU B 176 14.80 58.29 -4.41
C LEU B 176 15.42 58.05 -3.04
N CYS B 177 14.72 57.31 -2.18
CA CYS B 177 15.20 57.04 -0.83
C CYS B 177 15.29 55.56 -0.55
N GLY B 178 15.80 55.24 0.64
CA GLY B 178 15.93 53.85 1.01
C GLY B 178 17.12 53.20 0.34
N LEU B 179 18.06 54.01 -0.12
CA LEU B 179 19.25 53.49 -0.76
C LEU B 179 20.23 53.26 0.38
N HIS B 180 20.25 52.04 0.93
CA HIS B 180 21.12 51.74 2.07
C HIS B 180 22.28 50.80 1.88
N GLN B 181 22.30 50.03 0.79
CA GLN B 181 23.38 49.06 0.56
C GLN B 181 24.79 49.54 0.33
N ALA B 182 25.02 50.84 0.26
CA ALA B 182 26.37 51.33 0.03
C ALA B 182 26.36 52.82 0.14
N PRO B 183 27.55 53.41 0.27
CA PRO B 183 27.68 54.87 0.37
C PRO B 183 27.62 55.57 -0.97
N VAL B 184 27.80 54.81 -2.05
CA VAL B 184 27.78 55.42 -3.35
C VAL B 184 26.98 54.55 -4.31
N TYR B 185 26.11 55.20 -5.08
CA TYR B 185 25.29 54.51 -6.07
C TYR B 185 25.64 55.06 -7.44
N THR B 186 25.28 54.31 -8.47
CA THR B 186 25.49 54.72 -9.85
C THR B 186 24.15 54.79 -10.58
N LEU B 187 23.76 55.96 -11.06
CA LEU B 187 22.49 56.09 -11.75
C LEU B 187 22.67 56.44 -13.20
N GLN B 188 21.76 55.96 -14.03
CA GLN B 188 21.79 56.24 -15.48
C GLN B 188 20.39 56.28 -15.99
N MET B 189 20.15 57.07 -17.02
CA MET B 189 18.82 57.19 -17.57
C MET B 189 18.90 57.17 -19.06
N ARG B 190 17.87 56.65 -19.72
CA ARG B 190 17.82 56.63 -21.18
C ARG B 190 16.39 56.94 -21.57
N CYS B 191 16.14 57.44 -22.78
CA CYS B 191 14.78 57.77 -23.17
C CYS B 191 14.43 57.22 -24.53
N ILE B 192 13.15 57.16 -24.82
CA ILE B 192 12.67 56.69 -26.12
C ILE B 192 11.40 57.45 -26.51
N ARG B 193 11.17 57.61 -27.81
CA ARG B 193 9.99 58.31 -28.30
C ARG B 193 8.77 57.57 -27.84
N SER B 194 7.86 58.33 -27.25
CA SER B 194 6.65 57.79 -26.69
C SER B 194 5.53 57.60 -27.68
N SER B 195 4.98 56.39 -27.70
CA SER B 195 3.85 56.05 -28.56
C SER B 195 4.08 56.02 -30.05
N LEU B 196 5.28 56.34 -30.51
CA LEU B 196 5.52 56.30 -31.96
C LEU B 196 6.86 55.61 -32.23
N PRO B 197 7.09 55.20 -33.47
CA PRO B 197 8.37 54.53 -33.72
C PRO B 197 9.62 55.33 -33.33
N GLY B 198 10.56 54.66 -32.69
CA GLY B 198 11.81 55.28 -32.32
C GLY B 198 12.67 54.29 -31.56
N PHE B 199 13.97 54.54 -31.49
CA PHE B 199 14.85 53.64 -30.76
C PHE B 199 15.27 54.27 -29.43
N TRP B 200 15.66 53.45 -28.46
CA TRP B 200 16.11 53.96 -27.16
C TRP B 200 17.38 54.70 -27.43
N SER B 201 17.66 55.72 -26.62
CA SER B 201 18.91 56.46 -26.76
C SER B 201 19.93 55.67 -25.97
N PRO B 202 21.20 56.06 -26.09
CA PRO B 202 22.11 55.26 -25.27
C PRO B 202 21.92 55.75 -23.81
N TRP B 203 22.39 54.99 -22.83
CA TRP B 203 22.23 55.41 -21.43
C TRP B 203 23.13 56.62 -21.16
N SER B 204 22.64 57.59 -20.41
CA SER B 204 23.48 58.73 -20.06
C SER B 204 24.67 58.15 -19.26
N PRO B 205 25.81 58.85 -19.23
CA PRO B 205 26.99 58.37 -18.49
C PRO B 205 26.67 58.29 -17.01
N GLY B 206 27.10 57.22 -16.37
CA GLY B 206 26.77 57.01 -14.97
C GLY B 206 27.16 58.05 -13.94
N LEU B 207 26.20 58.44 -13.11
CA LEU B 207 26.43 59.38 -12.01
C LEU B 207 26.83 58.54 -10.81
N GLN B 208 27.66 59.07 -9.93
CA GLN B 208 28.10 58.40 -8.72
C GLN B 208 27.59 59.33 -7.64
N LEU B 209 26.56 58.93 -6.90
CA LEU B 209 26.02 59.80 -5.87
C LEU B 209 26.07 59.14 -4.51
N ARG B 210 26.12 59.96 -3.48
CA ARG B 210 26.14 59.45 -2.14
C ARG B 210 24.78 59.73 -1.52
N PRO B 211 24.05 58.70 -1.10
CA PRO B 211 22.75 58.99 -0.50
C PRO B 211 23.05 59.70 0.83
N THR B 212 22.01 60.13 1.54
CA THR B 212 22.20 60.82 2.80
C THR B 212 22.78 59.96 3.89
N MET B 213 23.53 60.60 4.80
CA MET B 213 24.17 59.98 5.98
C MET B 213 25.50 59.24 5.73
N SER C 8 7.34 53.54 -12.80
CA SER C 8 6.88 52.16 -12.46
C SER C 8 8.01 51.11 -12.43
N SER C 9 7.83 50.11 -11.59
CA SER C 9 8.77 49.03 -11.38
C SER C 9 8.72 47.93 -12.42
N LEU C 10 7.57 47.81 -13.10
CA LEU C 10 7.38 46.78 -14.11
C LEU C 10 7.18 47.33 -15.51
N PRO C 11 7.75 46.66 -16.52
CA PRO C 11 7.70 46.96 -17.95
C PRO C 11 6.27 46.80 -18.38
N GLN C 12 5.72 47.78 -19.07
CA GLN C 12 4.32 47.64 -19.46
C GLN C 12 4.03 46.50 -20.40
N SER C 13 4.99 46.07 -21.18
CA SER C 13 4.76 44.98 -22.12
C SER C 13 4.71 43.63 -21.41
N PHE C 14 5.24 43.58 -20.19
CA PHE C 14 5.23 42.36 -19.43
C PHE C 14 3.83 42.24 -18.88
N LEU C 15 3.32 43.31 -18.30
CA LEU C 15 1.97 43.27 -17.75
C LEU C 15 0.95 42.99 -18.87
N LEU C 16 1.23 43.48 -20.07
CA LEU C 16 0.34 43.27 -21.21
C LEU C 16 0.32 41.80 -21.61
N LYS C 17 1.48 41.14 -21.64
CA LYS C 17 1.53 39.71 -21.94
C LYS C 17 0.89 38.93 -20.78
N CYS C 18 1.11 39.35 -19.54
CA CYS C 18 0.52 38.68 -18.38
C CYS C 18 -0.99 38.60 -18.49
N LEU C 19 -1.59 39.74 -18.83
CA LEU C 19 -3.04 39.87 -18.98
C LEU C 19 -3.57 38.98 -20.11
N GLU C 20 -2.71 38.70 -21.07
CA GLU C 20 -3.10 37.87 -22.17
C GLU C 20 -3.04 36.40 -21.75
N GLN C 21 -1.99 36.00 -21.03
CA GLN C 21 -1.86 34.62 -20.56
C GLN C 21 -3.00 34.31 -19.57
N VAL C 22 -3.34 35.25 -18.71
CA VAL C 22 -4.46 35.02 -17.81
C VAL C 22 -5.69 34.66 -18.65
N ARG C 23 -6.01 35.47 -19.67
CA ARG C 23 -7.18 35.20 -20.52
C ARG C 23 -7.06 33.88 -21.26
N LYS C 24 -5.95 33.65 -21.92
CA LYS C 24 -5.72 32.40 -22.64
C LYS C 24 -6.02 31.22 -21.71
N ILE C 25 -5.50 31.29 -20.48
CA ILE C 25 -5.69 30.24 -19.47
C ILE C 25 -7.15 30.13 -19.00
N GLN C 26 -7.86 31.24 -18.95
CA GLN C 26 -9.27 31.24 -18.57
C GLN C 26 -10.00 30.55 -19.71
N GLY C 27 -9.44 30.66 -20.90
CA GLY C 27 -10.04 30.03 -22.04
C GLY C 27 -9.82 28.53 -22.00
N ASP C 28 -8.63 28.10 -21.59
CA ASP C 28 -8.30 26.67 -21.52
C ASP C 28 -9.11 25.97 -20.43
N GLY C 29 -9.24 26.64 -19.29
CA GLY C 29 -9.99 26.09 -18.17
C GLY C 29 -11.47 25.99 -18.48
N ALA C 30 -12.00 26.93 -19.26
CA ALA C 30 -13.40 26.88 -19.63
C ALA C 30 -13.59 25.77 -20.62
N ALA C 31 -12.53 25.45 -21.36
CA ALA C 31 -12.56 24.37 -22.34
C ALA C 31 -12.66 23.06 -21.56
N LEU C 32 -11.78 22.90 -20.58
CA LEU C 32 -11.75 21.72 -19.69
C LEU C 32 -13.14 21.54 -19.04
N GLN C 33 -13.61 22.55 -18.33
CA GLN C 33 -14.91 22.43 -17.71
C GLN C 33 -15.97 22.11 -18.76
N GLU C 34 -15.86 22.65 -19.96
CA GLU C 34 -16.88 22.33 -20.94
C GLU C 34 -16.80 20.85 -21.29
N LYS C 35 -15.57 20.33 -21.38
CA LYS C 35 -15.31 18.92 -21.73
C LYS C 35 -15.76 17.90 -20.66
N LEU C 36 -15.63 18.24 -19.38
CA LEU C 36 -16.02 17.37 -18.28
C LEU C 36 -17.53 17.27 -18.25
N CYS C 37 -18.18 18.37 -18.58
CA CYS C 37 -19.61 18.42 -18.59
C CYS C 37 -20.18 17.64 -19.79
N ALA C 38 -19.57 17.83 -20.95
CA ALA C 38 -20.01 17.15 -22.16
C ALA C 38 -19.69 15.69 -22.13
N THR C 39 -18.58 15.33 -21.50
CA THR C 39 -18.14 13.95 -21.43
C THR C 39 -18.62 13.11 -20.22
N TYR C 40 -18.97 13.75 -19.11
CA TYR C 40 -19.37 13.02 -17.92
C TYR C 40 -20.53 13.63 -17.19
N LYS C 41 -21.16 14.62 -17.79
CA LYS C 41 -22.29 15.29 -17.17
C LYS C 41 -21.99 15.88 -15.78
N LEU C 42 -20.72 16.22 -15.56
CA LEU C 42 -20.27 16.89 -14.33
C LEU C 42 -20.37 18.35 -14.78
N CYS C 43 -21.46 19.01 -14.43
CA CYS C 43 -21.69 20.34 -14.92
C CYS C 43 -21.95 21.49 -13.96
N HIS C 44 -21.69 21.28 -12.68
CA HIS C 44 -21.94 22.34 -11.72
C HIS C 44 -21.05 22.06 -10.55
N PRO C 45 -19.85 22.65 -10.54
CA PRO C 45 -18.90 22.45 -9.44
C PRO C 45 -19.52 22.75 -8.08
N GLU C 46 -20.63 23.48 -8.06
CA GLU C 46 -21.32 23.76 -6.81
C GLU C 46 -21.68 22.42 -6.19
N GLU C 47 -22.08 21.47 -7.03
CA GLU C 47 -22.45 20.13 -6.60
C GLU C 47 -21.27 19.27 -6.13
N LEU C 48 -20.07 19.52 -6.65
CA LEU C 48 -18.85 18.77 -6.28
C LEU C 48 -18.11 19.36 -5.08
N VAL C 49 -18.45 20.57 -4.69
CA VAL C 49 -17.81 21.30 -3.58
C VAL C 49 -17.34 20.46 -2.38
N LEU C 50 -18.27 19.72 -1.80
CA LEU C 50 -17.99 18.90 -0.62
C LEU C 50 -16.95 17.80 -0.82
N LEU C 51 -16.77 17.37 -2.06
CA LEU C 51 -15.76 16.36 -2.40
C LEU C 51 -14.38 17.04 -2.43
N GLY C 52 -14.37 18.38 -2.48
CA GLY C 52 -13.13 19.12 -2.47
C GLY C 52 -12.43 18.80 -1.19
N HIS C 53 -13.22 18.66 -0.12
CA HIS C 53 -12.73 18.31 1.21
C HIS C 53 -11.95 17.01 1.07
N SER C 54 -12.72 15.97 0.74
CA SER C 54 -12.23 14.62 0.55
C SER C 54 -10.93 14.62 -0.23
N LEU C 55 -11.03 15.06 -1.48
CA LEU C 55 -9.91 15.11 -2.41
C LEU C 55 -8.70 15.85 -1.84
N GLY C 56 -8.95 16.97 -1.17
CA GLY C 56 -7.89 17.77 -0.60
C GLY C 56 -7.30 18.78 -1.58
N ILE C 57 -8.17 19.41 -2.35
CA ILE C 57 -7.76 20.41 -3.31
C ILE C 57 -7.47 21.69 -2.54
N PRO C 58 -6.22 22.17 -2.58
CA PRO C 58 -5.94 23.41 -1.85
C PRO C 58 -6.52 24.62 -2.58
N TRP C 59 -6.32 25.80 -1.99
CA TRP C 59 -6.82 27.04 -2.56
C TRP C 59 -5.70 28.09 -2.52
N ALA C 60 -5.20 28.47 -3.68
CA ALA C 60 -4.14 29.47 -3.78
C ALA C 60 -4.71 30.77 -3.25
N PRO C 61 -4.17 31.26 -2.12
CA PRO C 61 -4.59 32.50 -1.46
C PRO C 61 -3.77 33.72 -1.90
N LEU C 62 -4.43 34.66 -2.56
CA LEU C 62 -3.76 35.89 -3.01
C LEU C 62 -3.68 36.88 -1.83
N SER C 63 -3.13 36.39 -0.71
CA SER C 63 -2.95 37.15 0.54
C SER C 63 -3.06 38.66 0.37
N SER C 64 -4.30 39.13 0.45
CA SER C 64 -4.69 40.54 0.32
C SER C 64 -3.64 41.36 -0.43
N CYS C 65 -3.42 41.05 -1.71
CA CYS C 65 -2.42 41.80 -2.44
C CYS C 65 -2.87 42.57 -3.65
N PRO C 66 -3.45 43.77 -3.43
CA PRO C 66 -3.88 44.56 -4.58
C PRO C 66 -2.63 45.29 -5.07
N SER C 67 -1.64 45.41 -4.19
CA SER C 67 -0.37 46.05 -4.48
C SER C 67 0.73 45.32 -3.71
N GLN C 71 3.24 44.96 -2.21
CA GLN C 71 4.67 44.78 -2.63
C GLN C 71 4.68 43.94 -3.89
N LEU C 72 4.95 44.54 -5.04
CA LEU C 72 4.97 43.78 -6.30
C LEU C 72 5.84 42.55 -6.15
N ALA C 73 7.05 42.73 -5.61
CA ALA C 73 7.97 41.62 -5.38
C ALA C 73 7.19 40.55 -4.61
N GLY C 74 6.32 41.00 -3.70
CA GLY C 74 5.50 40.11 -2.91
C GLY C 74 4.21 39.60 -3.56
N CYS C 75 3.53 40.43 -4.36
CA CYS C 75 2.30 40.01 -5.00
C CYS C 75 2.57 39.26 -6.30
N LEU C 76 3.51 39.74 -7.10
CA LEU C 76 3.85 39.05 -8.32
C LEU C 76 4.33 37.68 -7.90
N SER C 77 4.89 37.56 -6.70
CA SER C 77 5.34 36.25 -6.26
C SER C 77 4.17 35.41 -5.73
N GLN C 78 3.14 36.08 -5.19
CA GLN C 78 1.97 35.36 -4.73
C GLN C 78 1.31 34.80 -6.00
N LEU C 79 1.40 35.57 -7.08
CA LEU C 79 0.84 35.15 -8.38
C LEU C 79 1.56 33.92 -8.87
N HIS C 80 2.88 33.96 -8.87
CA HIS C 80 3.64 32.82 -9.33
C HIS C 80 3.42 31.59 -8.47
N SER C 81 3.29 31.74 -7.14
CA SER C 81 3.09 30.54 -6.33
C SER C 81 1.71 29.95 -6.54
N GLY C 82 0.69 30.79 -6.65
CA GLY C 82 -0.63 30.29 -6.90
C GLY C 82 -0.55 29.43 -8.14
N LEU C 83 -0.01 29.99 -9.20
CA LEU C 83 0.12 29.29 -10.47
C LEU C 83 0.93 28.03 -10.30
N PHE C 84 2.02 28.13 -9.56
CA PHE C 84 2.87 26.98 -9.38
C PHE C 84 2.12 25.84 -8.70
N LEU C 85 1.16 26.18 -7.84
CA LEU C 85 0.37 25.21 -7.10
C LEU C 85 -0.64 24.52 -8.01
N TYR C 86 -1.29 25.31 -8.85
CA TYR C 86 -2.29 24.77 -9.77
C TYR C 86 -1.68 23.91 -10.82
N GLN C 87 -0.43 24.16 -11.20
CA GLN C 87 0.18 23.30 -12.20
C GLN C 87 0.54 22.00 -11.53
N GLY C 88 0.57 22.04 -10.21
CA GLY C 88 0.85 20.84 -9.42
C GLY C 88 -0.40 20.00 -9.35
N LEU C 89 -1.50 20.62 -8.93
CA LEU C 89 -2.77 19.95 -8.86
C LEU C 89 -3.13 19.34 -10.22
N LEU C 90 -3.00 20.14 -11.29
CA LEU C 90 -3.32 19.67 -12.65
C LEU C 90 -2.42 18.51 -13.07
N GLN C 91 -1.22 18.45 -12.49
CA GLN C 91 -0.29 17.38 -12.82
C GLN C 91 -0.82 16.12 -12.15
N ALA C 92 -1.24 16.30 -10.90
CA ALA C 92 -1.79 15.24 -10.06
C ALA C 92 -2.98 14.51 -10.74
N LEU C 93 -3.81 15.25 -11.43
CA LEU C 93 -4.96 14.71 -12.13
C LEU C 93 -4.56 13.66 -13.17
N GLU C 94 -3.27 13.38 -13.28
CA GLU C 94 -2.75 12.40 -14.23
C GLU C 94 -3.48 12.24 -15.56
N GLY C 95 -3.91 13.35 -16.17
CA GLY C 95 -4.58 13.30 -17.47
C GLY C 95 -6.09 13.22 -17.46
N ILE C 96 -6.62 12.80 -16.30
CA ILE C 96 -8.06 12.61 -16.07
C ILE C 96 -8.57 11.35 -16.79
N SER C 97 -8.33 11.28 -18.09
CA SER C 97 -8.76 10.14 -18.89
C SER C 97 -8.45 10.47 -20.33
N PRO C 98 -8.30 9.46 -21.18
CA PRO C 98 -7.99 9.68 -22.60
C PRO C 98 -8.83 10.74 -23.29
N GLU C 99 -10.13 10.76 -23.05
CA GLU C 99 -10.97 11.75 -23.70
C GLU C 99 -10.60 13.16 -23.26
N LEU C 100 -10.00 13.27 -22.08
CA LEU C 100 -9.61 14.56 -21.55
C LEU C 100 -8.15 14.97 -21.56
N GLY C 101 -7.27 14.00 -21.63
CA GLY C 101 -5.86 14.30 -21.66
C GLY C 101 -5.47 15.50 -22.51
N PRO C 102 -5.82 15.55 -23.79
CA PRO C 102 -5.45 16.72 -24.58
C PRO C 102 -5.93 18.05 -24.02
N THR C 103 -7.22 18.17 -23.72
CA THR C 103 -7.76 19.43 -23.16
C THR C 103 -7.02 19.80 -21.88
N LEU C 104 -6.88 18.84 -21.00
CA LEU C 104 -6.18 19.11 -19.76
C LEU C 104 -4.72 19.51 -20.01
N ASP C 105 -4.04 18.80 -20.90
CA ASP C 105 -2.63 19.06 -21.20
C ASP C 105 -2.43 20.47 -21.71
N THR C 106 -3.43 20.97 -22.42
CA THR C 106 -3.36 22.32 -22.94
C THR C 106 -3.39 23.26 -21.75
N LEU C 107 -4.42 23.15 -20.94
CA LEU C 107 -4.54 23.97 -19.76
C LEU C 107 -3.28 23.93 -18.94
N GLN C 108 -2.70 22.75 -18.79
CA GLN C 108 -1.50 22.53 -17.98
C GLN C 108 -0.26 23.30 -18.53
N LEU C 109 0.08 23.08 -19.79
CA LEU C 109 1.20 23.74 -20.43
C LEU C 109 1.07 25.27 -20.33
N ASP C 110 -0.14 25.76 -20.51
CA ASP C 110 -0.39 27.17 -20.40
C ASP C 110 -0.21 27.71 -18.98
N VAL C 111 -0.53 26.92 -17.95
CA VAL C 111 -0.33 27.39 -16.59
C VAL C 111 1.16 27.29 -16.33
N ALA C 112 1.79 26.29 -16.91
CA ALA C 112 3.22 26.10 -16.72
C ALA C 112 4.02 27.28 -17.27
N ASP C 113 3.73 27.69 -18.50
CA ASP C 113 4.44 28.82 -19.12
C ASP C 113 4.26 30.13 -18.33
N PHE C 114 3.02 30.48 -18.01
CA PHE C 114 2.75 31.68 -17.26
C PHE C 114 3.55 31.70 -15.96
N ALA C 115 3.67 30.57 -15.29
CA ALA C 115 4.44 30.51 -14.05
C ALA C 115 5.90 30.85 -14.40
N THR C 116 6.44 30.21 -15.43
CA THR C 116 7.83 30.43 -15.88
C THR C 116 8.08 31.90 -16.22
N THR C 117 7.30 32.39 -17.16
CA THR C 117 7.32 33.76 -17.60
C THR C 117 7.40 34.70 -16.40
N ILE C 118 6.46 34.60 -15.46
CA ILE C 118 6.45 35.47 -14.30
C ILE C 118 7.73 35.31 -13.54
N TRP C 119 8.20 34.07 -13.42
CA TRP C 119 9.43 33.79 -12.70
C TRP C 119 10.64 34.43 -13.35
N GLN C 120 10.70 34.42 -14.67
CA GLN C 120 11.84 35.01 -15.39
C GLN C 120 11.86 36.50 -15.30
N GLN C 121 10.70 37.12 -15.34
CA GLN C 121 10.64 38.55 -15.23
C GLN C 121 11.14 38.95 -13.86
N MET C 122 10.61 38.32 -12.81
CA MET C 122 11.03 38.61 -11.43
C MET C 122 12.54 38.49 -11.28
N GLU C 123 13.14 37.46 -11.86
CA GLU C 123 14.58 37.31 -11.74
C GLU C 123 15.31 38.44 -12.47
N GLU C 124 14.85 38.80 -13.67
CA GLU C 124 15.51 39.86 -14.38
C GLU C 124 15.29 41.22 -13.72
N LEU C 125 14.33 41.33 -12.80
CA LEU C 125 14.11 42.58 -12.11
C LEU C 125 14.64 42.49 -10.68
N GLY C 126 15.24 41.35 -10.33
CA GLY C 126 15.74 41.18 -8.99
C GLY C 126 14.59 41.14 -7.99
N MET C 127 13.40 40.78 -8.46
CA MET C 127 12.21 40.73 -7.63
C MET C 127 11.84 39.32 -7.17
N ALA C 128 12.60 38.33 -7.60
CA ALA C 128 12.32 36.93 -7.25
C ALA C 128 12.51 36.65 -5.77
N PRO C 129 11.63 35.82 -5.18
CA PRO C 129 11.67 35.44 -3.76
C PRO C 129 13.02 34.83 -3.43
N ALA C 130 13.57 35.21 -2.28
CA ALA C 130 14.86 34.69 -1.86
C ALA C 130 14.78 33.18 -1.92
N LEU C 131 13.78 32.62 -1.25
CA LEU C 131 13.61 31.19 -1.26
C LEU C 131 12.83 30.80 -2.51
N GLN C 132 13.37 29.85 -3.28
CA GLN C 132 12.70 29.43 -4.51
C GLN C 132 11.68 28.33 -4.22
N PRO C 133 10.50 28.41 -4.86
CA PRO C 133 9.36 27.48 -4.74
C PRO C 133 9.63 26.03 -5.14
N THR C 134 9.15 25.12 -4.29
CA THR C 134 9.25 23.69 -4.51
C THR C 134 7.83 23.18 -4.45
N GLN C 135 7.49 22.27 -5.36
CA GLN C 135 6.13 21.73 -5.41
C GLN C 135 5.77 21.03 -4.11
N GLY C 136 4.49 21.09 -3.76
CA GLY C 136 4.02 20.49 -2.53
C GLY C 136 3.48 19.07 -2.65
N ALA C 137 2.91 18.60 -1.55
CA ALA C 137 2.31 17.28 -1.48
C ALA C 137 0.98 17.37 -2.20
N MET C 138 0.98 16.90 -3.44
CA MET C 138 -0.22 16.95 -4.25
C MET C 138 -1.29 15.97 -3.77
N PRO C 139 -2.56 16.39 -3.83
CA PRO C 139 -3.75 15.65 -3.43
C PRO C 139 -3.84 14.28 -4.03
N ALA C 140 -4.59 13.42 -3.34
CA ALA C 140 -4.82 12.05 -3.77
C ALA C 140 -6.04 11.97 -4.70
N PHE C 141 -5.74 11.93 -5.98
CA PHE C 141 -6.80 11.82 -6.96
C PHE C 141 -6.66 10.37 -7.36
N ALA C 142 -7.05 9.50 -6.44
CA ALA C 142 -6.96 8.05 -6.62
C ALA C 142 -7.78 7.47 -7.75
N SER C 143 -9.10 7.52 -7.63
CA SER C 143 -9.96 6.94 -8.67
C SER C 143 -10.32 7.85 -9.83
N ALA C 144 -10.80 7.23 -10.90
CA ALA C 144 -11.26 7.94 -12.08
C ALA C 144 -12.21 9.06 -11.67
N PHE C 145 -13.17 8.76 -10.78
CA PHE C 145 -14.10 9.80 -10.37
C PHE C 145 -13.42 10.92 -9.63
N GLN C 146 -12.38 10.57 -8.88
CA GLN C 146 -11.67 11.60 -8.13
C GLN C 146 -10.93 12.53 -9.08
N ARG C 147 -10.33 11.94 -10.11
CA ARG C 147 -9.63 12.68 -11.13
C ARG C 147 -10.56 13.60 -11.91
N ARG C 148 -11.77 13.14 -12.23
CA ARG C 148 -12.75 13.96 -12.96
C ARG C 148 -13.34 15.04 -12.07
N ALA C 149 -13.78 14.68 -10.88
CA ALA C 149 -14.30 15.68 -9.97
C ALA C 149 -13.13 16.57 -9.51
N GLY C 150 -11.91 16.02 -9.48
CA GLY C 150 -10.75 16.81 -9.11
C GLY C 150 -10.57 17.84 -10.22
N GLY C 151 -10.71 17.37 -11.46
CA GLY C 151 -10.61 18.22 -12.63
C GLY C 151 -11.65 19.34 -12.60
N VAL C 152 -12.88 19.05 -12.21
CA VAL C 152 -13.88 20.11 -12.15
C VAL C 152 -13.55 21.14 -11.07
N LEU C 153 -13.11 20.69 -9.91
CA LEU C 153 -12.80 21.59 -8.79
C LEU C 153 -11.56 22.43 -8.99
N VAL C 154 -10.43 21.78 -9.28
CA VAL C 154 -9.17 22.47 -9.49
C VAL C 154 -9.36 23.58 -10.50
N ALA C 155 -10.02 23.25 -11.60
CA ALA C 155 -10.31 24.22 -12.64
C ALA C 155 -11.18 25.39 -12.14
N SER C 156 -12.09 25.13 -11.22
CA SER C 156 -12.94 26.21 -10.69
C SER C 156 -12.18 27.09 -9.71
N HIS C 157 -11.20 26.50 -9.06
CA HIS C 157 -10.36 27.20 -8.11
C HIS C 157 -9.47 28.11 -8.92
N LEU C 158 -8.82 27.51 -9.90
CA LEU C 158 -7.94 28.22 -10.80
C LEU C 158 -8.66 29.41 -11.38
N GLN C 159 -9.89 29.18 -11.84
CA GLN C 159 -10.68 30.23 -12.45
C GLN C 159 -10.97 31.42 -11.54
N SER C 160 -11.26 31.20 -10.26
CA SER C 160 -11.52 32.36 -9.42
C SER C 160 -10.20 33.06 -9.14
N PHE C 161 -9.11 32.29 -9.09
CA PHE C 161 -7.77 32.81 -8.85
C PHE C 161 -7.41 33.77 -9.95
N LEU C 162 -7.67 33.38 -11.19
CA LEU C 162 -7.34 34.22 -12.31
C LEU C 162 -8.33 35.35 -12.48
N GLU C 163 -9.48 35.26 -11.82
CA GLU C 163 -10.45 36.35 -11.92
C GLU C 163 -9.91 37.48 -11.06
N VAL C 164 -9.27 37.15 -9.95
CA VAL C 164 -8.68 38.15 -9.04
C VAL C 164 -7.36 38.66 -9.63
N SER C 165 -6.52 37.72 -10.05
CA SER C 165 -5.25 38.07 -10.68
C SER C 165 -5.44 39.07 -11.81
N TYR C 166 -6.46 38.85 -12.63
CA TYR C 166 -6.67 39.75 -13.74
C TYR C 166 -6.93 41.14 -13.22
N ARG C 167 -7.65 41.22 -12.11
CA ARG C 167 -7.94 42.53 -11.50
C ARG C 167 -6.68 43.27 -11.03
N VAL C 168 -5.84 42.62 -10.22
CA VAL C 168 -4.63 43.29 -9.76
C VAL C 168 -3.73 43.67 -10.95
N LEU C 169 -3.56 42.76 -11.91
CA LEU C 169 -2.74 43.03 -13.08
C LEU C 169 -3.33 44.11 -13.97
N ARG C 170 -4.63 44.09 -14.21
CA ARG C 170 -5.23 45.08 -15.07
C ARG C 170 -5.01 46.46 -14.46
N HIS C 171 -4.99 46.56 -13.13
CA HIS C 171 -4.77 47.83 -12.48
C HIS C 171 -3.38 48.40 -12.76
N LEU C 172 -2.37 47.58 -12.55
CA LEU C 172 -1.00 47.97 -12.82
C LEU C 172 -0.94 48.37 -14.29
N ALA C 173 -1.12 47.39 -15.16
CA ALA C 173 -1.08 47.62 -16.60
C ALA C 173 -2.19 48.53 -17.06
N GLN C 174 -1.92 49.82 -17.19
CA GLN C 174 -2.96 50.71 -17.65
C GLN C 174 -2.76 50.95 -19.16
N PRO C 175 -3.52 50.22 -19.99
CA PRO C 175 -3.45 50.33 -21.45
C PRO C 175 -3.88 51.71 -21.95
N TYR D 3 24.38 17.89 -55.28
CA TYR D 3 25.64 18.66 -55.05
C TYR D 3 25.43 19.46 -53.77
N PRO D 4 26.47 20.15 -53.27
CA PRO D 4 26.29 20.91 -52.04
C PRO D 4 25.02 21.74 -52.08
N PRO D 5 24.21 21.67 -51.02
CA PRO D 5 22.96 22.42 -50.92
C PRO D 5 23.25 23.86 -50.55
N ALA D 6 22.50 24.79 -51.12
CA ALA D 6 22.68 26.21 -50.85
C ALA D 6 21.89 26.57 -49.60
N SER D 7 22.41 27.51 -48.81
CA SER D 7 21.73 27.94 -47.60
C SER D 7 20.28 28.36 -47.88
N PRO D 8 19.31 27.73 -47.18
CA PRO D 8 17.90 28.07 -47.39
C PRO D 8 17.65 29.54 -47.00
N SER D 9 16.58 30.11 -47.52
CA SER D 9 16.30 31.51 -47.23
C SER D 9 14.83 31.89 -47.04
N ASN D 10 14.65 33.12 -46.59
CA ASN D 10 13.34 33.68 -46.34
C ASN D 10 12.52 32.76 -45.45
N LEU D 11 13.14 32.34 -44.37
CA LEU D 11 12.48 31.48 -43.39
C LEU D 11 11.51 32.39 -42.62
N SER D 12 10.26 31.98 -42.57
CA SER D 12 9.26 32.75 -41.84
C SER D 12 8.55 31.75 -40.94
N CYS D 13 7.95 32.23 -39.86
CA CYS D 13 7.22 31.36 -38.94
C CYS D 13 5.94 32.02 -38.45
N LEU D 14 4.87 31.22 -38.37
CA LEU D 14 3.57 31.67 -37.91
C LEU D 14 2.94 30.70 -36.91
N MET D 15 2.33 31.26 -35.87
CA MET D 15 1.69 30.45 -34.85
C MET D 15 0.26 30.20 -35.26
N HIS D 16 -0.03 28.96 -35.65
CA HIS D 16 -1.37 28.60 -36.09
C HIS D 16 -2.19 28.11 -34.91
N LEU D 17 -3.15 28.92 -34.50
CA LEU D 17 -4.01 28.58 -33.36
C LEU D 17 -4.92 27.38 -33.64
N THR D 18 -5.26 27.17 -34.90
CA THR D 18 -6.11 26.07 -35.33
C THR D 18 -5.45 24.75 -34.98
N THR D 19 -4.21 24.59 -35.42
CA THR D 19 -3.45 23.37 -35.17
C THR D 19 -2.60 23.51 -33.92
N ASN D 20 -2.56 24.70 -33.34
CA ASN D 20 -1.79 24.96 -32.16
C ASN D 20 -0.34 24.55 -32.40
N SER D 21 0.24 25.08 -33.47
CA SER D 21 1.63 24.76 -33.80
C SER D 21 2.32 25.88 -34.58
N LEU D 22 3.61 26.05 -34.31
CA LEU D 22 4.45 27.05 -34.95
C LEU D 22 4.83 26.48 -36.31
N VAL D 23 4.25 27.01 -37.39
CA VAL D 23 4.54 26.52 -38.72
C VAL D 23 5.54 27.40 -39.43
N CYS D 24 6.68 26.80 -39.77
CA CYS D 24 7.75 27.50 -40.47
C CYS D 24 7.92 27.03 -41.91
N GLN D 25 8.42 27.94 -42.74
CA GLN D 25 8.65 27.66 -44.14
C GLN D 25 9.89 28.46 -44.57
N TRP D 26 10.66 27.87 -45.49
CA TRP D 26 11.89 28.46 -45.98
C TRP D 26 11.92 28.31 -47.50
N GLU D 27 12.88 29.00 -48.12
CA GLU D 27 13.10 28.95 -49.57
C GLU D 27 14.30 28.01 -49.70
N PRO D 28 14.10 26.82 -50.25
CA PRO D 28 15.13 25.79 -50.44
C PRO D 28 16.31 26.19 -51.34
N GLY D 29 16.09 27.24 -52.13
CA GLY D 29 17.14 27.72 -53.02
C GLY D 29 17.43 26.80 -54.20
N PRO D 30 18.43 27.16 -55.04
CA PRO D 30 18.86 26.42 -56.22
C PRO D 30 18.89 24.92 -55.97
N GLU D 31 17.99 24.20 -56.64
CA GLU D 31 17.91 22.74 -56.51
C GLU D 31 19.30 22.16 -56.82
N THR D 32 19.68 21.10 -56.13
CA THR D 32 20.99 20.46 -56.33
C THR D 32 20.81 19.04 -56.85
N THR D 36 18.92 15.29 -50.67
CA THR D 36 18.96 16.36 -49.65
C THR D 36 17.81 16.13 -48.67
N SER D 37 17.77 16.95 -47.63
CA SER D 37 16.74 16.87 -46.62
C SER D 37 16.82 18.18 -45.85
N PHE D 38 15.71 18.62 -45.30
CA PHE D 38 15.69 19.85 -44.53
C PHE D 38 15.15 19.57 -43.16
N ILE D 39 15.85 20.08 -42.17
CA ILE D 39 15.48 19.90 -40.79
C ILE D 39 15.38 21.26 -40.11
N LEU D 40 14.15 21.59 -39.70
CA LEU D 40 13.89 22.82 -39.00
C LEU D 40 14.42 22.50 -37.61
N LYS D 41 15.41 23.28 -37.17
CA LYS D 41 16.01 23.08 -35.88
C LYS D 41 15.88 24.33 -35.04
N SER D 42 15.63 24.13 -33.76
CA SER D 42 15.46 25.23 -32.83
C SER D 42 16.01 24.88 -31.45
N PHE D 43 16.04 25.89 -30.59
CA PHE D 43 16.45 25.71 -29.22
C PHE D 43 15.78 26.78 -28.37
N ARG D 44 15.28 26.37 -27.21
CA ARG D 44 14.67 27.31 -26.31
C ARG D 44 15.74 28.35 -26.00
N SER D 45 15.36 29.57 -25.68
CA SER D 45 16.35 30.60 -25.41
C SER D 45 15.69 31.80 -24.69
N ARG D 46 16.44 32.85 -24.44
CA ARG D 46 15.87 34.03 -23.80
C ARG D 46 15.99 35.06 -24.93
N ALA D 47 15.60 36.33 -24.70
CA ALA D 47 15.65 37.34 -25.78
C ALA D 47 16.95 37.48 -26.56
N ASP D 48 16.82 37.88 -27.83
CA ASP D 48 17.96 38.04 -28.73
C ASP D 48 18.56 36.69 -29.07
N CYS D 49 17.98 35.63 -28.55
CA CYS D 49 18.47 34.29 -28.79
C CYS D 49 19.96 34.07 -28.53
N GLN D 50 20.50 34.83 -27.58
CA GLN D 50 21.89 34.72 -27.15
C GLN D 50 22.04 33.51 -26.19
N TYR D 51 21.00 33.28 -25.36
CA TYR D 51 20.89 32.18 -24.37
C TYR D 51 20.74 30.82 -25.07
N GLN D 52 21.66 29.90 -24.85
CA GLN D 52 21.59 28.59 -25.50
C GLN D 52 20.77 27.59 -24.68
N GLY D 53 19.44 27.74 -24.73
CA GLY D 53 18.55 26.86 -23.99
C GLY D 53 18.38 25.46 -24.54
N ASP D 54 17.34 24.79 -24.07
CA ASP D 54 17.08 23.42 -24.48
C ASP D 54 16.84 23.17 -25.95
N THR D 55 17.19 21.97 -26.40
CA THR D 55 17.01 21.60 -27.78
C THR D 55 15.59 21.14 -28.06
N ILE D 56 14.88 21.96 -28.82
CA ILE D 56 13.53 21.62 -29.20
C ILE D 56 13.74 20.47 -30.19
N PRO D 57 13.02 19.37 -29.98
CA PRO D 57 13.16 18.21 -30.86
C PRO D 57 13.10 18.63 -32.32
N ASP D 58 13.98 18.05 -33.14
CA ASP D 58 14.02 18.36 -34.56
C ASP D 58 12.80 18.01 -35.39
N CYS D 59 12.39 18.96 -36.22
CA CYS D 59 11.26 18.75 -37.10
C CYS D 59 11.87 18.57 -38.49
N VAL D 60 11.71 17.39 -39.06
CA VAL D 60 12.25 17.19 -40.39
C VAL D 60 11.13 17.40 -41.41
N ALA D 61 11.38 18.30 -42.35
CA ALA D 61 10.41 18.62 -43.40
C ALA D 61 10.10 17.37 -44.20
N LYS D 62 8.87 17.25 -44.66
CA LYS D 62 8.52 16.08 -45.46
C LYS D 62 9.19 16.21 -46.81
N LYS D 63 8.98 15.19 -47.64
CA LYS D 63 9.55 15.08 -48.97
C LYS D 63 9.66 16.34 -49.82
N ARG D 64 8.60 16.70 -50.54
CA ARG D 64 8.65 17.89 -51.38
C ARG D 64 8.02 19.10 -50.71
N GLN D 65 7.97 19.10 -49.37
CA GLN D 65 7.37 20.20 -48.61
C GLN D 65 8.42 21.16 -48.07
N ASN D 66 8.44 22.39 -48.55
CA ASN D 66 9.41 23.36 -48.06
C ASN D 66 8.97 24.09 -46.79
N ASN D 67 8.49 23.31 -45.81
CA ASN D 67 8.01 23.82 -44.54
C ASN D 67 7.95 22.68 -43.52
N CYS D 68 7.96 23.03 -42.24
CA CYS D 68 7.88 22.02 -41.21
C CYS D 68 6.72 22.42 -40.29
N SER D 69 6.86 22.24 -38.98
CA SER D 69 5.79 22.55 -38.04
C SER D 69 6.05 22.01 -36.63
N ILE D 70 6.39 22.89 -35.70
CA ILE D 70 6.65 22.51 -34.30
C ILE D 70 5.35 22.54 -33.47
N PRO D 71 4.93 21.37 -32.95
CA PRO D 71 3.71 21.23 -32.15
C PRO D 71 3.90 22.01 -30.86
N ARG D 72 2.84 22.64 -30.36
CA ARG D 72 2.99 23.44 -29.15
C ARG D 72 3.46 22.72 -27.91
N LYS D 73 3.45 21.39 -27.93
CA LYS D 73 3.94 20.63 -26.78
C LYS D 73 5.43 20.86 -26.63
N ASN D 74 6.08 21.14 -27.75
CA ASN D 74 7.52 21.37 -27.78
C ASN D 74 7.90 22.87 -27.75
N LEU D 75 7.04 23.75 -27.25
CA LEU D 75 7.38 25.16 -27.25
C LEU D 75 7.06 25.83 -25.94
N LEU D 76 7.93 26.72 -25.47
CA LEU D 76 7.58 27.49 -24.29
C LEU D 76 6.81 28.60 -25.01
N LEU D 77 5.83 29.22 -24.38
CA LEU D 77 5.13 30.23 -25.13
C LEU D 77 5.47 31.68 -25.02
N TYR D 78 5.41 32.35 -23.89
CA TYR D 78 5.76 33.77 -24.01
C TYR D 78 7.23 33.99 -23.72
N GLN D 79 8.05 33.27 -24.51
CA GLN D 79 9.50 33.28 -24.43
C GLN D 79 10.09 33.14 -25.83
N TYR D 80 11.33 33.64 -26.00
CA TYR D 80 12.02 33.63 -27.27
C TYR D 80 12.70 32.33 -27.63
N MET D 81 12.89 32.11 -28.93
CA MET D 81 13.57 30.90 -29.40
C MET D 81 14.24 31.15 -30.75
N ALA D 82 15.34 30.43 -31.00
CA ALA D 82 16.14 30.54 -32.22
C ALA D 82 15.78 29.41 -33.16
N ILE D 83 15.34 29.77 -34.38
CA ILE D 83 14.95 28.79 -35.41
C ILE D 83 15.84 28.90 -36.65
N TRP D 84 16.04 27.80 -37.36
CA TRP D 84 16.82 27.78 -38.58
C TRP D 84 16.58 26.46 -39.28
N VAL D 85 16.71 26.44 -40.60
CA VAL D 85 16.51 25.23 -41.39
C VAL D 85 17.88 24.72 -41.80
N GLN D 86 18.06 23.40 -41.88
CA GLN D 86 19.33 22.86 -42.30
C GLN D 86 19.13 21.96 -43.50
N ALA D 87 19.86 22.23 -44.58
CA ALA D 87 19.77 21.44 -45.80
C ALA D 87 20.97 20.52 -45.81
N GLU D 88 20.73 19.22 -45.91
CA GLU D 88 21.84 18.29 -45.91
C GLU D 88 21.87 17.33 -47.10
N ASN D 89 22.99 17.38 -47.82
CA ASN D 89 23.26 16.55 -48.99
C ASN D 89 24.52 15.78 -48.70
N MET D 90 24.76 14.73 -49.48
CA MET D 90 25.96 13.93 -49.33
C MET D 90 27.23 14.78 -49.51
N LEU D 91 27.11 15.91 -50.20
CA LEU D 91 28.24 16.80 -50.47
C LEU D 91 28.35 18.02 -49.57
N GLY D 92 27.65 18.00 -48.45
CA GLY D 92 27.69 19.13 -47.55
C GLY D 92 26.31 19.49 -47.05
N SER D 93 26.26 20.40 -46.11
CA SER D 93 25.01 20.84 -45.53
C SER D 93 25.03 22.34 -45.42
N SER D 94 23.90 22.96 -45.75
CA SER D 94 23.80 24.41 -45.66
C SER D 94 22.89 24.67 -44.49
N GLU D 95 22.84 25.91 -44.05
CA GLU D 95 22.01 26.28 -42.92
C GLU D 95 21.66 27.75 -42.96
N SER D 96 20.36 28.04 -42.83
CA SER D 96 19.84 29.40 -42.86
C SER D 96 20.17 30.22 -41.61
N PRO D 97 19.98 31.55 -41.71
CA PRO D 97 20.25 32.40 -40.54
C PRO D 97 19.14 32.05 -39.54
N LYS D 98 19.46 32.14 -38.27
CA LYS D 98 18.50 31.83 -37.25
C LYS D 98 17.57 33.00 -37.03
N LEU D 99 16.32 32.71 -36.69
CA LEU D 99 15.33 33.73 -36.39
C LEU D 99 15.21 33.72 -34.89
N CYS D 100 14.80 34.83 -34.30
CA CYS D 100 14.61 34.90 -32.85
C CYS D 100 13.22 35.40 -32.57
N LEU D 101 12.28 34.48 -32.40
CA LEU D 101 10.91 34.91 -32.15
C LEU D 101 10.26 34.31 -30.95
N ASP D 102 9.22 34.98 -30.47
CA ASP D 102 8.39 34.48 -29.39
C ASP D 102 7.25 33.99 -30.28
N PRO D 103 6.91 32.69 -30.20
CA PRO D 103 5.83 32.24 -31.08
C PRO D 103 4.52 33.01 -30.91
N MET D 104 4.24 33.44 -29.69
CA MET D 104 3.02 34.19 -29.51
C MET D 104 3.04 35.55 -30.22
N ASP D 105 4.19 35.91 -30.77
CA ASP D 105 4.34 37.19 -31.46
C ASP D 105 4.00 37.10 -32.95
N VAL D 106 4.03 35.88 -33.50
CA VAL D 106 3.76 35.62 -34.91
C VAL D 106 2.48 34.81 -35.15
N LYS D 108 -1.00 34.29 -36.29
CA LYS D 108 -1.76 34.53 -37.51
C LYS D 108 -3.26 34.67 -37.24
N LEU D 109 -3.73 35.90 -37.23
CA LEU D 109 -5.13 36.20 -37.01
C LEU D 109 -6.02 36.00 -38.26
N GLU D 110 -7.28 35.65 -38.06
CA GLU D 110 -8.24 35.49 -39.14
C GLU D 110 -9.23 36.59 -38.79
N PRO D 111 -9.80 37.26 -39.80
CA PRO D 111 -10.76 38.36 -39.61
C PRO D 111 -11.90 38.09 -38.68
N PRO D 112 -12.45 39.15 -38.06
CA PRO D 112 -13.57 39.01 -37.12
C PRO D 112 -14.89 38.72 -37.83
N MET D 113 -15.85 38.28 -37.05
CA MET D 113 -17.15 37.91 -37.58
C MET D 113 -18.08 39.11 -37.57
N LEU D 114 -18.15 39.81 -38.70
CA LEU D 114 -19.01 40.96 -38.81
C LEU D 114 -20.36 40.56 -39.39
N GLN D 115 -21.43 41.16 -38.89
CA GLN D 115 -22.76 40.83 -39.39
C GLN D 115 -23.70 41.96 -39.10
N ALA D 116 -24.92 41.81 -39.64
CA ALA D 116 -26.00 42.79 -39.44
C ALA D 116 -26.62 42.49 -38.09
N LEU D 117 -26.94 43.53 -37.35
CA LEU D 117 -27.62 43.40 -36.08
C LEU D 117 -29.00 42.79 -36.28
N ASP D 118 -29.12 41.55 -35.83
CA ASP D 118 -30.37 40.85 -35.99
C ASP D 118 -31.46 41.43 -35.10
N ILE D 119 -32.41 42.11 -35.77
CA ILE D 119 -33.41 42.84 -35.02
C ILE D 119 -34.60 41.95 -34.64
N GLN D 127 -33.25 54.33 -38.87
CA GLN D 127 -33.47 55.62 -39.52
C GLN D 127 -32.88 55.53 -40.93
N PRO D 128 -33.39 56.34 -41.85
CA PRO D 128 -32.88 56.33 -43.23
C PRO D 128 -31.37 56.56 -43.29
N GLY D 129 -30.70 55.84 -44.19
CA GLY D 129 -29.26 55.95 -44.35
C GLY D 129 -28.47 55.43 -43.17
N CYS D 130 -29.06 54.47 -42.46
CA CYS D 130 -28.45 53.90 -41.26
C CYS D 130 -28.35 52.36 -41.31
N LEU D 131 -27.27 51.83 -40.74
CA LEU D 131 -27.02 50.40 -40.67
C LEU D 131 -26.63 50.06 -39.25
N TRP D 132 -27.20 49.00 -38.71
CA TRP D 132 -26.87 48.54 -37.37
C TRP D 132 -25.99 47.33 -37.62
N LEU D 133 -24.96 47.19 -36.80
CA LEU D 133 -24.01 46.10 -36.97
C LEU D 133 -23.66 45.45 -35.64
N SER D 134 -22.89 44.38 -35.75
CA SER D 134 -22.42 43.67 -34.58
C SER D 134 -21.32 42.76 -35.08
N TRP D 135 -20.35 42.48 -34.22
CA TRP D 135 -19.25 41.58 -34.57
C TRP D 135 -18.67 40.97 -33.30
N LYS D 136 -18.02 39.82 -33.46
CA LYS D 136 -17.35 39.08 -32.39
C LYS D 136 -16.02 38.67 -33.00
N PRO D 137 -14.95 38.60 -32.18
CA PRO D 137 -13.65 38.22 -32.73
C PRO D 137 -13.60 36.79 -33.23
N TRP D 138 -12.55 36.47 -34.00
CA TRP D 138 -12.32 35.10 -34.46
C TRP D 138 -12.06 34.36 -33.14
N LYS D 139 -12.94 33.42 -32.81
CA LYS D 139 -12.88 32.69 -31.56
C LYS D 139 -11.54 32.19 -31.02
N PRO D 140 -10.71 31.55 -31.85
CA PRO D 140 -9.44 31.06 -31.31
C PRO D 140 -8.50 32.14 -30.79
N SER D 141 -8.86 33.39 -30.97
CA SER D 141 -8.02 34.49 -30.54
C SER D 141 -8.83 35.37 -29.60
N GLU D 142 -9.90 34.81 -29.09
CA GLU D 142 -10.79 35.52 -28.21
C GLU D 142 -10.04 35.99 -26.97
N TYR D 143 -8.94 35.30 -26.64
CA TYR D 143 -8.14 35.61 -25.45
C TYR D 143 -7.31 36.85 -25.66
N MET D 144 -6.99 37.09 -26.92
CA MET D 144 -6.20 38.22 -27.34
C MET D 144 -7.01 39.52 -27.42
N GLU D 145 -6.52 40.59 -26.78
CA GLU D 145 -7.22 41.88 -26.83
C GLU D 145 -6.89 42.55 -28.16
N GLN D 146 -7.89 42.68 -29.03
CA GLN D 146 -7.68 43.24 -30.35
C GLN D 146 -8.34 44.59 -30.58
N GLU D 147 -7.82 45.29 -31.58
CA GLU D 147 -8.33 46.59 -31.95
C GLU D 147 -8.60 46.39 -33.43
N CYS D 148 -9.80 46.74 -33.87
CA CYS D 148 -10.21 46.54 -35.24
C CYS D 148 -10.45 47.78 -36.08
N GLU D 149 -10.65 47.58 -37.37
CA GLU D 149 -10.88 48.66 -38.30
C GLU D 149 -12.08 48.24 -39.11
N LEU D 150 -13.03 49.15 -39.29
CA LEU D 150 -14.19 48.86 -40.10
C LEU D 150 -14.10 49.79 -41.29
N ARG D 151 -14.24 49.25 -42.48
CA ARG D 151 -14.23 50.08 -43.69
C ARG D 151 -15.53 49.73 -44.41
N TYR D 152 -16.16 50.74 -45.02
CA TYR D 152 -17.41 50.56 -45.74
C TYR D 152 -17.47 51.49 -46.95
N GLN D 153 -18.37 51.19 -47.89
CA GLN D 153 -18.50 52.01 -49.09
C GLN D 153 -19.74 51.71 -49.90
N PRO D 154 -20.37 52.73 -50.51
CA PRO D 154 -21.57 52.46 -51.30
C PRO D 154 -21.05 51.70 -52.50
N GLN D 155 -21.71 50.63 -52.89
CA GLN D 155 -21.24 49.90 -54.04
C GLN D 155 -21.49 50.70 -55.33
N LEU D 156 -20.71 51.76 -55.56
CA LEU D 156 -20.85 52.62 -56.74
C LEU D 156 -19.68 52.37 -57.65
N LYS D 157 -19.81 52.79 -58.90
CA LYS D 157 -18.74 52.61 -59.87
C LYS D 157 -17.46 53.32 -59.37
N GLY D 158 -17.63 54.31 -58.48
CA GLY D 158 -16.49 55.03 -57.91
C GLY D 158 -16.02 54.45 -56.59
N ALA D 159 -15.04 53.55 -56.66
CA ALA D 159 -14.54 52.90 -55.45
C ALA D 159 -13.78 53.82 -54.49
N ASN D 160 -14.35 54.07 -53.31
CA ASN D 160 -13.70 54.92 -52.33
C ASN D 160 -14.03 54.42 -50.94
N TRP D 161 -13.05 53.83 -50.25
CA TRP D 161 -13.32 53.32 -48.91
C TRP D 161 -13.19 54.35 -47.80
N THR D 162 -14.14 54.33 -46.88
CA THR D 162 -14.09 55.23 -45.73
C THR D 162 -13.92 54.35 -44.48
N LEU D 163 -13.02 54.74 -43.58
CA LEU D 163 -12.79 53.95 -42.38
C LEU D 163 -13.32 54.41 -41.04
N VAL D 164 -13.25 53.47 -40.11
CA VAL D 164 -13.61 53.69 -38.72
C VAL D 164 -12.44 52.97 -38.06
N PHE D 165 -11.77 53.69 -37.16
CA PHE D 165 -10.58 53.21 -36.50
C PHE D 165 -10.79 52.95 -35.03
N HIS D 166 -9.87 52.19 -34.45
CA HIS D 166 -9.90 51.91 -33.03
C HIS D 166 -11.22 51.40 -32.45
N LEU D 167 -11.75 50.35 -33.06
CA LEU D 167 -12.99 49.73 -32.60
C LEU D 167 -12.61 48.50 -31.77
N PRO D 168 -13.51 48.02 -30.90
CA PRO D 168 -13.24 46.85 -30.06
C PRO D 168 -13.34 45.59 -30.93
N SER D 169 -12.85 44.46 -30.44
CA SER D 169 -12.92 43.24 -31.21
C SER D 169 -14.30 42.62 -31.24
N SER D 170 -15.22 43.18 -30.46
CA SER D 170 -16.60 42.70 -30.46
C SER D 170 -17.55 43.80 -30.05
N LYS D 171 -18.66 43.90 -30.75
CA LYS D 171 -19.65 44.92 -30.44
C LYS D 171 -21.01 44.27 -30.39
N ASP D 172 -21.71 44.54 -29.29
CA ASP D 172 -23.06 44.09 -29.00
C ASP D 172 -23.97 44.53 -30.16
N GLN D 173 -23.92 45.83 -30.44
CA GLN D 173 -24.66 46.42 -31.53
C GLN D 173 -23.96 47.74 -31.78
N PHE D 174 -23.87 48.13 -33.04
CA PHE D 174 -23.18 49.37 -33.44
C PHE D 174 -23.92 49.91 -34.63
N GLU D 175 -24.39 51.14 -34.49
CA GLU D 175 -25.12 51.80 -35.56
C GLU D 175 -24.21 52.68 -36.39
N LEU D 176 -23.97 52.28 -37.63
CA LEU D 176 -23.16 53.03 -38.56
C LEU D 176 -24.23 53.88 -39.23
N CYS D 177 -23.99 55.16 -39.42
CA CYS D 177 -25.02 55.99 -40.04
C CYS D 177 -24.50 56.99 -41.05
N GLY D 178 -25.42 57.72 -41.70
CA GLY D 178 -25.04 58.69 -42.70
C GLY D 178 -24.89 58.04 -44.06
N LEU D 179 -25.32 56.79 -44.12
CA LEU D 179 -25.24 56.00 -45.33
C LEU D 179 -26.38 56.19 -46.32
N HIS D 180 -26.29 57.25 -47.11
CA HIS D 180 -27.26 57.55 -48.16
C HIS D 180 -26.37 58.10 -49.23
N GLN D 181 -26.14 57.28 -50.24
CA GLN D 181 -25.28 57.60 -51.36
C GLN D 181 -25.34 56.40 -52.30
N ALA D 182 -26.19 55.44 -51.92
CA ALA D 182 -26.40 54.19 -52.64
C ALA D 182 -27.38 53.35 -51.84
N PRO D 183 -28.07 52.38 -52.50
CA PRO D 183 -29.03 51.50 -51.81
C PRO D 183 -28.27 50.43 -51.00
N VAL D 184 -27.09 50.08 -51.49
CA VAL D 184 -26.28 49.08 -50.84
C VAL D 184 -24.85 49.52 -50.54
N TYR D 185 -24.35 49.04 -49.40
CA TYR D 185 -23.00 49.32 -48.95
C TYR D 185 -22.30 48.02 -48.68
N THR D 186 -21.00 48.03 -48.84
CA THR D 186 -20.15 46.91 -48.54
C THR D 186 -19.42 47.25 -47.24
N LEU D 187 -19.16 46.26 -46.41
CA LEU D 187 -18.45 46.51 -45.17
C LEU D 187 -17.51 45.35 -44.98
N GLN D 188 -16.34 45.61 -44.41
CA GLN D 188 -15.35 44.59 -44.14
C GLN D 188 -14.75 45.04 -42.84
N MET D 189 -14.10 44.12 -42.14
CA MET D 189 -13.50 44.47 -40.86
C MET D 189 -12.23 43.66 -40.69
N ARG D 190 -11.31 44.18 -39.89
CA ARG D 190 -10.05 43.48 -39.68
C ARG D 190 -9.57 43.91 -38.32
N CYS D 191 -8.80 43.06 -37.65
CA CYS D 191 -8.30 43.32 -36.32
C CYS D 191 -6.81 43.08 -36.20
N ILE D 192 -6.24 43.53 -35.09
CA ILE D 192 -4.81 43.35 -34.83
C ILE D 192 -4.65 43.34 -33.31
N ARG D 193 -3.63 42.62 -32.83
CA ARG D 193 -3.35 42.52 -31.39
C ARG D 193 -3.21 43.95 -30.88
N SER D 194 -3.88 44.25 -29.77
CA SER D 194 -3.91 45.58 -29.22
C SER D 194 -2.65 46.40 -29.04
N SER D 195 -1.78 46.04 -28.10
CA SER D 195 -0.60 46.86 -27.92
C SER D 195 0.69 46.07 -27.85
N LEU D 196 0.72 44.95 -28.56
CA LEU D 196 1.90 44.12 -28.56
C LEU D 196 2.10 43.72 -30.03
N PRO D 197 3.28 43.22 -30.38
CA PRO D 197 3.59 42.82 -31.74
C PRO D 197 2.57 41.87 -32.31
N GLY D 198 2.32 42.03 -33.61
CA GLY D 198 1.39 41.19 -34.37
C GLY D 198 0.98 41.84 -35.68
N PHE D 199 0.58 41.05 -36.66
CA PHE D 199 0.16 41.58 -37.95
C PHE D 199 -1.36 41.66 -38.01
N TRP D 200 -1.88 42.54 -38.89
CA TRP D 200 -3.32 42.68 -39.08
C TRP D 200 -3.91 41.40 -39.63
N SER D 201 -5.16 41.11 -39.30
CA SER D 201 -5.77 39.94 -39.88
C SER D 201 -6.18 40.40 -41.28
N PRO D 202 -6.56 39.46 -42.16
CA PRO D 202 -6.98 39.84 -43.50
C PRO D 202 -8.36 40.45 -43.31
N TRP D 203 -8.84 41.23 -44.27
CA TRP D 203 -10.17 41.84 -44.13
C TRP D 203 -11.23 40.76 -44.21
N SER D 204 -12.29 40.95 -43.45
CA SER D 204 -13.39 40.01 -43.48
C SER D 204 -14.06 40.14 -44.84
N PRO D 205 -14.74 39.08 -45.31
CA PRO D 205 -15.44 39.06 -46.59
C PRO D 205 -16.43 40.20 -46.69
N GLY D 206 -16.53 40.74 -47.91
CA GLY D 206 -17.42 41.85 -48.19
C GLY D 206 -18.77 41.54 -47.65
N LEU D 207 -19.48 42.55 -47.18
CA LEU D 207 -20.78 42.29 -46.62
C LEU D 207 -21.72 43.31 -47.22
N GLN D 208 -22.41 42.96 -48.30
CA GLN D 208 -23.37 43.90 -48.88
C GLN D 208 -24.49 44.07 -47.89
N LEU D 209 -24.82 45.31 -47.56
CA LEU D 209 -25.90 45.58 -46.63
C LEU D 209 -26.60 46.79 -47.18
N ARG D 210 -27.92 46.84 -46.99
CA ARG D 210 -28.70 47.97 -47.49
C ARG D 210 -29.05 48.93 -46.36
N PRO D 211 -28.41 50.11 -46.34
CA PRO D 211 -28.71 51.07 -45.28
C PRO D 211 -30.18 51.40 -45.33
N THR D 212 -30.81 51.45 -44.16
CA THR D 212 -32.23 51.74 -44.06
C THR D 212 -32.65 52.79 -45.07
N MET D 213 -33.26 52.33 -46.15
CA MET D 213 -33.73 53.21 -47.21
C MET D 213 -35.24 53.30 -47.02
N GLY E 5 -23.77 -45.98 41.62
CA GLY E 5 -23.35 -45.95 40.19
C GLY E 5 -21.92 -46.45 40.03
N PRO E 6 -21.15 -45.89 39.09
CA PRO E 6 -19.75 -46.28 38.84
C PRO E 6 -18.87 -46.29 40.08
N ALA E 7 -19.06 -45.33 41.00
CA ALA E 7 -18.26 -45.29 42.23
C ALA E 7 -18.41 -46.66 42.90
N SER E 8 -17.31 -47.22 43.37
CA SER E 8 -17.39 -48.53 43.96
C SER E 8 -16.32 -48.83 44.99
N SER E 9 -16.68 -49.75 45.88
CA SER E 9 -15.83 -50.20 46.95
C SER E 9 -14.85 -51.23 46.48
N LEU E 10 -15.00 -51.65 45.21
CA LEU E 10 -14.07 -52.63 44.64
C LEU E 10 -13.32 -52.06 43.43
N PRO E 11 -12.01 -52.30 43.38
CA PRO E 11 -11.18 -51.81 42.27
C PRO E 11 -11.72 -52.48 41.03
N GLN E 12 -11.80 -51.77 39.91
CA GLN E 12 -12.30 -52.38 38.69
C GLN E 12 -11.39 -53.49 38.20
N SER E 13 -10.11 -53.44 38.52
CA SER E 13 -9.23 -54.51 38.08
C SER E 13 -9.47 -55.80 38.87
N PHE E 14 -9.81 -55.67 40.16
CA PHE E 14 -10.10 -56.82 40.98
C PHE E 14 -11.29 -57.53 40.38
N LEU E 15 -12.36 -56.81 40.12
CA LEU E 15 -13.52 -57.43 39.51
C LEU E 15 -13.20 -58.10 38.17
N LEU E 16 -12.26 -57.54 37.42
CA LEU E 16 -11.90 -58.11 36.12
C LEU E 16 -11.09 -59.39 36.27
N LYS E 17 -10.13 -59.39 37.19
CA LYS E 17 -9.32 -60.57 37.46
C LYS E 17 -10.26 -61.65 37.96
N CYS E 18 -11.24 -61.30 38.80
CA CYS E 18 -12.24 -62.28 39.31
C CYS E 18 -13.01 -62.93 38.14
N LEU E 19 -13.48 -62.11 37.21
CA LEU E 19 -14.21 -62.58 36.06
C LEU E 19 -13.32 -63.48 35.21
N GLU E 20 -12.04 -63.20 35.20
CA GLU E 20 -11.14 -64.02 34.41
C GLU E 20 -10.93 -65.36 35.09
N GLN E 21 -11.02 -65.37 36.41
CA GLN E 21 -10.86 -66.61 37.17
C GLN E 21 -12.12 -67.47 37.05
N VAL E 22 -13.30 -66.85 36.96
CA VAL E 22 -14.52 -67.62 36.80
C VAL E 22 -14.47 -68.34 35.45
N ARG E 23 -14.13 -67.61 34.39
CA ARG E 23 -14.02 -68.22 33.06
C ARG E 23 -13.03 -69.37 33.05
N LYS E 24 -11.90 -69.19 33.72
CA LYS E 24 -10.86 -70.21 33.81
C LYS E 24 -11.36 -71.45 34.57
N ILE E 25 -11.97 -71.24 35.73
CA ILE E 25 -12.49 -72.37 36.48
C ILE E 25 -13.64 -73.03 35.70
N GLN E 26 -14.46 -72.25 35.02
CA GLN E 26 -15.55 -72.82 34.24
C GLN E 26 -15.05 -73.77 33.16
N GLY E 27 -13.83 -73.56 32.67
CA GLY E 27 -13.30 -74.44 31.64
C GLY E 27 -12.67 -75.65 32.27
N ASP E 28 -12.11 -75.47 33.45
CA ASP E 28 -11.49 -76.56 34.18
C ASP E 28 -12.59 -77.57 34.49
N GLY E 29 -13.67 -77.08 35.11
CA GLY E 29 -14.78 -77.93 35.46
C GLY E 29 -15.36 -78.57 34.22
N ALA E 30 -15.37 -77.84 33.12
CA ALA E 30 -15.88 -78.36 31.87
C ALA E 30 -14.94 -79.49 31.44
N ALA E 31 -13.64 -79.27 31.58
CA ALA E 31 -12.67 -80.30 31.22
C ALA E 31 -12.94 -81.56 32.08
N LEU E 32 -13.18 -81.35 33.38
CA LEU E 32 -13.48 -82.43 34.31
C LEU E 32 -14.75 -83.15 33.89
N GLN E 33 -15.83 -82.41 33.68
CA GLN E 33 -17.08 -83.02 33.28
C GLN E 33 -16.98 -83.72 31.91
N GLU E 34 -15.96 -83.43 31.13
CA GLU E 34 -15.84 -84.12 29.85
C GLU E 34 -15.18 -85.47 30.14
N LYS E 35 -14.17 -85.43 31.00
CA LYS E 35 -13.41 -86.61 31.40
C LYS E 35 -14.35 -87.68 31.99
N LEU E 36 -15.12 -87.30 33.02
CA LEU E 36 -16.09 -88.18 33.68
C LEU E 36 -17.15 -88.74 32.72
N CYS E 37 -17.47 -88.05 31.64
CA CYS E 37 -18.45 -88.58 30.72
C CYS E 37 -17.80 -89.43 29.63
N ALA E 38 -16.52 -89.19 29.36
CA ALA E 38 -15.84 -89.97 28.34
C ALA E 38 -15.28 -91.25 28.94
N THR E 39 -14.79 -91.14 30.17
CA THR E 39 -14.21 -92.26 30.88
C THR E 39 -15.30 -93.16 31.52
N TYR E 40 -16.18 -92.57 32.31
CA TYR E 40 -17.21 -93.32 33.02
C TYR E 40 -18.60 -93.16 32.49
N LYS E 41 -18.77 -92.70 31.26
CA LYS E 41 -20.12 -92.47 30.74
C LYS E 41 -21.14 -91.93 31.73
N LEU E 42 -20.69 -91.05 32.63
CA LEU E 42 -21.54 -90.38 33.62
C LEU E 42 -21.78 -88.97 33.05
N CYS E 43 -22.77 -88.81 32.17
CA CYS E 43 -22.99 -87.54 31.49
C CYS E 43 -24.12 -86.59 31.87
N HIS E 44 -25.05 -86.97 32.74
CA HIS E 44 -26.17 -86.10 33.05
C HIS E 44 -26.36 -86.06 34.55
N PRO E 45 -25.79 -85.04 35.20
CA PRO E 45 -25.89 -84.88 36.66
C PRO E 45 -27.32 -85.00 37.17
N GLU E 46 -28.28 -84.68 36.31
CA GLU E 46 -29.70 -84.75 36.67
C GLU E 46 -30.01 -86.09 37.31
N GLU E 47 -29.55 -87.15 36.64
CA GLU E 47 -29.74 -88.50 37.09
C GLU E 47 -29.29 -88.71 38.53
N LEU E 48 -28.28 -87.97 38.95
CA LEU E 48 -27.73 -88.11 40.30
C LEU E 48 -28.34 -87.20 41.34
N VAL E 49 -29.43 -86.54 40.96
CA VAL E 49 -30.11 -85.61 41.86
C VAL E 49 -30.25 -86.04 43.33
N LEU E 50 -30.87 -87.18 43.60
CA LEU E 50 -31.08 -87.63 44.96
C LEU E 50 -29.80 -87.90 45.70
N LEU E 51 -28.78 -88.40 45.00
CA LEU E 51 -27.48 -88.68 45.62
C LEU E 51 -26.95 -87.40 46.28
N GLY E 52 -27.45 -86.26 45.84
CA GLY E 52 -27.06 -84.99 46.44
C GLY E 52 -27.32 -85.06 47.93
N HIS E 53 -28.52 -85.49 48.35
CA HIS E 53 -28.87 -85.61 49.78
C HIS E 53 -28.16 -86.81 50.39
N SER E 54 -28.27 -87.95 49.70
CA SER E 54 -27.67 -89.20 50.16
C SER E 54 -26.20 -89.06 50.56
N LEU E 55 -25.45 -88.32 49.74
CA LEU E 55 -24.02 -88.09 49.94
C LEU E 55 -23.74 -86.89 50.84
N GLY E 56 -24.67 -85.95 50.89
CA GLY E 56 -24.50 -84.79 51.73
C GLY E 56 -23.73 -83.66 51.05
N ILE E 57 -23.92 -83.49 49.74
CA ILE E 57 -23.26 -82.42 48.99
C ILE E 57 -23.75 -81.04 49.43
N PRO E 58 -22.93 -80.29 50.19
CA PRO E 58 -23.36 -78.95 50.64
C PRO E 58 -23.43 -78.05 49.41
N TRP E 59 -24.44 -77.22 49.34
CA TRP E 59 -24.60 -76.31 48.22
C TRP E 59 -24.06 -74.94 48.70
N ALA E 60 -24.05 -73.95 47.82
CA ALA E 60 -23.58 -72.63 48.19
C ALA E 60 -24.50 -71.50 47.74
N PRO E 61 -24.96 -70.68 48.69
CA PRO E 61 -25.84 -69.54 48.48
C PRO E 61 -25.09 -68.29 48.05
N LEU E 62 -25.82 -67.36 47.49
CA LEU E 62 -25.25 -66.09 47.07
C LEU E 62 -26.37 -65.11 47.28
N SER E 63 -27.19 -65.38 48.28
CA SER E 63 -28.32 -64.56 48.61
C SER E 63 -27.94 -63.10 48.86
N SER E 64 -26.76 -62.88 49.44
CA SER E 64 -26.31 -61.52 49.70
C SER E 64 -25.82 -60.78 48.45
N CYS E 65 -25.71 -61.48 47.33
CA CYS E 65 -25.22 -60.87 46.10
C CYS E 65 -26.24 -60.08 45.27
N PRO E 66 -27.51 -60.51 45.24
CA PRO E 66 -28.46 -59.73 44.46
C PRO E 66 -28.86 -58.59 45.38
N SER E 67 -27.85 -57.86 45.83
CA SER E 67 -27.95 -56.71 46.73
C SER E 67 -26.53 -56.08 46.74
N GLN E 68 -26.28 -55.20 47.70
CA GLN E 68 -24.98 -54.53 47.82
C GLN E 68 -24.75 -53.49 46.72
N ALA E 69 -23.57 -52.85 46.74
CA ALA E 69 -23.18 -51.82 45.76
C ALA E 69 -21.84 -51.19 46.18
N LEU E 70 -21.93 -50.16 47.03
CA LEU E 70 -20.75 -49.50 47.57
C LEU E 70 -20.50 -50.25 48.87
N GLN E 71 -21.53 -50.97 49.32
CA GLN E 71 -21.47 -51.78 50.53
C GLN E 71 -21.64 -53.21 50.01
N LEU E 72 -20.57 -54.00 50.04
CA LEU E 72 -20.66 -55.37 49.52
C LEU E 72 -19.73 -56.41 50.14
N ALA E 73 -19.55 -56.40 51.45
CA ALA E 73 -18.69 -57.38 52.09
C ALA E 73 -19.48 -58.66 52.23
N GLY E 74 -20.80 -58.53 52.30
CA GLY E 74 -21.66 -59.70 52.43
C GLY E 74 -21.53 -60.58 51.22
N CYS E 75 -21.63 -59.97 50.04
CA CYS E 75 -21.50 -60.70 48.79
C CYS E 75 -20.07 -61.25 48.66
N LEU E 76 -19.08 -60.47 49.05
CA LEU E 76 -17.69 -60.93 48.99
C LEU E 76 -17.43 -62.09 49.93
N SER E 77 -18.17 -62.16 51.03
CA SER E 77 -18.02 -63.25 51.99
C SER E 77 -18.69 -64.53 51.54
N GLN E 78 -19.80 -64.39 50.80
CA GLN E 78 -20.48 -65.56 50.28
C GLN E 78 -19.64 -66.15 49.15
N LEU E 79 -19.18 -65.30 48.24
CA LEU E 79 -18.36 -65.72 47.12
C LEU E 79 -17.17 -66.53 47.65
N HIS E 80 -16.47 -65.97 48.62
CA HIS E 80 -15.32 -66.67 49.16
C HIS E 80 -15.67 -68.00 49.80
N SER E 81 -16.67 -67.99 50.69
CA SER E 81 -17.05 -69.19 51.40
C SER E 81 -17.60 -70.25 50.46
N GLY E 82 -18.27 -69.80 49.41
CA GLY E 82 -18.83 -70.69 48.41
C GLY E 82 -17.70 -71.37 47.71
N LEU E 83 -16.73 -70.58 47.28
CA LEU E 83 -15.58 -71.13 46.56
C LEU E 83 -14.78 -71.99 47.51
N PHE E 84 -14.74 -71.56 48.77
CA PHE E 84 -14.02 -72.29 49.81
C PHE E 84 -14.62 -73.66 50.05
N LEU E 85 -15.93 -73.76 49.87
CA LEU E 85 -16.63 -75.02 50.06
C LEU E 85 -16.33 -76.00 48.95
N TYR E 86 -16.43 -75.53 47.70
CA TYR E 86 -16.18 -76.41 46.57
C TYR E 86 -14.74 -76.83 46.53
N GLN E 87 -13.89 -76.04 47.14
CA GLN E 87 -12.49 -76.41 47.20
C GLN E 87 -12.41 -77.62 48.14
N GLY E 88 -13.23 -77.61 49.19
CA GLY E 88 -13.25 -78.72 50.14
C GLY E 88 -13.85 -80.00 49.58
N LEU E 89 -14.97 -79.87 48.89
CA LEU E 89 -15.64 -81.02 48.32
C LEU E 89 -14.74 -81.72 47.29
N LEU E 90 -14.09 -80.93 46.43
CA LEU E 90 -13.20 -81.50 45.42
C LEU E 90 -12.06 -82.25 46.10
N GLN E 91 -11.53 -81.73 47.21
CA GLN E 91 -10.46 -82.43 47.92
C GLN E 91 -11.01 -83.75 48.48
N ALA E 92 -12.25 -83.72 48.95
CA ALA E 92 -12.91 -84.89 49.50
C ALA E 92 -13.00 -86.06 48.52
N LEU E 93 -13.10 -85.76 47.23
CA LEU E 93 -13.21 -86.77 46.19
C LEU E 93 -11.90 -87.52 46.01
N GLU E 94 -10.89 -87.14 46.78
CA GLU E 94 -9.58 -87.76 46.72
C GLU E 94 -9.11 -88.10 45.30
N GLY E 95 -9.18 -87.11 44.41
CA GLY E 95 -8.73 -87.29 43.03
C GLY E 95 -9.57 -88.15 42.14
N ILE E 96 -10.67 -88.69 42.70
CA ILE E 96 -11.61 -89.58 42.00
C ILE E 96 -10.94 -90.88 41.56
N SER E 97 -9.99 -90.80 40.65
CA SER E 97 -9.30 -91.97 40.16
C SER E 97 -8.02 -91.51 39.49
N PRO E 98 -7.09 -92.44 39.23
CA PRO E 98 -5.83 -92.07 38.58
C PRO E 98 -6.01 -91.36 37.24
N GLU E 99 -6.96 -91.82 36.44
CA GLU E 99 -7.23 -91.20 35.13
C GLU E 99 -7.83 -89.78 35.25
N LEU E 100 -8.48 -89.50 36.37
CA LEU E 100 -9.09 -88.18 36.56
C LEU E 100 -8.32 -87.33 37.52
N GLY E 101 -7.37 -87.94 38.20
CA GLY E 101 -6.57 -87.22 39.16
C GLY E 101 -6.02 -85.89 38.67
N PRO E 102 -5.30 -85.87 37.53
CA PRO E 102 -4.76 -84.60 37.03
C PRO E 102 -5.82 -83.56 36.68
N THR E 103 -6.90 -83.98 36.03
CA THR E 103 -7.95 -83.03 35.70
C THR E 103 -8.55 -82.44 36.95
N LEU E 104 -8.94 -83.30 37.88
CA LEU E 104 -9.54 -82.80 39.11
C LEU E 104 -8.51 -81.93 39.86
N ASP E 105 -7.25 -82.32 39.86
CA ASP E 105 -6.24 -81.52 40.55
C ASP E 105 -6.14 -80.11 40.02
N THR E 106 -6.15 -79.96 38.70
CA THR E 106 -6.08 -78.64 38.07
C THR E 106 -7.22 -77.80 38.63
N LEU E 107 -8.43 -78.34 38.53
CA LEU E 107 -9.62 -77.66 39.00
C LEU E 107 -9.57 -77.23 40.46
N GLN E 108 -9.09 -78.08 41.37
CA GLN E 108 -9.04 -77.70 42.79
C GLN E 108 -7.99 -76.62 43.12
N LEU E 109 -6.85 -76.62 42.42
CA LEU E 109 -5.84 -75.57 42.66
C LEU E 109 -6.46 -74.24 42.27
N ASP E 110 -6.97 -74.16 41.04
CA ASP E 110 -7.63 -72.96 40.52
C ASP E 110 -8.67 -72.40 41.46
N VAL E 111 -9.55 -73.29 41.96
CA VAL E 111 -10.64 -72.91 42.87
C VAL E 111 -10.09 -72.41 44.18
N ALA E 112 -9.09 -73.11 44.70
CA ALA E 112 -8.48 -72.73 45.96
C ALA E 112 -7.85 -71.34 45.88
N ASP E 113 -7.07 -71.10 44.84
CA ASP E 113 -6.41 -69.81 44.67
C ASP E 113 -7.41 -68.68 44.45
N PHE E 114 -8.56 -68.98 43.83
CA PHE E 114 -9.63 -67.98 43.61
C PHE E 114 -10.21 -67.62 45.00
N ALA E 115 -10.37 -68.60 45.87
CA ALA E 115 -10.87 -68.30 47.20
C ALA E 115 -9.85 -67.38 47.91
N THR E 116 -8.59 -67.84 47.99
CA THR E 116 -7.48 -67.13 48.65
C THR E 116 -7.48 -65.67 48.24
N THR E 117 -7.50 -65.48 46.93
CA THR E 117 -7.53 -64.21 46.25
C THR E 117 -8.69 -63.31 46.66
N ILE E 118 -9.88 -63.87 46.87
CA ILE E 118 -11.02 -63.04 47.29
C ILE E 118 -10.82 -62.70 48.77
N TRP E 119 -10.21 -63.62 49.50
CA TRP E 119 -9.97 -63.38 50.90
C TRP E 119 -9.03 -62.20 51.09
N GLN E 120 -7.82 -62.34 50.57
CA GLN E 120 -6.78 -61.33 50.66
C GLN E 120 -7.20 -59.95 50.20
N GLN E 121 -8.13 -59.89 49.25
CA GLN E 121 -8.61 -58.60 48.77
C GLN E 121 -9.50 -58.03 49.87
N MET E 122 -10.38 -58.84 50.47
CA MET E 122 -11.26 -58.39 51.56
C MET E 122 -10.36 -57.84 52.67
N GLU E 123 -9.31 -58.58 53.00
CA GLU E 123 -8.33 -58.15 54.00
C GLU E 123 -7.87 -56.75 53.59
N GLU E 124 -7.20 -56.64 52.43
CA GLU E 124 -6.72 -55.35 51.92
C GLU E 124 -7.78 -54.26 52.07
N LEU E 125 -8.96 -54.47 51.51
CA LEU E 125 -10.03 -53.48 51.56
C LEU E 125 -10.58 -53.22 52.95
N GLY E 126 -10.09 -53.97 53.92
CA GLY E 126 -10.53 -53.81 55.28
C GLY E 126 -11.77 -54.64 55.59
N MET E 127 -12.45 -55.14 54.57
CA MET E 127 -13.67 -55.94 54.76
C MET E 127 -13.45 -57.18 55.64
N ALA E 128 -12.19 -57.44 55.98
CA ALA E 128 -11.80 -58.55 56.83
C ALA E 128 -12.13 -59.92 56.25
N ALA E 137 -18.25 -82.16 58.46
CA ALA E 137 -17.63 -81.16 57.54
C ALA E 137 -17.87 -81.59 56.09
N MET E 138 -16.88 -82.27 55.51
CA MET E 138 -16.98 -82.72 54.14
C MET E 138 -17.62 -84.10 54.06
N PRO E 139 -18.32 -84.40 52.94
CA PRO E 139 -18.98 -85.66 52.65
C PRO E 139 -17.99 -86.84 52.65
N ALA E 140 -18.50 -88.06 52.52
CA ALA E 140 -17.64 -89.22 52.54
C ALA E 140 -17.17 -89.83 51.22
N PHE E 141 -18.07 -89.97 50.25
CA PHE E 141 -17.73 -90.57 48.95
C PHE E 141 -16.87 -91.81 49.19
N ALA E 142 -17.48 -92.89 49.68
CA ALA E 142 -16.75 -94.11 50.02
C ALA E 142 -16.54 -95.21 48.96
N SER E 143 -16.54 -94.87 47.68
CA SER E 143 -16.32 -95.89 46.66
C SER E 143 -16.06 -95.29 45.31
N ALA E 144 -15.56 -96.11 44.39
CA ALA E 144 -15.30 -95.66 43.04
C ALA E 144 -16.50 -94.86 42.56
N PHE E 145 -17.66 -95.52 42.48
CA PHE E 145 -18.89 -94.88 42.01
C PHE E 145 -19.26 -93.65 42.81
N GLN E 146 -19.19 -93.74 44.13
CA GLN E 146 -19.56 -92.57 44.92
C GLN E 146 -18.65 -91.40 44.63
N ARG E 147 -17.38 -91.68 44.41
CA ARG E 147 -16.39 -90.65 44.08
C ARG E 147 -16.68 -90.09 42.68
N ARG E 148 -17.08 -90.96 41.76
CA ARG E 148 -17.39 -90.58 40.39
C ARG E 148 -18.68 -89.80 40.31
N ALA E 149 -19.67 -90.20 41.11
CA ALA E 149 -20.97 -89.55 41.15
C ALA E 149 -20.80 -88.23 41.91
N GLY E 150 -20.14 -88.30 43.06
CA GLY E 150 -19.89 -87.10 43.83
C GLY E 150 -19.13 -86.13 42.95
N GLY E 151 -18.23 -86.65 42.12
CA GLY E 151 -17.46 -85.81 41.23
C GLY E 151 -18.35 -85.08 40.25
N VAL E 152 -19.32 -85.79 39.68
CA VAL E 152 -20.26 -85.21 38.72
C VAL E 152 -21.22 -84.19 39.33
N LEU E 153 -21.60 -84.39 40.59
CA LEU E 153 -22.50 -83.48 41.25
C LEU E 153 -21.77 -82.21 41.70
N VAL E 154 -20.60 -82.36 42.31
CA VAL E 154 -19.84 -81.19 42.75
C VAL E 154 -19.45 -80.36 41.53
N ALA E 155 -19.05 -81.00 40.43
CA ALA E 155 -18.70 -80.21 39.25
C ALA E 155 -19.91 -79.39 38.79
N SER E 156 -21.10 -79.98 38.81
CA SER E 156 -22.27 -79.25 38.37
C SER E 156 -22.76 -78.22 39.40
N HIS E 157 -22.51 -78.43 40.69
CA HIS E 157 -22.93 -77.43 41.64
C HIS E 157 -21.98 -76.26 41.54
N LEU E 158 -20.73 -76.57 41.19
CA LEU E 158 -19.71 -75.54 41.04
C LEU E 158 -20.12 -74.73 39.83
N GLN E 159 -20.47 -75.39 38.73
CA GLN E 159 -20.87 -74.63 37.58
C GLN E 159 -22.07 -73.69 37.87
N SER E 160 -23.09 -74.13 38.58
CA SER E 160 -24.23 -73.23 38.83
C SER E 160 -23.76 -72.06 39.66
N PHE E 161 -22.97 -72.34 40.67
CA PHE E 161 -22.48 -71.29 41.53
C PHE E 161 -21.74 -70.23 40.73
N LEU E 162 -20.87 -70.69 39.82
CA LEU E 162 -20.07 -69.80 39.00
C LEU E 162 -20.88 -69.05 37.97
N GLU E 163 -21.93 -69.67 37.45
CA GLU E 163 -22.77 -69.03 36.46
C GLU E 163 -23.53 -67.87 37.14
N VAL E 164 -23.87 -68.04 38.41
CA VAL E 164 -24.57 -66.99 39.14
C VAL E 164 -23.54 -65.91 39.52
N SER E 165 -22.36 -66.32 39.95
CA SER E 165 -21.27 -65.40 40.31
C SER E 165 -20.87 -64.54 39.13
N TYR E 166 -20.81 -65.12 37.94
CA TYR E 166 -20.46 -64.37 36.75
C TYR E 166 -21.37 -63.16 36.63
N ARG E 167 -22.67 -63.36 36.83
CA ARG E 167 -23.63 -62.27 36.76
C ARG E 167 -23.35 -61.27 37.87
N VAL E 168 -23.29 -61.73 39.11
CA VAL E 168 -23.03 -60.84 40.24
C VAL E 168 -21.82 -59.95 39.92
N LEU E 169 -20.76 -60.57 39.43
CA LEU E 169 -19.56 -59.83 39.11
C LEU E 169 -19.74 -58.92 37.91
N ARG E 170 -20.29 -59.41 36.81
CA ARG E 170 -20.46 -58.54 35.67
C ARG E 170 -21.23 -57.29 36.11
N HIS E 171 -22.25 -57.49 36.92
CA HIS E 171 -23.05 -56.40 37.43
C HIS E 171 -22.18 -55.43 38.24
N LEU E 172 -21.36 -55.97 39.13
CA LEU E 172 -20.47 -55.14 39.95
C LEU E 172 -19.47 -54.37 39.09
N ALA E 173 -18.95 -55.01 38.05
CA ALA E 173 -17.97 -54.40 37.16
C ALA E 173 -18.58 -53.39 36.20
N GLN E 174 -19.90 -53.43 36.04
CA GLN E 174 -20.59 -52.49 35.16
C GLN E 174 -21.67 -51.70 35.91
N PRO E 175 -21.25 -50.81 36.82
CA PRO E 175 -22.22 -50.01 37.58
C PRO E 175 -22.38 -48.63 36.92
N ALA F 1 41.43 -63.15 36.37
CA ALA F 1 41.43 -63.67 37.78
C ALA F 1 39.98 -63.93 38.21
N GLY F 2 39.80 -64.42 39.44
CA GLY F 2 38.47 -64.68 39.94
C GLY F 2 37.87 -63.37 40.42
N TYR F 3 36.60 -63.12 40.11
CA TYR F 3 35.93 -61.91 40.54
C TYR F 3 34.63 -62.26 41.22
N PRO F 4 34.17 -61.42 42.17
CA PRO F 4 32.91 -61.74 42.83
C PRO F 4 31.77 -61.59 41.81
N PRO F 5 30.60 -62.20 42.10
CA PRO F 5 29.46 -62.11 41.18
C PRO F 5 28.92 -60.71 41.16
N ALA F 6 28.54 -60.26 39.97
CA ALA F 6 27.94 -58.94 39.78
C ALA F 6 26.43 -59.09 39.97
N SER F 7 25.78 -58.04 40.42
CA SER F 7 24.35 -58.12 40.59
C SER F 7 23.64 -58.33 39.26
N PRO F 8 22.92 -59.46 39.12
CA PRO F 8 22.16 -59.88 37.93
C PRO F 8 21.24 -58.79 37.44
N SER F 9 20.94 -58.76 36.15
CA SER F 9 20.03 -57.72 35.69
C SER F 9 19.18 -58.08 34.50
N ASN F 10 18.25 -57.18 34.20
CA ASN F 10 17.25 -57.34 33.15
C ASN F 10 16.46 -58.60 33.44
N LEU F 11 15.95 -58.70 34.66
CA LEU F 11 15.18 -59.88 35.08
C LEU F 11 13.76 -59.74 34.55
N SER F 12 13.34 -60.76 33.81
CA SER F 12 12.02 -60.78 33.20
C SER F 12 11.40 -62.14 33.43
N CYS F 13 10.09 -62.16 33.55
CA CYS F 13 9.39 -63.39 33.78
C CYS F 13 8.20 -63.44 32.84
N LEU F 14 7.89 -64.62 32.33
CA LEU F 14 6.77 -64.83 31.43
C LEU F 14 6.08 -66.07 31.94
N MET F 15 4.75 -65.98 32.02
CA MET F 15 3.91 -67.08 32.47
C MET F 15 3.56 -67.83 31.24
N HIS F 16 3.99 -69.08 31.14
CA HIS F 16 3.71 -69.89 29.96
C HIS F 16 2.53 -70.78 30.26
N LEU F 17 1.43 -70.62 29.52
CA LEU F 17 0.24 -71.43 29.75
C LEU F 17 0.42 -72.85 29.25
N THR F 18 1.32 -73.02 28.29
CA THR F 18 1.59 -74.33 27.71
C THR F 18 2.16 -75.23 28.79
N THR F 19 3.30 -74.82 29.34
CA THR F 19 3.97 -75.57 30.39
C THR F 19 3.35 -75.20 31.72
N ASN F 20 2.56 -74.14 31.70
CA ASN F 20 1.92 -73.69 32.92
C ASN F 20 2.93 -73.43 34.03
N SER F 21 3.90 -72.57 33.73
CA SER F 21 4.94 -72.18 34.69
C SER F 21 5.46 -70.79 34.36
N LEU F 22 5.94 -70.10 35.39
CA LEU F 22 6.49 -68.75 35.25
C LEU F 22 7.96 -68.96 34.94
N VAL F 23 8.43 -68.49 33.80
CA VAL F 23 9.83 -68.67 33.49
C VAL F 23 10.48 -67.29 33.53
N CYS F 24 11.53 -67.19 34.31
CA CYS F 24 12.24 -65.95 34.48
C CYS F 24 13.62 -66.07 33.91
N GLN F 25 14.17 -64.97 33.44
CA GLN F 25 15.52 -64.98 32.91
C GLN F 25 16.17 -63.65 33.27
N TRP F 26 17.49 -63.67 33.37
CA TRP F 26 18.26 -62.48 33.73
C TRP F 26 19.57 -62.54 32.95
N GLU F 27 20.35 -61.47 33.10
CA GLU F 27 21.66 -61.35 32.48
C GLU F 27 22.63 -61.25 33.66
N PRO F 28 23.54 -62.23 33.80
CA PRO F 28 24.53 -62.30 34.88
C PRO F 28 25.73 -61.34 34.86
N GLY F 29 25.97 -60.68 33.74
CA GLY F 29 27.09 -59.76 33.65
C GLY F 29 28.41 -60.44 33.32
N PRO F 30 29.55 -59.78 33.61
CA PRO F 30 30.91 -60.25 33.36
C PRO F 30 31.26 -61.58 33.92
N GLU F 31 32.09 -62.32 33.19
CA GLU F 31 32.56 -63.64 33.59
C GLU F 31 33.40 -63.51 34.85
N THR F 32 33.04 -64.26 35.88
CA THR F 32 33.76 -64.22 37.17
C THR F 32 34.95 -65.16 37.26
N HIS F 33 34.88 -66.27 36.54
CA HIS F 33 35.94 -67.26 36.52
C HIS F 33 35.90 -68.22 37.67
N LEU F 34 34.87 -68.08 38.51
CA LEU F 34 34.69 -68.97 39.66
C LEU F 34 33.38 -69.69 39.49
N PRO F 35 33.16 -70.82 40.18
CA PRO F 35 31.90 -71.58 40.08
C PRO F 35 30.87 -70.75 40.85
N THR F 36 30.10 -69.93 40.14
CA THR F 36 29.11 -69.09 40.81
C THR F 36 27.75 -69.69 40.55
N SER F 37 26.86 -69.57 41.54
CA SER F 37 25.53 -70.15 41.42
C SER F 37 24.49 -69.07 41.43
N PHE F 38 23.33 -69.40 40.86
CA PHE F 38 22.18 -68.49 40.78
C PHE F 38 20.91 -69.12 41.35
N ILE F 39 20.18 -68.31 42.11
CA ILE F 39 18.95 -68.77 42.72
C ILE F 39 17.80 -67.81 42.54
N LEU F 40 16.74 -68.29 41.93
CA LEU F 40 15.57 -67.47 41.74
C LEU F 40 14.86 -67.57 43.08
N LYS F 41 14.69 -66.43 43.73
CA LYS F 41 14.03 -66.35 45.02
C LYS F 41 12.80 -65.47 44.92
N SER F 42 11.73 -65.89 45.58
CA SER F 42 10.51 -65.10 45.57
C SER F 42 9.67 -65.37 46.81
N PHE F 43 8.68 -64.52 47.03
CA PHE F 43 7.74 -64.69 48.14
C PHE F 43 6.43 -64.07 47.79
N ARG F 44 5.35 -64.68 48.25
CA ARG F 44 4.02 -64.13 47.97
C ARG F 44 3.99 -62.76 48.61
N SER F 45 3.32 -61.80 48.00
CA SER F 45 3.26 -60.46 48.56
C SER F 45 1.93 -59.85 48.12
N ARG F 46 1.91 -58.53 47.97
CA ARG F 46 0.70 -57.83 47.54
C ARG F 46 1.20 -56.76 46.61
N ALA F 47 0.30 -55.90 46.13
CA ALA F 47 0.69 -54.84 45.23
C ALA F 47 1.83 -54.04 45.87
N ASP F 48 2.75 -53.57 45.04
CA ASP F 48 3.91 -52.80 45.50
C ASP F 48 4.86 -53.69 46.30
N CYS F 49 4.58 -54.99 46.31
CA CYS F 49 5.41 -55.97 47.01
C CYS F 49 6.13 -55.53 48.29
N GLN F 50 5.44 -54.76 49.14
CA GLN F 50 6.01 -54.35 50.41
C GLN F 50 5.71 -55.39 51.47
N TYR F 51 4.60 -56.12 51.25
CA TYR F 51 4.09 -57.16 52.13
C TYR F 51 4.87 -58.47 52.03
N GLN F 52 5.40 -58.93 53.16
CA GLN F 52 6.16 -60.17 53.16
C GLN F 52 5.25 -61.38 53.34
N GLY F 53 4.73 -61.92 52.24
CA GLY F 53 3.86 -63.08 52.34
C GLY F 53 4.64 -64.37 52.40
N ASP F 54 3.98 -65.50 52.19
CA ASP F 54 4.67 -66.76 52.26
C ASP F 54 5.84 -66.87 51.30
N THR F 55 6.89 -67.50 51.76
CA THR F 55 8.07 -67.72 50.96
C THR F 55 7.75 -68.75 49.87
N ILE F 56 8.32 -68.61 48.68
CA ILE F 56 8.10 -69.55 47.59
C ILE F 56 9.41 -70.28 47.44
N PRO F 57 9.38 -71.62 47.27
CA PRO F 57 10.57 -72.47 47.12
C PRO F 57 11.59 -71.96 46.12
N ASP F 58 12.86 -71.93 46.52
CA ASP F 58 13.97 -71.47 45.66
C ASP F 58 13.95 -72.26 44.37
N CYS F 59 14.55 -71.67 43.36
CA CYS F 59 14.63 -72.29 42.06
C CYS F 59 16.08 -72.08 41.68
N VAL F 60 16.88 -73.14 41.68
CA VAL F 60 18.29 -73.01 41.32
C VAL F 60 18.46 -73.24 39.85
N ALA F 61 19.12 -72.30 39.19
CA ALA F 61 19.34 -72.43 37.77
C ALA F 61 20.36 -73.53 37.48
N LYS F 62 20.18 -74.21 36.35
CA LYS F 62 21.11 -75.27 35.93
C LYS F 62 22.32 -74.50 35.45
N LYS F 63 23.48 -75.15 35.37
CA LYS F 63 24.68 -74.48 34.89
C LYS F 63 24.42 -73.97 33.46
N ARG F 64 24.97 -72.81 33.12
CA ARG F 64 24.78 -72.28 31.78
C ARG F 64 23.38 -71.80 31.46
N GLN F 65 22.49 -71.85 32.44
CA GLN F 65 21.13 -71.40 32.22
C GLN F 65 20.91 -70.09 32.95
N ASN F 66 20.64 -69.01 32.21
CA ASN F 66 20.40 -67.72 32.84
C ASN F 66 18.91 -67.51 32.98
N ASN F 67 18.25 -68.57 33.43
CA ASN F 67 16.82 -68.60 33.62
C ASN F 67 16.51 -69.73 34.58
N CYS F 68 15.32 -69.67 35.17
CA CYS F 68 14.84 -70.64 36.14
C CYS F 68 13.32 -70.54 36.06
N SER F 69 12.62 -71.64 36.30
CA SER F 69 11.15 -71.57 36.27
C SER F 69 10.48 -72.04 37.54
N ILE F 70 9.36 -71.42 37.84
CA ILE F 70 8.53 -71.72 39.00
C ILE F 70 7.26 -72.40 38.50
N PRO F 71 7.00 -73.65 38.92
CA PRO F 71 5.85 -74.45 38.53
C PRO F 71 4.56 -73.87 39.11
N ARG F 72 3.45 -74.04 38.38
CA ARG F 72 2.14 -73.55 38.80
C ARG F 72 1.83 -73.94 40.23
N LYS F 73 2.28 -75.13 40.61
CA LYS F 73 2.03 -75.65 41.95
C LYS F 73 2.64 -74.76 43.01
N ASN F 74 3.63 -73.95 42.66
CA ASN F 74 4.28 -73.04 43.62
C ASN F 74 3.74 -71.62 43.56
N LEU F 75 3.01 -71.30 42.50
CA LEU F 75 2.48 -69.96 42.32
C LEU F 75 1.07 -69.80 42.86
N LEU F 76 0.76 -68.58 43.27
CA LEU F 76 -0.58 -68.20 43.68
C LEU F 76 -0.86 -67.19 42.59
N LEU F 77 -1.62 -67.61 41.59
CA LEU F 77 -1.98 -66.75 40.48
C LEU F 77 -2.97 -65.69 40.97
N TYR F 78 -2.94 -64.52 40.34
CA TYR F 78 -3.78 -63.37 40.67
C TYR F 78 -3.53 -62.66 41.99
N GLN F 79 -2.25 -62.66 42.39
CA GLN F 79 -1.78 -61.96 43.58
C GLN F 79 -0.35 -61.63 43.17
N TYR F 80 0.24 -60.59 43.76
CA TYR F 80 1.61 -60.19 43.45
C TYR F 80 2.62 -61.05 44.17
N MET F 81 3.85 -61.06 43.67
CA MET F 81 4.92 -61.82 44.29
C MET F 81 6.18 -61.07 43.95
N ALA F 82 7.14 -61.12 44.87
CA ALA F 82 8.43 -60.47 44.72
C ALA F 82 9.42 -61.52 44.24
N ILE F 83 10.18 -61.20 43.19
CA ILE F 83 11.17 -62.11 42.62
C ILE F 83 12.51 -61.40 42.41
N TRP F 84 13.58 -62.11 42.70
CA TRP F 84 14.93 -61.59 42.51
C TRP F 84 15.86 -62.76 42.32
N VAL F 85 17.03 -62.47 41.78
CA VAL F 85 18.04 -63.48 41.52
C VAL F 85 19.22 -63.21 42.43
N GLN F 86 19.80 -64.27 42.95
CA GLN F 86 20.97 -64.14 43.80
C GLN F 86 22.11 -64.97 43.20
N ALA F 87 23.24 -64.31 42.99
CA ALA F 87 24.43 -64.94 42.42
C ALA F 87 25.42 -65.02 43.56
N GLU F 88 26.29 -66.01 43.51
CA GLU F 88 27.29 -66.15 44.55
C GLU F 88 28.39 -67.18 44.29
N ASN F 89 29.62 -66.78 44.65
CA ASN F 89 30.78 -67.66 44.55
C ASN F 89 31.67 -67.37 45.76
N MET F 90 32.78 -68.11 45.88
CA MET F 90 33.71 -67.95 47.00
C MET F 90 34.11 -66.52 47.32
N LEU F 91 34.11 -65.65 46.31
CA LEU F 91 34.49 -64.26 46.53
C LEU F 91 33.35 -63.30 46.81
N GLY F 92 32.13 -63.82 46.91
CA GLY F 92 31.00 -62.93 47.17
C GLY F 92 29.65 -63.39 46.62
N SER F 93 28.73 -62.44 46.61
CA SER F 93 27.36 -62.63 46.14
C SER F 93 26.66 -61.30 45.90
N SER F 94 25.69 -61.29 45.02
CA SER F 94 24.94 -60.07 44.69
C SER F 94 23.49 -60.49 44.49
N GLU F 95 22.61 -59.52 44.25
CA GLU F 95 21.19 -59.82 44.03
C GLU F 95 20.63 -58.83 43.04
N SER F 96 19.61 -59.23 42.32
CA SER F 96 19.01 -58.29 41.38
C SER F 96 17.98 -57.56 42.19
N PRO F 97 17.53 -56.41 41.70
CA PRO F 97 16.50 -55.69 42.45
C PRO F 97 15.25 -56.60 42.41
N LYS F 98 14.26 -56.32 43.26
CA LYS F 98 13.07 -57.12 43.27
C LYS F 98 12.08 -56.72 42.22
N LEU F 99 11.53 -57.73 41.57
CA LEU F 99 10.53 -57.56 40.54
C LEU F 99 9.20 -57.85 41.23
N CYS F 100 8.20 -57.03 40.99
CA CYS F 100 6.96 -57.25 41.64
C CYS F 100 5.88 -57.62 40.63
N LEU F 101 5.47 -58.87 40.57
CA LEU F 101 4.41 -59.19 39.61
C LEU F 101 3.36 -60.20 40.04
N ASP F 102 2.28 -60.22 39.28
CA ASP F 102 1.19 -61.15 39.47
C ASP F 102 1.47 -62.01 38.23
N PRO F 103 1.80 -63.30 38.40
CA PRO F 103 2.08 -64.12 37.22
C PRO F 103 1.11 -64.00 36.05
N MET F 104 -0.14 -63.76 36.33
CA MET F 104 -1.12 -63.63 35.26
C MET F 104 -1.06 -62.32 34.48
N ASP F 105 -0.12 -61.45 34.82
CA ASP F 105 0.03 -60.16 34.15
C ASP F 105 1.17 -60.24 33.14
N VAL F 106 1.87 -61.37 33.13
CA VAL F 106 2.97 -61.56 32.22
C VAL F 106 2.80 -62.82 31.41
N LYS F 108 2.33 -64.98 28.12
CA LYS F 108 2.82 -65.00 26.74
C LYS F 108 1.74 -65.61 25.85
N LEU F 109 1.17 -64.76 24.99
CA LEU F 109 0.13 -65.14 24.03
C LEU F 109 0.67 -65.51 22.65
N GLU F 110 -0.06 -66.40 21.99
CA GLU F 110 0.26 -66.82 20.64
C GLU F 110 -0.92 -66.30 19.82
N PRO F 111 -0.70 -65.95 18.54
CA PRO F 111 -1.74 -65.40 17.67
C PRO F 111 -3.06 -66.16 17.61
N PRO F 112 -4.14 -65.46 17.29
CA PRO F 112 -5.44 -66.12 17.22
C PRO F 112 -5.46 -66.99 15.97
N MET F 113 -6.35 -67.99 15.94
CA MET F 113 -6.47 -68.88 14.80
C MET F 113 -7.41 -68.26 13.80
N LEU F 114 -6.84 -67.61 12.78
CA LEU F 114 -7.58 -66.93 11.72
C LEU F 114 -7.71 -67.78 10.47
N GLN F 115 -8.92 -68.02 10.02
CA GLN F 115 -9.12 -68.82 8.82
C GLN F 115 -10.13 -68.21 7.88
N ALA F 116 -9.96 -68.51 6.59
CA ALA F 116 -10.84 -68.03 5.53
C ALA F 116 -12.02 -68.97 5.47
N LEU F 117 -13.00 -68.62 4.65
CA LEU F 117 -14.20 -69.44 4.48
C LEU F 117 -14.64 -69.23 3.06
N ASP F 118 -15.18 -70.26 2.43
CA ASP F 118 -15.70 -70.06 1.09
C ASP F 118 -17.19 -69.94 1.37
N ILE F 119 -17.58 -68.76 1.85
CA ILE F 119 -18.96 -68.49 2.16
C ILE F 119 -19.64 -68.18 0.85
N GLY F 120 -18.93 -67.43 0.01
CA GLY F 120 -19.47 -67.07 -1.28
C GLY F 120 -20.73 -66.24 -1.16
N PRO F 121 -21.13 -65.59 -2.25
CA PRO F 121 -22.35 -64.78 -2.20
C PRO F 121 -23.44 -65.53 -2.94
N ASP F 122 -23.12 -66.76 -3.32
CA ASP F 122 -24.01 -67.64 -4.10
C ASP F 122 -24.22 -66.99 -5.48
N HIS F 126 -23.19 -63.63 -6.95
CA HIS F 126 -21.95 -63.12 -6.28
C HIS F 126 -21.69 -61.62 -6.45
N GLN F 127 -21.35 -60.97 -5.33
CA GLN F 127 -21.00 -59.56 -5.26
C GLN F 127 -19.45 -59.60 -5.27
N PRO F 128 -18.78 -58.63 -5.94
CA PRO F 128 -17.32 -58.56 -6.06
C PRO F 128 -16.49 -57.87 -4.97
N GLY F 129 -15.28 -58.37 -4.78
CA GLY F 129 -14.35 -57.84 -3.80
C GLY F 129 -14.61 -58.18 -2.35
N CYS F 130 -15.12 -59.39 -2.08
CA CYS F 130 -15.42 -59.83 -0.70
C CYS F 130 -14.59 -61.01 -0.24
N LEU F 131 -14.49 -61.14 1.08
CA LEU F 131 -13.79 -62.21 1.78
C LEU F 131 -14.61 -62.46 3.04
N TRP F 132 -14.58 -63.70 3.51
CA TRP F 132 -15.27 -63.99 4.74
C TRP F 132 -14.19 -64.65 5.56
N LEU F 133 -14.06 -64.23 6.83
CA LEU F 133 -13.03 -64.80 7.70
C LEU F 133 -13.69 -65.22 8.98
N SER F 134 -12.97 -66.04 9.75
CA SER F 134 -13.39 -66.47 11.08
C SER F 134 -12.13 -66.62 11.89
N TRP F 135 -12.24 -66.44 13.19
CA TRP F 135 -11.09 -66.60 14.06
C TRP F 135 -11.51 -66.98 15.48
N LYS F 136 -10.62 -67.72 16.14
CA LYS F 136 -10.80 -68.18 17.50
C LYS F 136 -9.48 -67.84 18.14
N PRO F 137 -9.47 -67.58 19.44
CA PRO F 137 -8.22 -67.24 20.12
C PRO F 137 -7.38 -68.47 20.35
N TRP F 138 -6.13 -68.23 20.68
CA TRP F 138 -5.20 -69.29 20.97
C TRP F 138 -5.83 -70.07 22.15
N LYS F 139 -6.14 -71.35 21.90
CA LYS F 139 -6.80 -72.23 22.87
C LYS F 139 -6.35 -72.15 24.31
N PRO F 140 -5.05 -72.33 24.57
CA PRO F 140 -4.61 -72.26 25.96
C PRO F 140 -5.04 -70.97 26.68
N SER F 141 -5.37 -69.93 25.92
CA SER F 141 -5.76 -68.63 26.51
C SER F 141 -7.24 -68.26 26.36
N GLU F 142 -8.08 -69.17 25.89
CA GLU F 142 -9.46 -68.83 25.71
C GLU F 142 -10.28 -68.40 26.92
N TYR F 143 -9.73 -68.43 28.14
CA TYR F 143 -10.50 -68.00 29.29
C TYR F 143 -10.32 -66.50 29.58
N MET F 144 -9.32 -65.88 28.97
CA MET F 144 -9.11 -64.46 29.18
C MET F 144 -9.72 -63.66 28.04
N GLU F 145 -10.51 -62.62 28.34
CA GLU F 145 -11.12 -61.83 27.28
C GLU F 145 -10.02 -61.04 26.63
N GLN F 146 -10.03 -60.99 25.31
CA GLN F 146 -9.03 -60.25 24.58
C GLN F 146 -9.65 -59.57 23.39
N GLU F 147 -8.95 -58.57 22.88
CA GLU F 147 -9.43 -57.86 21.71
C GLU F 147 -8.35 -58.04 20.66
N CYS F 148 -8.76 -57.99 19.40
CA CYS F 148 -7.82 -58.20 18.33
C CYS F 148 -7.77 -57.12 17.27
N GLU F 149 -6.66 -57.09 16.54
CA GLU F 149 -6.46 -56.17 15.43
C GLU F 149 -6.29 -57.03 14.18
N LEU F 150 -6.91 -56.62 13.08
CA LEU F 150 -6.74 -57.31 11.80
C LEU F 150 -6.09 -56.32 10.87
N ARG F 151 -5.09 -56.75 10.10
CA ARG F 151 -4.41 -55.86 9.13
C ARG F 151 -4.41 -56.56 7.80
N TYR F 152 -4.76 -55.85 6.74
CA TYR F 152 -4.75 -56.46 5.42
C TYR F 152 -4.20 -55.50 4.39
N GLN F 153 -3.85 -56.04 3.24
CA GLN F 153 -3.33 -55.20 2.17
C GLN F 153 -3.35 -55.97 0.89
N PRO F 154 -3.49 -55.26 -0.25
CA PRO F 154 -3.51 -55.93 -1.54
C PRO F 154 -2.05 -56.13 -1.88
N GLN F 155 -1.75 -57.20 -2.61
CA GLN F 155 -0.38 -57.45 -3.00
C GLN F 155 -0.06 -56.51 -4.13
N LEU F 156 0.48 -55.34 -3.77
CA LEU F 156 0.81 -54.29 -4.72
C LEU F 156 2.15 -53.60 -4.55
N LYS F 157 2.27 -52.46 -5.22
CA LYS F 157 3.46 -51.64 -5.20
C LYS F 157 3.44 -50.80 -3.93
N GLY F 158 4.15 -51.28 -2.91
CA GLY F 158 4.18 -50.56 -1.65
C GLY F 158 2.77 -50.30 -1.13
N ALA F 159 1.96 -51.35 -1.18
CA ALA F 159 0.59 -51.28 -0.71
C ALA F 159 0.82 -51.17 0.79
N ASN F 160 -0.05 -50.45 1.48
CA ASN F 160 0.13 -50.29 2.90
C ASN F 160 -0.96 -51.07 3.62
N TRP F 161 -0.69 -51.41 4.87
CA TRP F 161 -1.64 -52.14 5.69
C TRP F 161 -2.89 -51.32 6.00
N THR F 162 -4.06 -51.95 6.04
CA THR F 162 -5.29 -51.26 6.42
C THR F 162 -5.61 -51.96 7.71
N LEU F 163 -5.96 -51.20 8.73
CA LEU F 163 -6.21 -51.79 10.02
C LEU F 163 -7.60 -51.75 10.53
N VAL F 164 -7.95 -52.74 11.32
CA VAL F 164 -9.25 -52.85 11.95
C VAL F 164 -8.94 -53.14 13.42
N PHE F 165 -9.26 -52.19 14.29
CA PHE F 165 -8.98 -52.31 15.70
C PHE F 165 -10.18 -52.70 16.57
N HIS F 166 -9.85 -53.05 17.82
CA HIS F 166 -10.83 -53.42 18.83
C HIS F 166 -11.82 -54.46 18.34
N LEU F 167 -11.32 -55.53 17.74
CA LEU F 167 -12.14 -56.62 17.23
C LEU F 167 -12.35 -57.64 18.32
N PRO F 168 -13.45 -58.41 18.25
CA PRO F 168 -13.68 -59.43 19.28
C PRO F 168 -12.67 -60.58 19.08
N SER F 169 -12.44 -61.38 20.13
CA SER F 169 -11.46 -62.48 20.06
C SER F 169 -11.90 -63.69 19.29
N SER F 170 -13.19 -63.74 18.98
CA SER F 170 -13.79 -64.84 18.21
C SER F 170 -14.82 -64.26 17.29
N LYS F 171 -14.91 -64.80 16.09
CA LYS F 171 -15.87 -64.33 15.10
C LYS F 171 -16.12 -65.53 14.19
N ASP F 172 -17.36 -65.96 14.12
CA ASP F 172 -17.68 -67.09 13.30
C ASP F 172 -17.66 -66.75 11.84
N GLN F 173 -18.08 -65.54 11.48
CA GLN F 173 -18.10 -65.13 10.07
C GLN F 173 -17.90 -63.65 10.09
N PHE F 174 -16.94 -63.16 9.33
CA PHE F 174 -16.66 -61.73 9.29
C PHE F 174 -16.49 -61.38 7.82
N GLU F 175 -17.41 -60.55 7.32
CA GLU F 175 -17.39 -60.13 5.93
C GLU F 175 -16.53 -58.91 5.76
N LEU F 176 -15.70 -58.93 4.75
CA LEU F 176 -14.82 -57.84 4.46
C LEU F 176 -14.99 -57.72 2.94
N CYS F 177 -15.59 -56.61 2.49
CA CYS F 177 -15.84 -56.41 1.08
C CYS F 177 -15.21 -55.13 0.58
N GLY F 178 -15.32 -54.91 -0.73
CA GLY F 178 -14.77 -53.71 -1.33
C GLY F 178 -13.26 -53.82 -1.50
N LEU F 179 -12.76 -55.05 -1.48
CA LEU F 179 -11.33 -55.27 -1.66
C LEU F 179 -11.15 -55.36 -3.17
N HIS F 180 -10.84 -54.23 -3.81
CA HIS F 180 -10.69 -54.22 -5.27
C HIS F 180 -9.32 -53.99 -5.87
N GLN F 181 -8.36 -53.51 -5.08
CA GLN F 181 -7.02 -53.22 -5.61
C GLN F 181 -6.13 -54.35 -6.09
N ALA F 182 -6.56 -55.59 -5.96
CA ALA F 182 -5.73 -56.70 -6.42
C ALA F 182 -6.52 -57.97 -6.29
N PRO F 183 -6.05 -59.03 -6.93
CA PRO F 183 -6.71 -60.33 -6.88
C PRO F 183 -6.37 -61.11 -5.61
N VAL F 184 -5.31 -60.71 -4.94
CA VAL F 184 -4.93 -61.42 -3.74
C VAL F 184 -4.57 -60.44 -2.64
N TYR F 185 -5.08 -60.69 -1.44
CA TYR F 185 -4.79 -59.86 -0.29
C TYR F 185 -4.09 -60.71 0.75
N THR F 186 -3.44 -60.04 1.69
CA THR F 186 -2.75 -60.71 2.80
C THR F 186 -3.33 -60.24 4.12
N LEU F 187 -3.92 -61.14 4.90
CA LEU F 187 -4.51 -60.75 6.17
C LEU F 187 -3.78 -61.36 7.34
N GLN F 188 -3.74 -60.64 8.45
CA GLN F 188 -3.09 -61.11 9.67
C GLN F 188 -3.82 -60.55 10.86
N MET F 189 -3.82 -61.29 11.96
CA MET F 189 -4.52 -60.83 13.14
C MET F 189 -3.65 -61.07 14.34
N ARG F 190 -3.79 -60.23 15.36
CA ARG F 190 -3.04 -60.41 16.61
C ARG F 190 -3.99 -60.05 17.73
N CYS F 191 -3.76 -60.56 18.95
CA CYS F 191 -4.65 -60.25 20.05
C CYS F 191 -3.92 -59.82 21.29
N ILE F 192 -4.63 -59.18 22.21
CA ILE F 192 -4.05 -58.74 23.48
C ILE F 192 -5.09 -58.85 24.58
N ARG F 193 -4.64 -59.08 25.81
CA ARG F 193 -5.54 -59.20 26.96
C ARG F 193 -6.29 -57.90 27.10
N SER F 194 -7.61 -58.03 27.20
CA SER F 194 -8.49 -56.90 27.31
C SER F 194 -8.65 -56.34 28.70
N SER F 195 -8.44 -55.04 28.83
CA SER F 195 -8.61 -54.34 30.09
C SER F 195 -7.64 -54.64 31.21
N LEU F 196 -6.72 -55.57 31.01
CA LEU F 196 -5.77 -55.88 32.07
C LEU F 196 -4.36 -55.96 31.49
N PRO F 197 -3.34 -55.90 32.33
CA PRO F 197 -2.00 -55.98 31.77
C PRO F 197 -1.72 -57.21 30.91
N GLY F 198 -1.07 -56.98 29.78
CA GLY F 198 -0.69 -58.06 28.89
C GLY F 198 -0.02 -57.51 27.66
N PHE F 199 0.73 -58.34 26.94
CA PHE F 199 1.40 -57.87 25.73
C PHE F 199 0.68 -58.42 24.50
N TRP F 200 0.84 -57.75 23.36
CA TRP F 200 0.23 -58.19 22.12
C TRP F 200 0.89 -59.49 21.77
N SER F 201 0.17 -60.37 21.10
CA SER F 201 0.77 -61.63 20.66
C SER F 201 1.44 -61.34 19.34
N PRO F 202 2.20 -62.29 18.82
CA PRO F 202 2.79 -61.91 17.53
C PRO F 202 1.65 -62.02 16.50
N TRP F 203 1.82 -61.43 15.31
CA TRP F 203 0.77 -61.52 14.29
C TRP F 203 0.67 -62.94 13.76
N SER F 204 -0.53 -63.44 13.54
CA SER F 204 -0.69 -64.77 12.97
C SER F 204 -0.01 -64.72 11.59
N PRO F 205 0.44 -65.87 11.07
CA PRO F 205 1.11 -65.91 9.75
C PRO F 205 0.14 -65.46 8.66
N GLY F 206 0.63 -64.64 7.75
CA GLY F 206 -0.25 -64.10 6.72
C GLY F 206 -1.02 -65.02 5.82
N LEU F 207 -2.32 -64.76 5.68
CA LEU F 207 -3.20 -65.52 4.79
C LEU F 207 -3.14 -64.79 3.45
N GLN F 208 -3.28 -65.53 2.35
CA GLN F 208 -3.31 -64.97 1.01
C GLN F 208 -4.68 -65.37 0.51
N LEU F 209 -5.59 -64.41 0.39
CA LEU F 209 -6.94 -64.75 -0.05
C LEU F 209 -7.29 -64.00 -1.32
N ARG F 210 -8.20 -64.57 -2.08
CA ARG F 210 -8.66 -63.94 -3.29
C ARG F 210 -10.08 -63.43 -3.04
N PRO F 211 -10.30 -62.12 -3.15
CA PRO F 211 -11.67 -61.67 -2.93
C PRO F 211 -12.52 -62.22 -4.08
N THR F 212 -13.81 -61.98 -4.07
CA THR F 212 -14.69 -62.47 -5.12
C THR F 212 -14.44 -61.84 -6.47
N MET F 213 -14.70 -62.61 -7.54
CA MET F 213 -14.58 -62.20 -8.94
C MET F 213 -13.17 -62.24 -9.56
N SER G 8 -12.95 -51.25 14.58
CA SER G 8 -12.81 -49.80 14.33
C SER G 8 -11.53 -49.40 13.59
N SER G 9 -11.63 -48.33 12.82
CA SER G 9 -10.55 -47.79 12.01
C SER G 9 -9.54 -46.95 12.76
N LEU G 10 -9.95 -46.41 13.89
CA LEU G 10 -9.09 -45.56 14.71
C LEU G 10 -8.77 -46.14 16.08
N PRO G 11 -7.52 -45.95 16.53
CA PRO G 11 -6.96 -46.40 17.80
C PRO G 11 -7.69 -45.65 18.88
N GLN G 12 -8.19 -46.35 19.89
CA GLN G 12 -8.91 -45.64 20.93
C GLN G 12 -8.11 -44.63 21.72
N SER G 13 -6.81 -44.82 21.81
CA SER G 13 -5.99 -43.88 22.57
C SER G 13 -5.76 -42.59 21.82
N PHE G 14 -5.98 -42.62 20.50
CA PHE G 14 -5.81 -41.44 19.69
C PHE G 14 -7.05 -40.62 19.92
N LEU G 15 -8.21 -41.22 19.86
CA LEU G 15 -9.45 -40.48 20.09
C LEU G 15 -9.47 -39.92 21.52
N LEU G 16 -8.88 -40.64 22.46
CA LEU G 16 -8.82 -40.21 23.85
C LEU G 16 -7.95 -38.97 23.99
N LYS G 17 -6.80 -38.95 23.32
CA LYS G 17 -5.93 -37.77 23.34
C LYS G 17 -6.63 -36.61 22.59
N CYS G 18 -7.32 -36.91 21.50
CA CYS G 18 -8.02 -35.87 20.72
C CYS G 18 -9.01 -35.13 21.58
N LEU G 19 -9.80 -35.89 22.34
CA LEU G 19 -10.81 -35.34 23.24
C LEU G 19 -10.20 -34.47 24.34
N GLU G 20 -8.96 -34.77 24.67
CA GLU G 20 -8.28 -34.01 25.69
C GLU G 20 -7.76 -32.70 25.09
N GLN G 21 -7.20 -32.74 23.88
CA GLN G 21 -6.71 -31.54 23.22
C GLN G 21 -7.89 -30.59 22.94
N VAL G 22 -9.03 -31.13 22.52
CA VAL G 22 -10.17 -30.28 22.31
C VAL G 22 -10.45 -29.51 23.61
N ARG G 23 -10.53 -30.21 24.73
CA ARG G 23 -10.80 -29.56 26.02
C ARG G 23 -9.72 -28.55 26.40
N LYS G 24 -8.47 -28.97 26.35
CA LYS G 24 -7.36 -28.09 26.67
C LYS G 24 -7.50 -26.79 25.87
N ILE G 25 -7.80 -26.91 24.57
CA ILE G 25 -7.97 -25.77 23.67
C ILE G 25 -9.20 -24.92 24.02
N GLN G 26 -10.26 -25.56 24.49
CA GLN G 26 -11.47 -24.84 24.90
C GLN G 26 -11.07 -24.06 26.15
N GLY G 27 -10.11 -24.60 26.87
CA GLY G 27 -9.66 -23.91 28.06
C GLY G 27 -8.83 -22.70 27.70
N ASP G 28 -7.98 -22.83 26.68
CA ASP G 28 -7.12 -21.73 26.25
C ASP G 28 -7.93 -20.59 25.64
N GLY G 29 -8.93 -20.95 24.85
CA GLY G 29 -9.79 -19.96 24.21
C GLY G 29 -10.64 -19.22 25.23
N ALA G 30 -11.05 -19.90 26.29
CA ALA G 30 -11.84 -19.27 27.32
C ALA G 30 -10.95 -18.34 28.10
N ALA G 31 -9.65 -18.66 28.14
CA ALA G 31 -8.67 -17.84 28.83
C ALA G 31 -8.53 -16.55 28.03
N LEU G 32 -8.34 -16.67 26.72
CA LEU G 32 -8.22 -15.53 25.81
C LEU G 32 -9.48 -14.64 25.94
N GLN G 33 -10.65 -15.19 25.73
CA GLN G 33 -11.84 -14.40 25.85
C GLN G 33 -11.91 -13.77 27.24
N GLU G 34 -11.48 -14.47 28.28
CA GLU G 34 -11.54 -13.85 29.60
C GLU G 34 -10.60 -12.64 29.64
N LYS G 35 -9.44 -12.78 29.01
CA LYS G 35 -8.42 -11.73 28.96
C LYS G 35 -8.82 -10.46 28.15
N LEU G 36 -9.55 -10.65 27.05
CA LEU G 36 -9.99 -9.55 26.21
C LEU G 36 -11.04 -8.74 26.95
N CYS G 37 -11.85 -9.45 27.72
CA CYS G 37 -12.89 -8.83 28.47
C CYS G 37 -12.31 -8.06 29.67
N ALA G 38 -11.37 -8.67 30.36
CA ALA G 38 -10.74 -8.04 31.51
C ALA G 38 -9.84 -6.90 31.12
N THR G 39 -9.21 -7.02 29.96
CA THR G 39 -8.28 -6.02 29.48
C THR G 39 -8.86 -4.88 28.59
N TYR G 40 -9.99 -5.12 27.93
CA TYR G 40 -10.54 -4.14 27.02
C TYR G 40 -12.04 -4.02 27.09
N LYS G 41 -12.64 -4.67 28.07
CA LYS G 41 -14.09 -4.64 28.22
C LYS G 41 -14.86 -5.10 26.98
N LEU G 42 -14.23 -5.97 26.17
CA LEU G 42 -14.86 -6.59 25.00
C LEU G 42 -15.37 -7.87 25.65
N CYS G 43 -16.64 -7.89 25.99
CA CYS G 43 -17.18 -9.02 26.73
C CYS G 43 -18.40 -9.76 26.21
N HIS G 44 -18.78 -9.52 24.97
CA HIS G 44 -19.95 -10.19 24.43
C HIS G 44 -19.79 -10.22 22.95
N PRO G 45 -19.20 -11.28 22.39
CA PRO G 45 -19.00 -11.39 20.95
C PRO G 45 -20.29 -11.17 20.17
N GLU G 46 -21.44 -11.28 20.83
CA GLU G 46 -22.71 -11.04 20.16
C GLU G 46 -22.66 -9.61 19.64
N GLU G 47 -22.08 -8.71 20.43
CA GLU G 47 -21.93 -7.31 20.06
C GLU G 47 -20.93 -7.03 18.94
N LEU G 48 -19.91 -7.89 18.79
CA LEU G 48 -18.88 -7.76 17.74
C LEU G 48 -19.25 -8.44 16.42
N VAL G 49 -20.26 -9.30 16.45
CA VAL G 49 -20.72 -10.07 15.27
C VAL G 49 -20.60 -9.39 13.91
N LEU G 50 -21.22 -8.22 13.79
CA LEU G 50 -21.25 -7.47 12.53
C LEU G 50 -19.90 -7.03 12.01
N LEU G 51 -18.92 -6.91 12.90
CA LEU G 51 -17.55 -6.55 12.52
C LEU G 51 -16.86 -7.79 11.93
N GLY G 52 -17.46 -8.97 12.16
CA GLY G 52 -16.92 -10.19 11.62
C GLY G 52 -16.92 -10.06 10.12
N HIS G 53 -17.98 -9.43 9.60
CA HIS G 53 -18.16 -9.15 8.17
C HIS G 53 -16.92 -8.41 7.72
N SER G 54 -16.81 -7.20 8.25
CA SER G 54 -15.73 -6.27 7.97
C SER G 54 -14.40 -6.98 7.95
N LEU G 55 -14.03 -7.49 9.11
CA LEU G 55 -12.77 -8.20 9.33
C LEU G 55 -12.54 -9.33 8.33
N GLY G 56 -13.60 -10.07 8.05
CA GLY G 56 -13.49 -11.20 7.12
C GLY G 56 -13.04 -12.49 7.79
N ILE G 57 -13.56 -12.75 8.98
CA ILE G 57 -13.23 -13.95 9.73
C ILE G 57 -14.02 -15.09 9.10
N PRO G 58 -13.33 -16.10 8.56
CA PRO G 58 -14.08 -17.21 7.97
C PRO G 58 -14.69 -18.11 9.05
N TRP G 59 -15.40 -19.14 8.62
CA TRP G 59 -16.03 -20.07 9.53
C TRP G 59 -15.75 -21.49 9.06
N ALA G 60 -14.96 -22.23 9.85
CA ALA G 60 -14.63 -23.61 9.52
C ALA G 60 -15.91 -24.41 9.55
N PRO G 61 -16.34 -24.93 8.38
CA PRO G 61 -17.56 -25.73 8.23
C PRO G 61 -17.32 -27.22 8.33
N LEU G 62 -17.88 -27.84 9.38
CA LEU G 62 -17.74 -29.28 9.57
C LEU G 62 -18.75 -30.02 8.69
N SER G 63 -18.73 -29.70 7.39
CA SER G 63 -19.59 -30.27 6.34
C SER G 63 -20.28 -31.55 6.76
N SER G 64 -21.44 -31.38 7.39
CA SER G 64 -22.30 -32.45 7.90
C SER G 64 -21.54 -33.76 8.11
N CYS G 65 -20.58 -33.77 9.02
CA CYS G 65 -19.83 -35.00 9.23
C CYS G 65 -19.90 -35.63 10.59
N PRO G 66 -20.99 -36.37 10.88
CA PRO G 66 -21.07 -37.03 12.18
C PRO G 66 -20.26 -38.32 12.06
N SER G 67 -20.05 -38.75 10.81
CA SER G 67 -19.29 -39.94 10.49
C SER G 67 -18.55 -39.72 9.17
N GLN G 71 -17.37 -40.36 6.56
CA GLN G 71 -16.05 -40.93 6.14
C GLN G 71 -14.99 -40.37 7.08
N LEU G 72 -14.48 -41.19 8.00
CA LEU G 72 -13.46 -40.72 8.94
C LEU G 72 -12.35 -40.02 8.19
N ALA G 73 -11.84 -40.67 7.14
CA ALA G 73 -10.78 -40.09 6.31
C ALA G 73 -11.23 -38.69 5.92
N GLY G 74 -12.54 -38.56 5.66
CA GLY G 74 -13.13 -37.28 5.29
C GLY G 74 -13.48 -36.33 6.44
N CYS G 75 -13.93 -36.85 7.58
CA CYS G 75 -14.29 -35.99 8.70
C CYS G 75 -13.07 -35.65 9.54
N LEU G 76 -12.21 -36.62 9.80
CA LEU G 76 -11.01 -36.35 10.57
C LEU G 76 -10.25 -35.31 9.76
N SER G 77 -10.41 -35.31 8.45
CA SER G 77 -9.71 -34.30 7.65
C SER G 77 -10.43 -32.96 7.70
N GLN G 78 -11.76 -32.98 7.87
CA GLN G 78 -12.50 -31.74 7.99
C GLN G 78 -12.05 -31.13 9.33
N LEU G 79 -11.79 -31.98 10.30
CA LEU G 79 -11.33 -31.55 11.61
C LEU G 79 -9.97 -30.88 11.48
N HIS G 80 -9.05 -31.52 10.80
CA HIS G 80 -7.74 -30.94 10.64
C HIS G 80 -7.77 -29.66 9.86
N SER G 81 -8.62 -29.54 8.84
CA SER G 81 -8.61 -28.28 8.08
C SER G 81 -9.23 -27.15 8.89
N GLY G 82 -10.29 -27.44 9.62
CA GLY G 82 -10.87 -26.41 10.45
C GLY G 82 -9.78 -25.87 11.34
N LEU G 83 -9.10 -26.76 12.03
CA LEU G 83 -8.02 -26.38 12.93
C LEU G 83 -6.94 -25.63 12.19
N PHE G 84 -6.58 -26.13 11.02
CA PHE G 84 -5.53 -25.50 10.27
C PHE G 84 -5.89 -24.06 9.92
N LEU G 85 -7.18 -23.79 9.73
CA LEU G 85 -7.67 -22.46 9.39
C LEU G 85 -7.61 -21.53 10.58
N TYR G 86 -8.01 -22.02 11.75
CA TYR G 86 -8.00 -21.22 12.95
C TYR G 86 -6.61 -20.90 13.41
N GLN G 87 -5.64 -21.75 13.11
CA GLN G 87 -4.29 -21.43 13.53
C GLN G 87 -3.77 -20.37 12.58
N GLY G 88 -4.46 -20.22 11.46
CA GLY G 88 -4.09 -19.21 10.48
C GLY G 88 -4.64 -17.87 10.96
N LEU G 89 -5.93 -17.85 11.26
CA LEU G 89 -6.57 -16.65 11.76
C LEU G 89 -5.85 -16.15 13.02
N LEU G 90 -5.55 -17.06 13.95
CA LEU G 90 -4.87 -16.68 15.19
C LEU G 90 -3.46 -16.15 14.92
N GLN G 91 -2.87 -16.58 13.81
CA GLN G 91 -1.54 -16.12 13.45
C GLN G 91 -1.68 -14.68 12.98
N ALA G 92 -2.71 -14.46 12.17
CA ALA G 92 -3.05 -13.17 11.60
C ALA G 92 -3.20 -12.07 12.68
N LEU G 93 -3.79 -12.43 13.82
CA LEU G 93 -4.00 -11.52 14.91
C LEU G 93 -2.68 -10.93 15.43
N GLU G 94 -1.57 -11.30 14.82
CA GLU G 94 -0.25 -10.82 15.21
C GLU G 94 -0.02 -10.54 16.70
N GLY G 95 -0.53 -11.39 17.60
CA GLY G 95 -0.30 -11.21 19.03
C GLY G 95 -1.35 -10.43 19.78
N ILE G 96 -2.13 -9.66 19.02
CA ILE G 96 -3.20 -8.79 19.55
C ILE G 96 -2.61 -7.56 20.24
N SER G 97 -1.73 -7.78 21.21
CA SER G 97 -1.09 -6.70 21.94
C SER G 97 -0.27 -7.34 23.04
N PRO G 98 0.75 -6.65 23.54
CA PRO G 98 1.59 -7.19 24.61
C PRO G 98 0.85 -7.81 25.78
N GLU G 99 -0.21 -7.19 26.25
CA GLU G 99 -0.94 -7.76 27.38
C GLU G 99 -1.55 -9.10 27.01
N LEU G 100 -1.79 -9.30 25.71
CA LEU G 100 -2.40 -10.54 25.25
C LEU G 100 -1.53 -11.59 24.57
N GLY G 101 -0.40 -11.17 24.03
CA GLY G 101 0.49 -12.09 23.36
C GLY G 101 0.64 -13.43 24.04
N PRO G 102 1.02 -13.48 25.32
CA PRO G 102 1.16 -14.79 25.95
C PRO G 102 -0.10 -15.65 25.91
N THR G 103 -1.24 -15.12 26.35
CA THR G 103 -2.49 -15.88 26.33
C THR G 103 -2.81 -16.37 24.93
N LEU G 104 -2.71 -15.47 23.97
CA LEU G 104 -2.98 -15.87 22.60
C LEU G 104 -1.98 -16.92 22.12
N ASP G 105 -0.71 -16.75 22.42
CA ASP G 105 0.34 -17.67 21.97
C ASP G 105 0.09 -19.07 22.50
N THR G 106 -0.50 -19.14 23.69
CA THR G 106 -0.81 -20.44 24.28
C THR G 106 -1.88 -21.07 23.42
N LEU G 107 -2.98 -20.38 23.26
CA LEU G 107 -4.07 -20.87 22.44
C LEU G 107 -3.57 -21.31 21.08
N GLN G 108 -2.68 -20.52 20.49
CA GLN G 108 -2.14 -20.79 19.16
C GLN G 108 -1.32 -22.10 19.08
N LEU G 109 -0.33 -22.25 19.95
CA LEU G 109 0.50 -23.45 20.00
C LEU G 109 -0.36 -24.71 20.19
N ASP G 110 -1.37 -24.60 21.04
CA ASP G 110 -2.25 -25.70 21.28
C ASP G 110 -3.11 -26.05 20.07
N VAL G 111 -3.51 -25.08 19.26
CA VAL G 111 -4.29 -25.37 18.06
C VAL G 111 -3.31 -25.95 17.06
N ALA G 112 -2.08 -25.45 17.08
CA ALA G 112 -1.08 -25.93 16.15
C ALA G 112 -0.76 -27.41 16.37
N ASP G 113 -0.53 -27.81 17.62
CA ASP G 113 -0.22 -29.20 17.93
C ASP G 113 -1.37 -30.15 17.54
N PHE G 114 -2.59 -29.83 17.96
CA PHE G 114 -3.74 -30.65 17.63
C PHE G 114 -3.84 -30.86 16.13
N ALA G 115 -3.58 -29.84 15.34
CA ALA G 115 -3.63 -29.98 13.89
C ALA G 115 -2.57 -31.00 13.48
N THR G 116 -1.35 -30.83 13.97
CA THR G 116 -0.23 -31.74 13.67
C THR G 116 -0.56 -33.18 14.03
N THR G 117 -0.86 -33.39 15.30
CA THR G 117 -1.25 -34.66 15.85
C THR G 117 -2.26 -35.34 14.93
N ILE G 118 -3.37 -34.68 14.62
CA ILE G 118 -4.38 -35.27 13.75
C ILE G 118 -3.78 -35.63 12.43
N TRP G 119 -2.92 -34.74 11.92
CA TRP G 119 -2.30 -34.97 10.63
C TRP G 119 -1.39 -36.19 10.64
N GLN G 120 -0.64 -36.40 11.72
CA GLN G 120 0.27 -37.54 11.83
C GLN G 120 -0.47 -38.84 11.94
N GLN G 121 -1.58 -38.84 12.67
CA GLN G 121 -2.34 -40.05 12.81
C GLN G 121 -2.88 -40.44 11.45
N MET G 122 -3.51 -39.50 10.75
CA MET G 122 -4.05 -39.74 9.41
C MET G 122 -2.99 -40.33 8.49
N GLU G 123 -1.78 -39.79 8.52
CA GLU G 123 -0.73 -40.32 7.66
C GLU G 123 -0.37 -41.74 8.05
N GLU G 124 -0.24 -42.01 9.34
CA GLU G 124 0.11 -43.36 9.76
C GLU G 124 -1.03 -44.35 9.49
N LEU G 125 -2.24 -43.86 9.24
CA LEU G 125 -3.34 -44.75 8.94
C LEU G 125 -3.65 -44.71 7.45
N GLY G 126 -2.88 -43.96 6.69
CA GLY G 126 -3.13 -43.84 5.27
C GLY G 126 -4.46 -43.14 5.02
N MET G 127 -4.90 -42.33 5.98
CA MET G 127 -6.15 -41.61 5.89
C MET G 127 -6.00 -40.15 5.49
N ALA G 128 -4.77 -39.69 5.32
CA ALA G 128 -4.51 -38.29 4.98
C ALA G 128 -5.00 -37.92 3.58
N PRO G 129 -5.55 -36.70 3.43
CA PRO G 129 -6.08 -36.20 2.16
C PRO G 129 -5.00 -36.25 1.10
N ALA G 130 -5.38 -36.68 -0.10
CA ALA G 130 -4.42 -36.77 -1.20
C ALA G 130 -3.75 -35.42 -1.32
N LEU G 131 -4.55 -34.37 -1.44
CA LEU G 131 -4.00 -33.04 -1.56
C LEU G 131 -3.72 -32.51 -0.15
N GLN G 132 -2.50 -32.05 0.08
CA GLN G 132 -2.15 -31.54 1.41
C GLN G 132 -2.51 -30.06 1.54
N PRO G 133 -3.07 -29.66 2.70
CA PRO G 133 -3.51 -28.31 3.06
C PRO G 133 -2.45 -27.23 3.05
N THR G 134 -2.80 -26.10 2.47
CA THR G 134 -1.95 -24.92 2.39
C THR G 134 -2.76 -23.81 3.00
N GLN G 135 -2.11 -22.98 3.82
CA GLN G 135 -2.80 -21.87 4.48
C GLN G 135 -3.41 -20.92 3.47
N GLY G 136 -4.54 -20.32 3.85
CA GLY G 136 -5.23 -19.40 2.97
C GLY G 136 -4.89 -17.93 3.15
N ALA G 137 -5.65 -17.10 2.46
CA ALA G 137 -5.49 -15.65 2.53
C ALA G 137 -6.12 -15.21 3.83
N MET G 138 -5.26 -14.98 4.81
CA MET G 138 -5.72 -14.58 6.12
C MET G 138 -6.28 -13.15 6.13
N PRO G 139 -7.35 -12.94 6.91
CA PRO G 139 -8.06 -11.68 7.07
C PRO G 139 -7.19 -10.52 7.44
N ALA G 140 -7.69 -9.32 7.13
CA ALA G 140 -6.98 -8.09 7.41
C ALA G 140 -7.34 -7.58 8.81
N PHE G 141 -6.45 -7.85 9.74
CA PHE G 141 -6.64 -7.40 11.09
C PHE G 141 -5.66 -6.27 11.16
N ALA G 142 -6.01 -5.18 10.46
CA ALA G 142 -5.18 -4.00 10.36
C ALA G 142 -4.91 -3.27 11.66
N SER G 143 -5.94 -2.67 12.25
CA SER G 143 -5.75 -1.92 13.48
C SER G 143 -5.83 -2.70 14.78
N ALA G 144 -5.33 -2.09 15.84
CA ALA G 144 -5.39 -2.66 17.18
C ALA G 144 -6.81 -3.13 17.48
N PHE G 145 -7.80 -2.30 17.19
CA PHE G 145 -9.17 -2.70 17.47
C PHE G 145 -9.59 -3.91 16.64
N GLN G 146 -9.08 -3.99 15.43
CA GLN G 146 -9.42 -5.10 14.57
C GLN G 146 -8.84 -6.39 15.12
N ARG G 147 -7.60 -6.31 15.59
CA ARG G 147 -6.92 -7.42 16.19
C ARG G 147 -7.61 -7.90 17.47
N ARG G 148 -8.10 -6.98 18.30
CA ARG G 148 -8.81 -7.34 19.55
C ARG G 148 -10.19 -7.89 19.25
N ALA G 149 -10.95 -7.20 18.42
CA ALA G 149 -12.27 -7.70 18.06
C ALA G 149 -12.08 -8.96 17.20
N GLY G 150 -10.97 -9.04 16.45
CA GLY G 150 -10.69 -10.23 15.65
C GLY G 150 -10.47 -11.36 16.65
N GLY G 151 -9.70 -11.07 17.70
CA GLY G 151 -9.43 -12.01 18.76
C GLY G 151 -10.71 -12.50 19.42
N VAL G 152 -11.66 -11.63 19.69
CA VAL G 152 -12.90 -12.08 20.31
C VAL G 152 -13.70 -12.98 19.38
N LEU G 153 -13.78 -12.62 18.10
CA LEU G 153 -14.56 -13.39 17.12
C LEU G 153 -13.96 -14.74 16.76
N VAL G 154 -12.70 -14.74 16.33
CA VAL G 154 -12.01 -15.97 15.96
C VAL G 154 -12.14 -16.98 17.07
N ALA G 155 -11.89 -16.54 18.29
CA ALA G 155 -12.01 -17.40 19.45
C ALA G 155 -13.43 -17.94 19.65
N SER G 156 -14.45 -17.16 19.29
CA SER G 156 -15.83 -17.64 19.46
C SER G 156 -16.21 -18.62 18.36
N HIS G 157 -15.56 -18.46 17.21
CA HIS G 157 -15.78 -19.33 16.07
C HIS G 157 -15.15 -20.66 16.42
N LEU G 158 -13.89 -20.58 16.84
CA LEU G 158 -13.12 -21.75 17.23
C LEU G 158 -13.90 -22.52 18.27
N GLN G 159 -14.44 -21.81 19.25
CA GLN G 159 -15.19 -22.45 20.32
C GLN G 159 -16.42 -23.22 19.87
N SER G 160 -17.18 -22.71 18.91
CA SER G 160 -18.34 -23.48 18.50
C SER G 160 -17.87 -24.68 17.68
N PHE G 161 -16.75 -24.50 16.97
CA PHE G 161 -16.16 -25.54 16.14
C PHE G 161 -15.78 -26.71 17.03
N LEU G 162 -15.14 -26.43 18.14
CA LEU G 162 -14.71 -27.47 19.05
C LEU G 162 -15.87 -28.03 19.85
N GLU G 163 -16.99 -27.31 19.88
CA GLU G 163 -18.13 -27.81 20.63
C GLU G 163 -18.72 -28.94 19.78
N VAL G 164 -18.70 -28.79 18.45
CA VAL G 164 -19.20 -29.82 17.53
C VAL G 164 -18.18 -30.96 17.42
N SER G 165 -16.92 -30.59 17.20
CA SER G 165 -15.86 -31.57 17.13
C SER G 165 -15.89 -32.51 18.32
N TYR G 166 -16.08 -31.97 19.51
CA TYR G 166 -16.09 -32.81 20.69
C TYR G 166 -17.19 -33.83 20.58
N ARG G 167 -18.32 -33.42 20.01
CA ARG G 167 -19.45 -34.33 19.84
C ARG G 167 -19.12 -35.49 18.90
N VAL G 168 -18.64 -35.20 17.69
CA VAL G 168 -18.33 -36.28 16.77
C VAL G 168 -17.25 -37.21 17.36
N LEU G 169 -16.20 -36.63 17.95
CA LEU G 169 -15.13 -37.42 18.55
C LEU G 169 -15.59 -38.21 19.77
N ARG G 170 -16.40 -37.61 20.62
CA ARG G 170 -16.84 -38.33 21.81
C ARG G 170 -17.64 -39.55 21.37
N HIS G 171 -18.35 -39.44 20.25
CA HIS G 171 -19.14 -40.58 19.77
C HIS G 171 -18.26 -41.76 19.37
N LEU G 172 -17.26 -41.49 18.55
CA LEU G 172 -16.33 -42.51 18.13
C LEU G 172 -15.71 -43.08 19.40
N ALA G 173 -14.93 -42.27 20.09
CA ALA G 173 -14.26 -42.70 21.30
C ALA G 173 -15.25 -43.03 22.40
N GLN G 174 -15.59 -44.30 22.54
CA GLN G 174 -16.50 -44.67 23.60
C GLN G 174 -15.69 -45.18 24.80
N PRO G 175 -15.47 -44.30 25.79
CA PRO G 175 -14.71 -44.63 27.01
C PRO G 175 -15.41 -45.71 27.85
N TYR H 3 37.74 -35.46 36.43
CA TYR H 3 38.13 -36.70 35.69
C TYR H 3 36.94 -37.08 34.82
N PRO H 4 37.08 -38.10 33.96
CA PRO H 4 35.95 -38.47 33.12
C PRO H 4 34.67 -38.58 33.93
N PRO H 5 33.58 -37.95 33.44
CA PRO H 5 32.27 -37.97 34.09
C PRO H 5 31.59 -39.29 33.83
N ALA H 6 30.90 -39.81 34.84
CA ALA H 6 30.18 -41.08 34.70
C ALA H 6 28.81 -40.80 34.10
N SER H 7 28.31 -41.74 33.30
CA SER H 7 27.00 -41.59 32.68
C SER H 7 25.92 -41.29 33.73
N PRO H 8 25.19 -40.17 33.55
CA PRO H 8 24.13 -39.80 34.49
C PRO H 8 23.04 -40.88 34.49
N SER H 9 22.26 -40.93 35.57
CA SER H 9 21.23 -41.94 35.66
C SER H 9 19.91 -41.52 36.30
N ASN H 10 18.94 -42.42 36.19
CA ASN H 10 17.62 -42.23 36.73
C ASN H 10 17.04 -40.91 36.27
N LEU H 11 17.13 -40.66 34.97
CA LEU H 11 16.59 -39.47 34.36
C LEU H 11 15.08 -39.65 34.34
N SER H 12 14.35 -38.67 34.88
CA SER H 12 12.90 -38.73 34.90
C SER H 12 12.44 -37.39 34.36
N CYS H 13 11.22 -37.35 33.81
CA CYS H 13 10.67 -36.09 33.29
C CYS H 13 9.19 -35.95 33.63
N LEU H 14 8.80 -34.73 34.01
CA LEU H 14 7.42 -34.41 34.35
C LEU H 14 6.94 -33.12 33.70
N MET H 15 5.72 -33.13 33.20
CA MET H 15 5.14 -31.96 32.56
C MET H 15 4.47 -31.12 33.61
N HIS H 16 5.06 -29.98 33.92
CA HIS H 16 4.52 -29.08 34.92
C HIS H 16 3.59 -28.08 34.29
N LEU H 17 2.30 -28.23 34.54
CA LEU H 17 1.29 -27.35 33.97
C LEU H 17 1.38 -25.93 34.52
N THR H 18 1.88 -25.78 35.73
CA THR H 18 2.05 -24.48 36.37
C THR H 18 2.99 -23.62 35.56
N THR H 19 4.16 -24.15 35.27
CA THR H 19 5.17 -23.43 34.49
C THR H 19 5.07 -23.77 33.02
N ASN H 20 4.20 -24.71 32.68
CA ASN H 20 4.03 -25.13 31.31
C ASN H 20 5.37 -25.53 30.72
N SER H 21 6.07 -26.44 31.39
CA SER H 21 7.37 -26.89 30.92
C SER H 21 7.70 -28.31 31.38
N LEU H 22 8.39 -29.05 30.51
CA LEU H 22 8.82 -30.41 30.75
C LEU H 22 10.06 -30.31 31.64
N VAL H 23 9.93 -30.66 32.91
CA VAL H 23 11.06 -30.59 33.83
C VAL H 23 11.70 -31.94 34.03
N CYS H 24 12.96 -32.04 33.65
CA CYS H 24 13.73 -33.27 33.78
C CYS H 24 14.82 -33.19 34.85
N GLN H 25 15.15 -34.33 35.43
CA GLN H 25 16.16 -34.42 36.46
C GLN H 25 16.86 -35.77 36.29
N TRP H 26 18.15 -35.79 36.59
CA TRP H 26 18.99 -36.99 36.45
C TRP H 26 19.85 -37.11 37.70
N GLU H 27 20.51 -38.26 37.83
CA GLU H 27 21.43 -38.55 38.93
C GLU H 27 22.80 -38.36 38.30
N PRO H 28 23.53 -37.32 38.69
CA PRO H 28 24.86 -36.98 38.18
C PRO H 28 25.94 -38.02 38.40
N GLY H 29 25.68 -38.95 39.32
CA GLY H 29 26.63 -40.01 39.60
C GLY H 29 27.90 -39.54 40.32
N PRO H 30 28.84 -40.48 40.57
CA PRO H 30 30.12 -40.23 41.24
C PRO H 30 30.75 -38.92 40.82
N GLU H 31 30.81 -37.96 41.74
CA GLU H 31 31.42 -36.66 41.48
C GLU H 31 32.84 -36.89 40.94
N THR H 32 33.28 -36.05 40.00
CA THR H 32 34.61 -36.17 39.41
C THR H 32 35.45 -34.94 39.75
N THR H 36 32.83 -29.83 34.98
CA THR H 36 31.80 -30.61 34.24
C THR H 36 30.61 -29.71 33.98
N SER H 37 29.64 -30.22 33.23
CA SER H 37 28.44 -29.50 32.90
C SER H 37 27.47 -30.54 32.39
N PHE H 38 26.18 -30.28 32.55
CA PHE H 38 25.17 -31.21 32.08
C PHE H 38 24.23 -30.49 31.17
N ILE H 39 23.97 -31.12 30.04
CA ILE H 39 23.09 -30.56 29.03
C ILE H 39 22.00 -31.57 28.69
N LEU H 40 20.77 -31.20 29.02
CA LEU H 40 19.62 -32.01 28.72
C LEU H 40 19.44 -31.78 27.24
N LYS H 41 19.53 -32.87 26.48
CA LYS H 41 19.40 -32.79 25.04
C LYS H 41 18.26 -33.66 24.57
N SER H 42 17.53 -33.17 23.59
CA SER H 42 16.40 -33.89 23.04
C SER H 42 16.25 -33.64 21.55
N PHE H 43 15.33 -34.38 20.95
CA PHE H 43 15.01 -34.22 19.54
C PHE H 43 13.59 -34.67 19.32
N ARG H 44 12.85 -33.90 18.53
CA ARG H 44 11.48 -34.26 18.21
C ARG H 44 11.58 -35.63 17.55
N SER H 45 10.54 -36.45 17.64
CA SER H 45 10.58 -37.77 17.04
C SER H 45 9.18 -38.36 16.94
N ARG H 46 9.04 -39.59 16.49
CA ARG H 46 7.75 -40.23 16.41
C ARG H 46 7.89 -41.35 17.44
N ALA H 47 6.88 -42.21 17.62
CA ALA H 47 6.95 -43.27 18.65
C ALA H 47 8.21 -44.15 18.66
N ASP H 48 8.56 -44.62 19.85
CA ASP H 48 9.74 -45.46 20.06
C ASP H 48 11.01 -44.65 19.84
N CYS H 49 10.86 -43.38 19.56
CA CYS H 49 11.98 -42.50 19.31
C CYS H 49 13.01 -43.00 18.31
N GLN H 50 12.53 -43.76 17.32
CA GLN H 50 13.35 -44.28 16.23
C GLN H 50 13.56 -43.15 15.18
N TYR H 51 12.52 -42.33 14.98
CA TYR H 51 12.49 -41.18 14.04
C TYR H 51 13.40 -40.05 14.54
N GLN H 52 14.39 -39.67 13.74
CA GLN H 52 15.33 -38.62 14.15
C GLN H 52 14.82 -37.23 13.74
N GLY H 53 13.84 -36.71 14.49
CA GLY H 53 13.26 -35.40 14.19
C GLY H 53 14.11 -34.21 14.56
N ASP H 54 13.47 -33.04 14.60
CA ASP H 54 14.18 -31.81 14.89
C ASP H 54 14.88 -31.71 16.22
N THR H 55 15.94 -30.92 16.26
CA THR H 55 16.71 -30.73 17.48
C THR H 55 16.07 -29.69 18.38
N ILE H 56 15.55 -30.15 19.49
CA ILE H 56 14.96 -29.27 20.47
C ILE H 56 16.18 -28.54 21.03
N PRO H 57 16.12 -27.22 21.07
CA PRO H 57 17.23 -26.43 21.59
C PRO H 57 17.72 -26.99 22.91
N ASP H 58 19.04 -27.05 23.07
CA ASP H 58 19.65 -27.56 24.30
C ASP H 58 19.37 -26.79 25.59
N CYS H 59 19.05 -27.54 26.63
CA CYS H 59 18.81 -26.94 27.93
C CYS H 59 20.03 -27.30 28.75
N VAL H 60 20.79 -26.30 29.17
CA VAL H 60 21.95 -26.60 29.98
C VAL H 60 21.58 -26.39 31.44
N ALA H 61 21.79 -27.44 32.24
CA ALA H 61 21.47 -27.40 33.66
C ALA H 61 22.28 -26.31 34.34
N LYS H 62 21.71 -25.67 35.35
CA LYS H 62 22.45 -24.62 36.04
C LYS H 62 23.55 -25.28 36.86
N LYS H 63 24.33 -24.43 37.52
CA LYS H 63 25.47 -24.81 38.34
C LYS H 63 25.35 -26.09 39.18
N ARG H 64 24.79 -25.99 40.38
CA ARG H 64 24.66 -27.16 41.23
C ARG H 64 23.27 -27.79 41.16
N GLN H 65 22.56 -27.56 40.05
CA GLN H 65 21.22 -28.10 39.86
C GLN H 65 21.21 -29.34 39.00
N ASN H 66 20.85 -30.49 39.57
CA ASN H 66 20.82 -31.71 38.77
C ASN H 66 19.49 -31.93 38.03
N ASN H 67 19.04 -30.88 37.35
CA ASN H 67 17.80 -30.88 36.59
C ASN H 67 17.81 -29.71 35.61
N CYS H 68 16.99 -29.81 34.56
CA CYS H 68 16.90 -28.76 33.59
C CYS H 68 15.42 -28.39 33.47
N SER H 69 14.94 -28.08 32.26
CA SER H 69 13.54 -27.68 32.05
C SER H 69 13.29 -27.13 30.66
N ILE H 70 12.62 -27.91 29.82
CA ILE H 70 12.28 -27.48 28.45
C ILE H 70 10.93 -26.74 28.42
N PRO H 71 10.93 -25.44 28.03
CA PRO H 71 9.73 -24.61 27.96
C PRO H 71 8.84 -25.17 26.89
N ARG H 72 7.51 -25.12 27.09
CA ARG H 72 6.61 -25.70 26.10
C ARG H 72 6.66 -25.10 24.71
N LYS H 73 7.32 -23.96 24.55
CA LYS H 73 7.45 -23.37 23.22
C LYS H 73 8.32 -24.26 22.36
N ASN H 74 9.21 -25.00 23.01
CA ASN H 74 10.12 -25.92 22.32
C ASN H 74 9.65 -27.37 22.31
N LEU H 75 8.35 -27.63 22.45
CA LEU H 75 7.89 -29.00 22.47
C LEU H 75 6.67 -29.22 21.62
N LEU H 76 6.60 -30.34 20.90
CA LEU H 76 5.38 -30.64 20.19
C LEU H 76 4.65 -31.33 21.34
N LEU H 77 3.33 -31.30 21.40
CA LEU H 77 2.72 -31.93 22.53
C LEU H 77 2.19 -33.34 22.46
N TYR H 78 1.23 -33.70 21.63
CA TYR H 78 0.85 -35.10 21.74
C TYR H 78 1.64 -35.97 20.78
N GLN H 79 2.96 -35.87 20.93
CA GLN H 79 3.95 -36.58 20.11
C GLN H 79 5.14 -36.97 20.98
N TYR H 80 5.85 -38.01 20.55
CA TYR H 80 6.99 -38.54 21.27
C TYR H 80 8.30 -37.82 21.04
N MET H 81 9.20 -37.93 22.00
CA MET H 81 10.52 -37.29 21.89
C MET H 81 11.56 -38.05 22.73
N ALA H 82 12.81 -38.00 22.26
CA ALA H 82 13.94 -38.68 22.91
C ALA H 82 14.72 -37.68 23.74
N ILE H 83 14.87 -37.97 25.03
CA ILE H 83 15.59 -37.10 25.97
C ILE H 83 16.79 -37.83 26.58
N TRP H 84 17.84 -37.09 26.93
CA TRP H 84 19.03 -37.64 27.56
C TRP H 84 19.86 -36.50 28.08
N VAL H 85 20.64 -36.76 29.14
CA VAL H 85 21.50 -35.74 29.74
C VAL H 85 22.93 -36.04 29.30
N GLN H 86 23.73 -35.00 29.10
CA GLN H 86 25.12 -35.23 28.73
C GLN H 86 26.04 -34.54 29.72
N ALA H 87 26.96 -35.30 30.31
CA ALA H 87 27.91 -34.76 31.28
C ALA H 87 29.22 -34.56 30.54
N GLU H 88 29.74 -33.34 30.56
CA GLU H 88 30.98 -33.08 29.87
C GLU H 88 32.09 -32.46 30.73
N ASN H 89 33.21 -33.16 30.77
CA ASN H 89 34.41 -32.76 31.50
C ASN H 89 35.53 -32.68 30.50
N MET H 90 36.61 -32.02 30.90
CA MET H 90 37.78 -31.89 30.04
C MET H 90 38.35 -33.27 29.65
N LEU H 91 38.05 -34.28 30.46
CA LEU H 91 38.55 -35.64 30.22
C LEU H 91 37.57 -36.60 29.57
N GLY H 92 36.51 -36.07 28.98
CA GLY H 92 35.52 -36.92 28.37
C GLY H 92 34.12 -36.47 28.69
N SER H 93 33.15 -37.09 28.04
CA SER H 93 31.76 -36.76 28.27
C SER H 93 30.97 -38.05 28.37
N SER H 94 30.05 -38.09 29.32
CA SER H 94 29.23 -39.25 29.49
C SER H 94 27.86 -38.85 29.00
N GLU H 95 26.97 -39.83 28.83
CA GLU H 95 25.64 -39.57 28.35
C GLU H 95 24.68 -40.66 28.78
N SER H 96 23.56 -40.26 29.36
CA SER H 96 22.53 -41.18 29.85
C SER H 96 21.73 -41.85 28.74
N PRO H 97 20.98 -42.91 29.09
CA PRO H 97 20.16 -43.59 28.09
C PRO H 97 19.04 -42.59 27.76
N LYS H 98 18.58 -42.62 26.53
CA LYS H 98 17.54 -41.72 26.12
C LYS H 98 16.19 -42.25 26.58
N LEU H 99 15.28 -41.34 26.89
CA LEU H 99 13.92 -41.68 27.29
C LEU H 99 13.08 -41.38 26.07
N CYS H 100 11.94 -42.05 25.94
CA CYS H 100 11.03 -41.78 24.83
C CYS H 100 9.67 -41.48 25.38
N LEU H 101 9.36 -40.21 25.58
CA LEU H 101 8.06 -39.88 26.15
C LEU H 101 7.29 -38.85 25.37
N ASP H 102 5.98 -38.85 25.61
CA ASP H 102 5.09 -37.85 25.04
C ASP H 102 4.99 -37.00 26.32
N PRO H 103 5.35 -35.71 26.25
CA PRO H 103 5.26 -34.93 27.49
C PRO H 103 3.87 -34.94 28.12
N MET H 104 2.84 -34.97 27.30
CA MET H 104 1.51 -34.98 27.87
C MET H 104 1.21 -36.28 28.65
N ASP H 105 2.13 -37.24 28.57
CA ASP H 105 1.96 -38.53 29.25
C ASP H 105 2.53 -38.52 30.68
N VAL H 106 3.43 -37.57 30.96
CA VAL H 106 4.08 -37.44 32.26
C VAL H 106 3.70 -36.14 33.00
N LYS H 108 2.56 -33.96 36.07
CA LYS H 108 2.54 -34.01 37.52
C LYS H 108 1.27 -33.39 38.11
N LEU H 109 0.36 -34.25 38.52
CA LEU H 109 -0.90 -33.84 39.13
C LEU H 109 -0.78 -33.45 40.62
N GLU H 110 -1.62 -32.52 41.07
CA GLU H 110 -1.65 -32.11 42.46
C GLU H 110 -3.06 -32.55 42.83
N PRO H 111 -3.26 -33.04 44.07
CA PRO H 111 -4.55 -33.53 44.58
C PRO H 111 -5.72 -32.63 44.36
N PRO H 112 -6.93 -33.21 44.27
CA PRO H 112 -8.15 -32.43 44.07
C PRO H 112 -8.58 -31.67 45.32
N MET H 113 -9.47 -30.73 45.12
CA MET H 113 -9.95 -29.89 46.20
C MET H 113 -11.17 -30.51 46.85
N LEU H 114 -10.96 -31.25 47.92
CA LEU H 114 -12.05 -31.88 48.63
C LEU H 114 -12.52 -31.00 49.77
N GLN H 115 -13.82 -30.95 50.00
CA GLN H 115 -14.35 -30.14 51.08
C GLN H 115 -15.70 -30.64 51.50
N ALA H 116 -16.22 -30.03 52.56
CA ALA H 116 -17.54 -30.36 53.09
C ALA H 116 -18.55 -29.59 52.26
N LEU H 117 -19.66 -30.25 51.94
CA LEU H 117 -20.68 -29.60 51.14
C LEU H 117 -21.17 -28.46 51.95
N ASP H 118 -21.02 -27.24 51.43
CA ASP H 118 -21.52 -26.07 52.15
C ASP H 118 -22.97 -25.87 51.75
N ILE H 119 -23.16 -25.44 50.50
CA ILE H 119 -24.49 -25.19 49.92
C ILE H 119 -25.20 -24.01 50.60
N GLN H 127 -28.40 -37.02 57.99
CA GLN H 127 -28.82 -38.13 58.83
C GLN H 127 -27.63 -38.55 59.68
N PRO H 128 -27.89 -39.17 60.84
CA PRO H 128 -26.78 -39.60 61.70
C PRO H 128 -25.78 -40.52 60.99
N GLY H 129 -24.50 -40.33 61.28
CA GLY H 129 -23.44 -41.11 60.67
C GLY H 129 -23.27 -40.84 59.20
N CYS H 130 -23.60 -39.62 58.79
CA CYS H 130 -23.54 -39.22 57.39
C CYS H 130 -22.72 -37.93 57.18
N LEU H 131 -22.01 -37.88 56.06
CA LEU H 131 -21.18 -36.74 55.68
C LEU H 131 -21.49 -36.39 54.22
N TRP H 132 -21.69 -35.11 53.94
CA TRP H 132 -21.95 -34.66 52.58
C TRP H 132 -20.62 -34.06 52.16
N LEU H 133 -20.25 -34.28 50.92
CA LEU H 133 -18.97 -33.79 50.41
C LEU H 133 -19.12 -33.17 49.03
N SER H 134 -18.02 -32.61 48.57
CA SER H 134 -17.96 -32.03 47.25
C SER H 134 -16.49 -31.82 46.97
N TRP H 135 -16.12 -31.88 45.69
CA TRP H 135 -14.74 -31.65 45.27
C TRP H 135 -14.70 -31.21 43.82
N LYS H 136 -13.62 -30.51 43.47
CA LYS H 136 -13.37 -30.01 42.12
C LYS H 136 -11.91 -30.36 41.86
N PRO H 137 -11.54 -30.66 40.61
CA PRO H 137 -10.15 -31.01 40.33
C PRO H 137 -9.17 -29.87 40.53
N TRP H 138 -7.88 -30.19 40.56
CA TRP H 138 -6.84 -29.17 40.65
C TRP H 138 -7.00 -28.43 39.32
N LYS H 139 -7.35 -27.16 39.38
CA LYS H 139 -7.62 -26.36 38.20
C LYS H 139 -6.72 -26.46 36.98
N PRO H 140 -5.40 -26.41 37.15
CA PRO H 140 -4.54 -26.48 35.95
C PRO H 140 -4.65 -27.77 35.17
N SER H 141 -5.41 -28.73 35.68
CA SER H 141 -5.55 -30.01 35.00
C SER H 141 -7.02 -30.26 34.76
N GLU H 142 -7.79 -29.19 34.85
CA GLU H 142 -9.22 -29.28 34.67
C GLU H 142 -9.55 -29.84 33.29
N TYR H 143 -8.63 -29.69 32.34
CA TYR H 143 -8.82 -30.15 30.97
C TYR H 143 -8.70 -31.65 30.86
N MET H 144 -7.94 -32.20 31.78
CA MET H 144 -7.68 -33.62 31.85
C MET H 144 -8.83 -34.39 32.52
N GLU H 145 -9.30 -35.45 31.87
CA GLU H 145 -10.38 -36.26 32.45
C GLU H 145 -9.76 -37.21 33.48
N GLN H 146 -10.07 -36.99 34.75
CA GLN H 146 -9.50 -37.79 35.82
C GLN H 146 -10.48 -38.70 36.55
N GLU H 147 -9.92 -39.70 37.20
CA GLU H 147 -10.69 -40.67 37.95
C GLU H 147 -10.00 -40.59 39.30
N CYS H 148 -10.80 -40.41 40.36
CA CYS H 148 -10.26 -40.26 41.70
C CYS H 148 -10.58 -41.37 42.69
N GLU H 149 -9.95 -41.29 43.85
CA GLU H 149 -10.14 -42.28 44.89
C GLU H 149 -10.36 -41.49 46.15
N LEU H 150 -11.37 -41.86 46.93
CA LEU H 150 -11.64 -41.21 48.19
C LEU H 150 -11.38 -42.24 49.25
N ARG H 151 -10.61 -41.89 50.26
CA ARG H 151 -10.35 -42.80 51.37
C ARG H 151 -10.74 -42.01 52.62
N TYR H 152 -11.33 -42.70 53.60
CA TYR H 152 -11.77 -42.08 54.83
C TYR H 152 -11.61 -43.05 56.01
N GLN H 153 -11.61 -42.53 57.23
CA GLN H 153 -11.46 -43.37 58.41
C GLN H 153 -11.78 -42.65 59.71
N PRO H 154 -12.38 -43.36 60.69
CA PRO H 154 -12.69 -42.68 61.95
C PRO H 154 -11.34 -42.44 62.58
N GLN H 155 -11.11 -41.27 63.12
CA GLN H 155 -9.82 -41.03 63.73
C GLN H 155 -9.71 -41.81 65.06
N LEU H 156 -9.51 -43.13 64.96
CA LEU H 156 -9.40 -44.00 66.14
C LEU H 156 -7.97 -44.46 66.26
N LYS H 157 -7.61 -44.95 67.42
CA LYS H 157 -6.25 -45.44 67.64
C LYS H 157 -5.94 -46.58 66.64
N GLY H 158 -7.00 -47.22 66.11
CA GLY H 158 -6.82 -48.29 65.13
C GLY H 158 -6.90 -47.79 63.70
N ALA H 159 -5.75 -47.47 63.11
CA ALA H 159 -5.73 -46.94 61.75
C ALA H 159 -6.12 -47.96 60.66
N ASN H 160 -7.26 -47.73 60.02
CA ASN H 160 -7.70 -48.61 58.96
C ASN H 160 -8.44 -47.80 57.91
N TRP H 161 -7.83 -47.65 56.74
CA TRP H 161 -8.50 -46.87 55.68
C TRP H 161 -9.46 -47.65 54.82
N THR H 162 -10.61 -47.05 54.55
CA THR H 162 -11.59 -47.69 53.69
C THR H 162 -11.73 -46.81 52.43
N LEU H 163 -11.73 -47.42 51.25
CA LEU H 163 -11.83 -46.64 50.02
C LEU H 163 -13.12 -46.60 49.25
N VAL H 164 -13.13 -45.67 48.29
CA VAL H 164 -14.21 -45.48 47.35
C VAL H 164 -13.39 -45.29 46.08
N PHE H 165 -13.71 -46.09 45.07
CA PHE H 165 -13.00 -46.11 43.82
C PHE H 165 -13.79 -45.56 42.67
N HIS H 166 -13.09 -45.23 41.59
CA HIS H 166 -13.73 -44.75 40.39
C HIS H 166 -14.73 -43.62 40.54
N LEU H 167 -14.30 -42.54 41.18
CA LEU H 167 -15.13 -41.35 41.38
C LEU H 167 -14.71 -40.34 40.32
N PRO H 168 -15.59 -39.37 40.00
CA PRO H 168 -15.29 -38.33 39.01
C PRO H 168 -14.32 -37.32 39.63
N SER H 169 -13.71 -36.49 38.81
CA SER H 169 -12.78 -35.50 39.32
C SER H 169 -13.45 -34.34 39.99
N SER H 170 -14.78 -34.28 39.91
CA SER H 170 -15.53 -33.21 40.57
C SER H 170 -16.93 -33.67 40.89
N LYS H 171 -17.41 -33.36 42.08
CA LYS H 171 -18.75 -33.74 42.47
C LYS H 171 -19.45 -32.54 43.07
N ASP H 172 -20.65 -32.30 42.56
CA ASP H 172 -21.54 -31.22 42.98
C ASP H 172 -21.79 -31.39 44.48
N GLN H 173 -22.22 -32.58 44.86
CA GLN H 173 -22.44 -32.93 46.25
C GLN H 173 -22.42 -34.44 46.26
N PHE H 174 -21.89 -35.02 47.32
CA PHE H 174 -21.77 -36.48 47.45
C PHE H 174 -21.93 -36.80 48.90
N GLU H 175 -22.91 -37.63 49.21
CA GLU H 175 -23.17 -38.03 50.57
C GLU H 175 -22.50 -39.36 50.90
N LEU H 176 -21.49 -39.30 51.76
CA LEU H 176 -20.77 -40.48 52.21
C LEU H 176 -21.58 -40.83 53.46
N CYS H 177 -21.91 -42.10 53.65
CA CYS H 177 -22.71 -42.44 54.82
C CYS H 177 -22.28 -43.71 55.54
N GLY H 178 -22.94 -44.01 56.64
CA GLY H 178 -22.59 -45.21 57.41
C GLY H 178 -21.47 -44.91 58.38
N LEU H 179 -21.16 -43.62 58.50
CA LEU H 179 -20.10 -43.16 59.37
C LEU H 179 -20.47 -42.96 60.83
N HIS H 180 -20.49 -44.05 61.58
CA HIS H 180 -20.77 -44.03 63.01
C HIS H 180 -19.83 -45.09 63.51
N GLN H 181 -18.75 -44.62 64.13
CA GLN H 181 -17.71 -45.48 64.65
C GLN H 181 -16.70 -44.54 65.31
N ALA H 182 -17.05 -43.26 65.31
CA ALA H 182 -16.23 -42.18 65.87
C ALA H 182 -16.96 -40.86 65.60
N PRO H 183 -16.65 -39.81 66.39
CA PRO H 183 -17.29 -38.50 66.21
C PRO H 183 -16.67 -37.78 65.00
N VAL H 184 -15.41 -38.09 64.73
CA VAL H 184 -14.71 -37.49 63.63
C VAL H 184 -14.04 -38.48 62.67
N TYR H 185 -14.08 -38.12 61.39
CA TYR H 185 -13.48 -38.92 60.33
C TYR H 185 -12.51 -38.06 59.56
N THR H 186 -11.50 -38.71 59.01
CA THR H 186 -10.54 -38.06 58.15
C THR H 186 -10.87 -38.49 56.72
N LEU H 187 -10.65 -37.62 55.76
CA LEU H 187 -10.91 -37.97 54.38
C LEU H 187 -9.79 -37.36 53.57
N GLN H 188 -9.39 -38.04 52.51
CA GLN H 188 -8.34 -37.56 51.62
C GLN H 188 -8.80 -38.03 50.28
N MET H 189 -8.29 -37.42 49.21
CA MET H 189 -8.70 -37.80 47.88
C MET H 189 -7.52 -37.66 46.95
N ARG H 190 -7.50 -38.41 45.86
CA ARG H 190 -6.41 -38.35 44.92
C ARG H 190 -6.98 -38.74 43.58
N CYS H 191 -6.37 -38.24 42.51
CA CYS H 191 -6.85 -38.49 41.17
C CYS H 191 -5.74 -38.95 40.24
N ILE H 192 -6.12 -39.44 39.07
CA ILE H 192 -5.16 -39.90 38.06
C ILE H 192 -5.83 -39.73 36.70
N ARG H 193 -5.02 -39.48 35.66
CA ARG H 193 -5.54 -39.31 34.29
C ARG H 193 -6.37 -40.54 33.99
N SER H 194 -7.57 -40.33 33.45
CA SER H 194 -8.50 -41.39 33.19
C SER H 194 -8.08 -42.66 32.47
N SER H 195 -7.79 -42.59 31.18
CA SER H 195 -7.43 -43.84 30.50
C SER H 195 -6.18 -43.72 29.67
N LEU H 196 -5.27 -42.87 30.09
CA LEU H 196 -4.04 -42.70 29.36
C LEU H 196 -2.93 -42.66 30.42
N PRO H 197 -1.68 -42.82 30.02
CA PRO H 197 -0.56 -42.82 30.95
C PRO H 197 -0.53 -41.61 31.85
N GLY H 198 -0.11 -41.84 33.09
CA GLY H 198 0.03 -40.79 34.11
C GLY H 198 0.11 -41.38 35.51
N PHE H 199 0.71 -40.65 36.43
CA PHE H 199 0.84 -41.12 37.80
C PHE H 199 -0.24 -40.51 38.68
N TRP H 200 -0.55 -41.16 39.80
CA TRP H 200 -1.55 -40.66 40.75
C TRP H 200 -1.08 -39.35 41.35
N SER H 201 -2.01 -38.47 41.70
CA SER H 201 -1.59 -37.25 42.35
C SER H 201 -1.36 -37.68 43.80
N PRO H 202 -0.73 -36.81 44.61
CA PRO H 202 -0.51 -37.17 46.01
C PRO H 202 -1.88 -37.04 46.66
N TRP H 203 -2.08 -37.65 47.83
CA TRP H 203 -3.38 -37.55 48.49
C TRP H 203 -3.59 -36.13 48.98
N SER H 204 -4.83 -35.68 48.94
CA SER H 204 -5.16 -34.36 49.42
C SER H 204 -4.99 -34.39 50.93
N PRO H 205 -4.72 -33.21 51.55
CA PRO H 205 -4.55 -33.06 52.99
C PRO H 205 -5.72 -33.63 53.75
N GLY H 206 -5.41 -34.24 54.89
CA GLY H 206 -6.41 -34.85 55.74
C GLY H 206 -7.51 -33.87 55.96
N LEU H 207 -8.73 -34.35 56.08
CA LEU H 207 -9.83 -33.44 56.28
C LEU H 207 -10.66 -33.99 57.41
N GLN H 208 -10.43 -33.53 58.63
CA GLN H 208 -11.23 -34.01 59.74
C GLN H 208 -12.63 -33.49 59.54
N LEU H 209 -13.62 -34.37 59.60
CA LEU H 209 -15.01 -33.95 59.43
C LEU H 209 -15.78 -34.77 60.42
N ARG H 210 -16.84 -34.19 60.97
CA ARG H 210 -17.67 -34.88 61.95
C ARG H 210 -18.96 -35.38 61.32
N PRO H 211 -19.06 -36.71 61.12
CA PRO H 211 -20.28 -37.25 60.52
C PRO H 211 -21.45 -36.87 61.38
N THR H 212 -22.53 -36.43 60.75
CA THR H 212 -23.74 -36.03 61.45
C THR H 212 -24.00 -36.91 62.66
N MET H 213 -23.64 -36.39 63.83
CA MET H 213 -23.84 -37.11 65.08
C MET H 213 -25.05 -36.45 65.73
#